data_2GRA
#
_entry.id   2GRA
#
_cell.length_a   207.868
_cell.length_b   123.502
_cell.length_c   120.826
_cell.angle_alpha   90.00
_cell.angle_beta   121.97
_cell.angle_gamma   90.00
#
_symmetry.space_group_name_H-M   'C 1 2 1'
#
loop_
_entity.id
_entity.type
_entity.pdbx_description
1 polymer 'Pyrroline-5-carboxylate reductase 1'
2 non-polymer 'NADP NICOTINAMIDE-ADENINE-DINUCLEOTIDE PHOSPHATE'
3 non-polymer 'GLUTAMIC ACID'
4 water water
#
_entity_poly.entity_id   1
_entity_poly.type   'polypeptide(L)'
_entity_poly.pdbx_seq_one_letter_code
;RGMSVGFIGAGQLAFALAKGFTAAGVLAAHKIMASSPDMDLATVSALRKMGVKLTPHNKETVQHSDVLFLAVKPHIIPFI
LDEIGADIEDRHIVVSCAAGVTISSIEKKLSAFRPAPRVIRCMTNTPVVVREGATVYATGTHAQVEDGRLMEQLLSSVGF
CTEVEEDLIDAVTGLSGSGPAYAFTALDALADGGVKMGLPRRLAVRLGAQALLGAAKMLLHSEQHPGQLKDNVSSPGGAT
IHALHVLESGGFRSLLINAVEASCIRTRELQSMADQE
;
_entity_poly.pdbx_strand_id   A,B,C,D,E
#
# COMPACT_ATOMS: atom_id res chain seq x y z
N ARG A 1 5.62 3.88 -54.31
CA ARG A 1 5.91 4.96 -55.30
C ARG A 1 4.61 5.56 -55.84
N GLY A 2 3.60 4.72 -55.99
CA GLY A 2 2.31 5.18 -56.44
C GLY A 2 1.45 5.09 -55.19
N MET A 3 2.12 4.77 -54.09
CA MET A 3 1.50 4.59 -52.79
C MET A 3 0.99 5.85 -52.09
N SER A 4 -0.23 5.76 -51.55
CA SER A 4 -0.88 6.86 -50.85
C SER A 4 -1.07 6.44 -49.39
N VAL A 5 -1.09 7.41 -48.48
CA VAL A 5 -1.27 7.08 -47.06
C VAL A 5 -2.30 7.92 -46.33
N GLY A 6 -2.95 7.28 -45.36
CA GLY A 6 -3.97 7.96 -44.59
C GLY A 6 -3.95 7.62 -43.11
N PHE A 7 -4.49 8.54 -42.31
CA PHE A 7 -4.58 8.38 -40.86
C PHE A 7 -6.04 8.54 -40.48
N ILE A 8 -6.66 7.47 -40.03
CA ILE A 8 -8.06 7.54 -39.63
C ILE A 8 -8.14 8.36 -38.37
N GLY A 9 -7.01 8.45 -37.69
CA GLY A 9 -6.97 9.25 -36.48
C GLY A 9 -6.70 10.70 -36.87
N ALA A 10 -5.65 11.25 -36.25
CA ALA A 10 -5.19 12.62 -36.44
C ALA A 10 -4.53 12.97 -35.12
N GLY A 11 -4.46 14.25 -34.79
CA GLY A 11 -3.83 14.63 -33.54
C GLY A 11 -2.34 14.81 -33.73
N GLN A 12 -1.59 14.52 -32.68
CA GLN A 12 -0.15 14.68 -32.73
C GLN A 12 0.47 13.63 -33.64
N LEU A 13 0.64 12.44 -33.08
CA LEU A 13 1.24 11.31 -33.79
C LEU A 13 0.92 11.32 -35.28
N ALA A 14 -0.30 11.66 -35.64
CA ALA A 14 -0.69 11.73 -37.04
C ALA A 14 0.18 12.79 -37.66
N PHE A 15 -0.06 14.02 -37.24
CA PHE A 15 0.72 15.17 -37.69
C PHE A 15 2.20 14.86 -37.59
N ALA A 16 2.61 14.30 -36.45
CA ALA A 16 4.01 13.94 -36.23
C ALA A 16 4.51 13.13 -37.41
N LEU A 17 3.89 11.98 -37.66
CA LEU A 17 4.27 11.12 -38.79
C LEU A 17 4.13 11.90 -40.08
N ALA A 18 2.93 12.42 -40.31
CA ALA A 18 2.64 13.21 -41.48
C ALA A 18 3.90 14.01 -41.78
N LYS A 19 4.28 14.81 -40.78
CA LYS A 19 5.45 15.68 -40.82
C LYS A 19 6.76 15.00 -41.21
N GLY A 20 7.17 13.99 -40.45
CA GLY A 20 8.42 13.32 -40.75
C GLY A 20 8.37 12.53 -42.04
N PHE A 21 7.16 12.24 -42.51
CA PHE A 21 7.00 11.51 -43.75
C PHE A 21 7.32 12.44 -44.90
N THR A 22 6.63 13.57 -44.98
CA THR A 22 6.89 14.53 -46.04
C THR A 22 8.33 14.98 -45.88
N ALA A 23 8.72 15.11 -44.62
CA ALA A 23 10.07 15.52 -44.25
C ALA A 23 11.06 14.57 -44.86
N ALA A 24 10.78 13.28 -44.70
CA ALA A 24 11.63 12.24 -45.26
C ALA A 24 11.62 12.35 -46.78
N GLY A 25 10.77 13.25 -47.28
CA GLY A 25 10.65 13.45 -48.70
C GLY A 25 10.30 12.12 -49.34
N VAL A 26 9.65 11.27 -48.56
CA VAL A 26 9.23 9.95 -49.01
C VAL A 26 7.86 10.03 -49.64
N LEU A 27 7.02 10.91 -49.11
CA LEU A 27 5.67 11.08 -49.63
C LEU A 27 5.40 12.56 -49.88
N ALA A 28 4.30 12.84 -50.58
CA ALA A 28 3.91 14.20 -50.87
C ALA A 28 2.86 14.62 -49.85
N ALA A 29 3.01 15.82 -49.32
CA ALA A 29 2.08 16.33 -48.32
C ALA A 29 0.64 16.07 -48.71
N HIS A 30 0.28 16.47 -49.93
CA HIS A 30 -1.07 16.29 -50.43
C HIS A 30 -1.39 14.83 -50.72
N LYS A 31 -0.36 14.00 -50.74
CA LYS A 31 -0.53 12.58 -51.01
C LYS A 31 -0.83 11.85 -49.71
N ILE A 32 -1.29 12.62 -48.73
CA ILE A 32 -1.63 12.08 -47.43
C ILE A 32 -3.04 12.52 -47.10
N MET A 33 -3.72 11.73 -46.27
CA MET A 33 -5.08 12.09 -45.87
C MET A 33 -5.43 11.56 -44.49
N ALA A 34 -6.07 12.39 -43.67
CA ALA A 34 -6.47 11.99 -42.34
C ALA A 34 -7.83 12.59 -41.97
N SER A 35 -8.65 11.80 -41.27
CA SER A 35 -9.99 12.25 -40.86
C SER A 35 -9.97 13.15 -39.62
N SER A 36 -10.67 14.26 -39.71
CA SER A 36 -10.72 15.25 -38.64
C SER A 36 -11.96 15.23 -37.77
N PRO A 37 -12.09 14.23 -36.88
CA PRO A 37 -13.32 14.32 -36.09
C PRO A 37 -13.24 15.63 -35.32
N ASP A 38 -14.21 16.51 -35.54
CA ASP A 38 -14.27 17.81 -34.87
C ASP A 38 -13.21 18.84 -35.24
N MET A 39 -11.97 18.39 -35.40
CA MET A 39 -10.84 19.26 -35.75
C MET A 39 -10.26 19.94 -34.51
N ASP A 40 -8.99 19.65 -34.22
CA ASP A 40 -8.31 20.23 -33.07
C ASP A 40 -7.37 21.31 -33.60
N LEU A 41 -7.94 22.49 -33.86
CA LEU A 41 -7.18 23.63 -34.36
C LEU A 41 -5.72 23.29 -34.57
N ALA A 42 -4.96 23.30 -33.47
CA ALA A 42 -3.54 22.99 -33.50
C ALA A 42 -3.24 21.86 -34.49
N THR A 43 -3.49 20.63 -34.07
CA THR A 43 -3.23 19.49 -34.92
C THR A 43 -3.77 19.72 -36.33
N VAL A 44 -5.08 19.49 -36.48
CA VAL A 44 -5.74 19.64 -37.77
C VAL A 44 -5.25 20.85 -38.55
N SER A 45 -5.52 22.05 -38.07
CA SER A 45 -5.09 23.25 -38.77
C SER A 45 -3.65 23.08 -39.26
N ALA A 46 -2.77 22.63 -38.36
CA ALA A 46 -1.36 22.42 -38.69
C ALA A 46 -1.26 21.65 -39.99
N LEU A 47 -1.84 20.45 -39.98
CA LEU A 47 -1.85 19.57 -41.14
C LEU A 47 -2.42 20.32 -42.34
N ARG A 48 -3.49 21.07 -42.10
CA ARG A 48 -4.08 21.83 -43.18
C ARG A 48 -3.02 22.73 -43.79
N LYS A 49 -2.49 23.64 -42.97
CA LYS A 49 -1.46 24.54 -43.45
C LYS A 49 -0.22 23.74 -43.86
N MET A 50 -0.25 22.44 -43.60
CA MET A 50 0.88 21.58 -43.95
C MET A 50 0.77 21.17 -45.41
N GLY A 51 -0.47 20.96 -45.88
CA GLY A 51 -0.67 20.56 -47.26
C GLY A 51 -1.25 19.17 -47.40
N VAL A 52 -1.68 18.58 -46.28
CA VAL A 52 -2.26 17.24 -46.30
C VAL A 52 -3.78 17.27 -46.41
N LYS A 53 -4.34 16.32 -47.15
CA LYS A 53 -5.79 16.23 -47.32
C LYS A 53 -6.47 15.79 -46.02
N LEU A 54 -7.24 16.71 -45.43
CA LEU A 54 -7.95 16.43 -44.19
C LEU A 54 -9.46 16.43 -44.40
N THR A 55 -10.09 15.29 -44.17
CA THR A 55 -11.52 15.17 -44.36
C THR A 55 -12.23 14.72 -43.08
N PRO A 56 -13.48 15.18 -42.87
CA PRO A 56 -14.22 14.80 -41.67
C PRO A 56 -14.66 13.35 -41.77
N HIS A 57 -14.54 12.78 -42.97
CA HIS A 57 -14.95 11.42 -43.22
C HIS A 57 -13.83 10.40 -43.22
N ASN A 58 -13.69 9.69 -42.11
CA ASN A 58 -12.66 8.68 -41.98
C ASN A 58 -13.02 7.49 -42.87
N LYS A 59 -13.63 7.81 -44.00
CA LYS A 59 -14.03 6.79 -44.97
C LYS A 59 -13.30 7.14 -46.26
N GLU A 60 -13.41 8.41 -46.66
CA GLU A 60 -12.76 8.90 -47.87
C GLU A 60 -11.28 8.65 -47.66
N THR A 61 -10.88 8.74 -46.40
CA THR A 61 -9.51 8.49 -46.01
C THR A 61 -9.23 7.05 -46.44
N VAL A 62 -10.11 6.16 -45.98
CA VAL A 62 -10.00 4.74 -46.26
C VAL A 62 -9.79 4.42 -47.74
N GLN A 63 -10.37 5.24 -48.60
CA GLN A 63 -10.25 5.03 -50.04
C GLN A 63 -8.97 5.67 -50.55
N HIS A 64 -8.74 6.93 -50.17
CA HIS A 64 -7.56 7.65 -50.58
C HIS A 64 -6.26 6.96 -50.17
N SER A 65 -6.31 6.13 -49.14
CA SER A 65 -5.10 5.51 -48.65
C SER A 65 -4.69 4.12 -49.09
N ASP A 66 -3.53 4.04 -49.70
CA ASP A 66 -2.96 2.77 -50.13
C ASP A 66 -2.48 2.06 -48.87
N VAL A 67 -2.16 2.83 -47.83
CA VAL A 67 -1.71 2.31 -46.54
C VAL A 67 -2.50 3.04 -45.47
N LEU A 68 -3.11 2.30 -44.56
CA LEU A 68 -3.90 2.97 -43.54
C LEU A 68 -3.32 2.98 -42.15
N PHE A 69 -3.37 4.16 -41.54
CA PHE A 69 -2.88 4.37 -40.19
C PHE A 69 -4.01 4.65 -39.24
N LEU A 70 -4.07 3.85 -38.18
CA LEU A 70 -5.09 4.01 -37.16
C LEU A 70 -4.50 4.92 -36.09
N ALA A 71 -4.86 6.20 -36.11
CA ALA A 71 -4.33 7.15 -35.14
C ALA A 71 -5.35 7.63 -34.13
N VAL A 72 -6.25 6.75 -33.70
CA VAL A 72 -7.28 7.11 -32.74
C VAL A 72 -7.03 6.51 -31.36
N LYS A 73 -7.80 6.99 -30.39
CA LYS A 73 -7.72 6.50 -29.03
C LYS A 73 -7.98 5.00 -29.07
N PRO A 74 -7.36 4.25 -28.15
CA PRO A 74 -7.57 2.81 -28.14
C PRO A 74 -9.05 2.42 -28.02
N HIS A 75 -9.78 3.07 -27.13
CA HIS A 75 -11.19 2.72 -26.99
C HIS A 75 -12.01 3.06 -28.24
N ILE A 76 -11.50 3.99 -29.05
CA ILE A 76 -12.20 4.40 -30.26
C ILE A 76 -12.14 3.33 -31.34
N ILE A 77 -10.94 2.78 -31.51
CA ILE A 77 -10.68 1.74 -32.49
C ILE A 77 -11.90 0.91 -32.91
N PRO A 78 -12.59 0.26 -31.94
CA PRO A 78 -13.75 -0.56 -32.28
C PRO A 78 -14.76 0.20 -33.13
N PHE A 79 -15.26 1.30 -32.59
CA PHE A 79 -16.24 2.13 -33.25
C PHE A 79 -15.79 2.59 -34.63
N ILE A 80 -14.68 2.04 -35.10
CA ILE A 80 -14.16 2.40 -36.39
C ILE A 80 -14.11 1.18 -37.31
N LEU A 81 -13.36 0.17 -36.89
CA LEU A 81 -13.23 -1.05 -37.67
C LEU A 81 -14.56 -1.51 -38.25
N ASP A 82 -15.61 -1.35 -37.47
CA ASP A 82 -16.94 -1.78 -37.90
C ASP A 82 -17.72 -0.63 -38.55
N GLU A 83 -16.97 0.36 -39.02
CA GLU A 83 -17.56 1.51 -39.67
C GLU A 83 -16.80 1.75 -40.97
N ILE A 84 -15.70 1.03 -41.11
CA ILE A 84 -14.86 1.15 -42.27
C ILE A 84 -14.46 -0.21 -42.84
N GLY A 85 -14.49 -1.24 -41.99
CA GLY A 85 -14.11 -2.58 -42.43
C GLY A 85 -14.72 -2.97 -43.77
N ALA A 86 -15.91 -2.45 -44.04
CA ALA A 86 -16.62 -2.72 -45.28
C ALA A 86 -15.92 -2.07 -46.46
N ASP A 87 -14.99 -1.17 -46.14
CA ASP A 87 -14.24 -0.43 -47.15
C ASP A 87 -12.81 -0.92 -47.25
N ILE A 88 -12.50 -2.00 -46.54
CA ILE A 88 -11.15 -2.53 -46.57
C ILE A 88 -10.90 -3.35 -47.84
N GLU A 89 -10.28 -2.71 -48.82
CA GLU A 89 -9.95 -3.38 -50.07
C GLU A 89 -8.68 -4.21 -49.87
N ASP A 90 -8.50 -5.23 -50.70
CA ASP A 90 -7.34 -6.11 -50.57
C ASP A 90 -6.01 -5.42 -50.85
N ARG A 91 -6.05 -4.15 -51.25
CA ARG A 91 -4.82 -3.42 -51.58
C ARG A 91 -4.03 -2.91 -50.39
N HIS A 92 -4.67 -2.09 -49.56
CA HIS A 92 -4.00 -1.50 -48.42
C HIS A 92 -3.72 -2.36 -47.22
N ILE A 93 -2.80 -1.84 -46.42
CA ILE A 93 -2.35 -2.47 -45.20
C ILE A 93 -2.84 -1.58 -44.08
N VAL A 94 -3.31 -2.20 -43.02
CA VAL A 94 -3.79 -1.46 -41.87
C VAL A 94 -2.72 -1.51 -40.80
N VAL A 95 -2.19 -0.33 -40.48
CA VAL A 95 -1.17 -0.19 -39.47
C VAL A 95 -1.83 0.48 -38.29
N SER A 96 -1.99 -0.27 -37.22
CA SER A 96 -2.61 0.27 -36.02
C SER A 96 -1.52 0.65 -35.04
N CYS A 97 -1.50 1.91 -34.63
CA CYS A 97 -0.50 2.32 -33.67
C CYS A 97 -1.13 2.65 -32.33
N ALA A 98 -2.46 2.59 -32.27
CA ALA A 98 -3.15 2.85 -31.01
C ALA A 98 -2.49 1.89 -30.03
N ALA A 99 -2.04 2.42 -28.89
CA ALA A 99 -1.38 1.58 -27.91
C ALA A 99 -2.32 0.59 -27.24
N GLY A 100 -1.73 -0.47 -26.69
CA GLY A 100 -2.50 -1.48 -26.00
C GLY A 100 -3.32 -2.39 -26.89
N VAL A 101 -3.96 -1.81 -27.90
CA VAL A 101 -4.78 -2.56 -28.85
C VAL A 101 -3.97 -3.71 -29.47
N THR A 102 -4.55 -4.91 -29.48
CA THR A 102 -3.90 -6.11 -30.03
C THR A 102 -4.20 -6.32 -31.50
N ILE A 103 -3.29 -6.97 -32.21
CA ILE A 103 -3.51 -7.25 -33.63
C ILE A 103 -4.74 -8.14 -33.68
N SER A 104 -4.66 -9.28 -33.00
CA SER A 104 -5.75 -10.23 -32.92
C SER A 104 -7.09 -9.50 -32.89
N SER A 105 -7.31 -8.77 -31.80
CA SER A 105 -8.55 -8.02 -31.61
C SER A 105 -9.05 -7.37 -32.89
N ILE A 106 -8.12 -6.91 -33.72
CA ILE A 106 -8.50 -6.25 -34.96
C ILE A 106 -8.74 -7.25 -36.08
N GLU A 107 -7.76 -8.09 -36.37
CA GLU A 107 -7.92 -9.09 -37.43
C GLU A 107 -9.23 -9.81 -37.17
N LYS A 108 -9.30 -10.45 -36.02
CA LYS A 108 -10.47 -11.21 -35.61
C LYS A 108 -11.61 -10.30 -35.17
N LYS A 109 -12.13 -9.55 -36.14
CA LYS A 109 -13.21 -8.61 -35.91
C LYS A 109 -13.36 -7.89 -37.24
N LEU A 110 -12.21 -7.74 -37.91
CA LEU A 110 -12.13 -7.09 -39.22
C LEU A 110 -12.22 -8.15 -40.30
N SER A 111 -12.19 -9.40 -39.86
CA SER A 111 -12.31 -10.57 -40.74
C SER A 111 -13.77 -10.62 -41.15
N ALA A 112 -14.61 -10.07 -40.29
CA ALA A 112 -16.05 -10.02 -40.53
C ALA A 112 -16.38 -9.02 -41.64
N PHE A 113 -15.46 -8.86 -42.59
CA PHE A 113 -15.66 -7.97 -43.73
C PHE A 113 -14.82 -8.48 -44.88
N ARG A 114 -13.57 -8.78 -44.58
CA ARG A 114 -12.65 -9.30 -45.58
C ARG A 114 -12.19 -10.64 -45.04
N PRO A 115 -12.01 -11.64 -45.91
CA PRO A 115 -11.56 -12.96 -45.44
C PRO A 115 -10.24 -12.88 -44.69
N ALA A 116 -9.23 -12.29 -45.34
CA ALA A 116 -7.92 -12.16 -44.74
C ALA A 116 -7.41 -10.72 -44.72
N PRO A 117 -7.66 -10.01 -43.61
CA PRO A 117 -7.21 -8.62 -43.52
C PRO A 117 -5.70 -8.53 -43.26
N ARG A 118 -5.02 -7.67 -44.01
CA ARG A 118 -3.58 -7.48 -43.87
C ARG A 118 -3.31 -6.37 -42.85
N VAL A 119 -2.78 -6.74 -41.68
CA VAL A 119 -2.54 -5.76 -40.62
C VAL A 119 -1.26 -5.95 -39.80
N ILE A 120 -0.74 -4.82 -39.32
CA ILE A 120 0.48 -4.78 -38.49
C ILE A 120 0.33 -3.78 -37.35
N ARG A 121 0.77 -4.19 -36.17
CA ARG A 121 0.69 -3.34 -35.00
C ARG A 121 1.91 -2.44 -35.01
N CYS A 122 1.69 -1.18 -34.71
CA CYS A 122 2.78 -0.23 -34.73
C CYS A 122 2.94 0.51 -33.42
N MET A 123 4.13 1.04 -33.21
CA MET A 123 4.47 1.79 -32.00
C MET A 123 5.62 2.76 -32.29
N THR A 124 5.40 4.04 -32.04
CA THR A 124 6.41 5.05 -32.34
C THR A 124 6.52 6.07 -31.21
N ASN A 125 6.63 7.34 -31.61
CA ASN A 125 6.71 8.48 -30.70
C ASN A 125 6.96 9.78 -31.46
N THR A 126 6.34 10.85 -30.97
CA THR A 126 6.45 12.16 -31.57
C THR A 126 7.79 12.55 -32.21
N PRO A 127 8.93 12.24 -31.55
CA PRO A 127 10.24 12.59 -32.12
C PRO A 127 10.41 12.17 -33.59
N VAL A 128 9.48 11.37 -34.06
CA VAL A 128 9.51 10.93 -35.43
C VAL A 128 9.48 12.23 -36.26
N VAL A 129 8.77 13.24 -35.75
CA VAL A 129 8.64 14.56 -36.39
C VAL A 129 9.95 15.05 -36.99
N VAL A 130 11.04 14.83 -36.28
CA VAL A 130 12.31 15.24 -36.81
C VAL A 130 12.74 14.10 -37.71
N ARG A 131 12.93 12.93 -37.11
CA ARG A 131 13.35 11.75 -37.85
C ARG A 131 14.00 10.83 -36.84
N GLU A 132 13.90 11.15 -35.57
CA GLU A 132 14.51 10.29 -34.57
C GLU A 132 13.50 9.43 -33.84
N GLY A 133 12.24 9.49 -34.28
CA GLY A 133 11.24 8.67 -33.64
C GLY A 133 11.77 7.25 -33.49
N ALA A 134 11.44 6.59 -32.40
CA ALA A 134 11.89 5.22 -32.19
C ALA A 134 10.67 4.33 -32.44
N THR A 135 10.77 3.51 -33.48
CA THR A 135 9.66 2.63 -33.81
C THR A 135 9.98 1.15 -33.78
N VAL A 136 8.91 0.39 -33.60
CA VAL A 136 8.97 -1.06 -33.53
C VAL A 136 7.59 -1.47 -34.02
N TYR A 137 7.46 -2.67 -34.59
CA TYR A 137 6.17 -3.14 -35.09
C TYR A 137 6.11 -4.66 -35.05
N ALA A 138 4.96 -5.20 -35.44
CA ALA A 138 4.73 -6.64 -35.48
C ALA A 138 3.80 -6.92 -36.66
N THR A 139 4.08 -7.99 -37.38
CA THR A 139 3.28 -8.36 -38.54
C THR A 139 2.12 -9.27 -38.20
N GLY A 140 0.95 -8.95 -38.73
CA GLY A 140 -0.22 -9.77 -38.48
C GLY A 140 -0.05 -11.17 -39.03
N THR A 141 -1.13 -11.93 -39.07
CA THR A 141 -1.08 -13.28 -39.58
C THR A 141 -1.23 -13.26 -41.10
N HIS A 142 -2.00 -12.29 -41.58
CA HIS A 142 -2.20 -12.13 -43.01
C HIS A 142 -1.12 -11.18 -43.46
N ALA A 143 0.07 -11.39 -42.91
CA ALA A 143 1.23 -10.57 -43.18
C ALA A 143 2.13 -11.16 -44.25
N GLN A 144 2.05 -10.61 -45.45
CA GLN A 144 2.88 -11.06 -46.56
C GLN A 144 4.22 -10.33 -46.47
N VAL A 145 5.29 -11.10 -46.40
CA VAL A 145 6.65 -10.61 -46.29
C VAL A 145 7.05 -9.33 -47.06
N GLU A 146 6.22 -8.89 -48.00
CA GLU A 146 6.53 -7.69 -48.78
C GLU A 146 6.04 -6.43 -48.09
N ASP A 147 5.20 -6.61 -47.07
CA ASP A 147 4.65 -5.49 -46.33
C ASP A 147 5.57 -5.17 -45.16
N GLY A 148 6.00 -6.21 -44.46
CA GLY A 148 6.90 -6.03 -43.34
C GLY A 148 8.10 -5.26 -43.84
N ARG A 149 8.33 -5.36 -45.14
CA ARG A 149 9.43 -4.66 -45.79
C ARG A 149 9.02 -3.21 -45.99
N LEU A 150 7.95 -2.98 -46.75
CA LEU A 150 7.47 -1.62 -47.00
C LEU A 150 7.39 -0.89 -45.67
N MET A 151 6.76 -1.53 -44.70
CA MET A 151 6.63 -0.93 -43.38
C MET A 151 8.02 -0.55 -42.91
N GLU A 152 8.77 -1.58 -42.50
CA GLU A 152 10.14 -1.40 -42.01
C GLU A 152 10.90 -0.35 -42.81
N GLN A 153 10.58 -0.22 -44.09
CA GLN A 153 11.26 0.75 -44.93
C GLN A 153 10.63 2.12 -44.75
N LEU A 154 9.31 2.15 -44.80
CA LEU A 154 8.57 3.39 -44.66
C LEU A 154 8.86 4.13 -43.36
N LEU A 155 8.84 3.39 -42.26
CA LEU A 155 9.11 4.02 -40.97
C LEU A 155 10.58 4.23 -40.70
N SER A 156 11.28 3.49 -41.17
CA SER A 156 12.71 3.41 -40.89
C SER A 156 13.47 4.51 -41.64
N SER A 157 12.54 5.34 -42.10
CA SER A 157 12.97 6.53 -42.79
C SER A 157 12.88 7.70 -41.83
N VAL A 158 11.81 7.71 -41.04
CA VAL A 158 11.59 8.80 -40.10
C VAL A 158 12.12 8.52 -38.69
N GLY A 159 13.13 7.66 -38.65
CA GLY A 159 13.51 7.12 -37.36
C GLY A 159 14.20 5.78 -37.49
N PHE A 160 14.17 5.15 -36.06
CA PHE A 160 14.60 3.77 -35.94
C PHE A 160 13.42 2.85 -36.15
N CYS A 161 13.68 1.64 -36.63
CA CYS A 161 12.63 0.67 -36.89
C CYS A 161 13.13 -0.76 -36.68
N THR A 162 12.23 -1.66 -36.29
CA THR A 162 12.57 -3.08 -36.07
C THR A 162 11.38 -3.98 -35.76
N GLU A 163 11.43 -5.21 -36.27
CA GLU A 163 10.38 -6.19 -36.04
C GLU A 163 10.40 -6.55 -34.58
N VAL A 164 9.22 -6.80 -34.01
CA VAL A 164 9.11 -7.16 -32.62
C VAL A 164 7.91 -8.06 -32.40
N GLU A 165 8.10 -9.14 -31.65
CA GLU A 165 7.02 -10.07 -31.39
C GLU A 165 5.99 -9.46 -30.44
N GLU A 166 4.95 -8.89 -31.02
CA GLU A 166 3.86 -8.25 -30.30
C GLU A 166 3.88 -8.29 -28.78
N ASP A 167 4.05 -9.46 -28.18
CA ASP A 167 4.06 -9.52 -26.71
C ASP A 167 5.15 -8.68 -26.05
N LEU A 168 5.80 -7.80 -26.82
CA LEU A 168 6.83 -6.91 -26.31
C LEU A 168 6.34 -5.46 -26.35
N ILE A 169 5.64 -5.14 -27.44
CA ILE A 169 5.12 -3.79 -27.66
C ILE A 169 4.62 -3.07 -26.41
N ASP A 170 4.08 -3.80 -25.45
CA ASP A 170 3.60 -3.15 -24.23
C ASP A 170 4.74 -2.60 -23.39
N ALA A 171 5.81 -3.37 -23.26
CA ALA A 171 6.95 -2.92 -22.50
C ALA A 171 7.50 -1.77 -23.30
N VAL A 172 7.78 -2.06 -24.56
CA VAL A 172 8.32 -1.09 -25.48
C VAL A 172 7.67 0.27 -25.41
N THR A 173 6.37 0.31 -25.19
CA THR A 173 5.66 1.59 -25.13
C THR A 173 6.11 2.42 -23.93
N GLY A 174 6.11 1.80 -22.75
CA GLY A 174 6.50 2.51 -21.53
C GLY A 174 7.96 2.89 -21.55
N LEU A 175 8.56 2.81 -22.72
CA LEU A 175 9.96 3.14 -22.91
C LEU A 175 10.10 4.14 -24.05
N SER A 176 10.17 3.65 -25.28
CA SER A 176 10.31 4.53 -26.44
C SER A 176 9.02 5.27 -26.65
N GLY A 177 7.93 4.66 -26.21
CA GLY A 177 6.63 5.27 -26.37
C GLY A 177 6.49 6.53 -25.54
N SER A 178 6.66 6.39 -24.23
CA SER A 178 6.53 7.49 -23.28
C SER A 178 7.86 8.23 -23.06
N GLY A 179 8.94 7.47 -23.01
CA GLY A 179 10.27 8.03 -22.82
C GLY A 179 10.45 9.49 -23.17
N PRO A 180 10.21 9.89 -24.42
CA PRO A 180 10.37 11.30 -24.79
C PRO A 180 9.87 12.21 -23.68
N ALA A 181 8.60 12.03 -23.28
CA ALA A 181 7.99 12.81 -22.22
C ALA A 181 8.89 12.92 -20.98
N TYR A 182 9.47 11.79 -20.58
CA TYR A 182 10.37 11.74 -19.43
C TYR A 182 11.47 12.75 -19.71
N ALA A 183 11.99 12.69 -20.93
CA ALA A 183 13.05 13.59 -21.35
C ALA A 183 12.58 15.04 -21.28
N PHE A 184 11.55 15.38 -22.04
CA PHE A 184 11.05 16.74 -22.02
C PHE A 184 10.93 17.20 -20.59
N THR A 185 10.58 16.27 -19.72
CA THR A 185 10.43 16.62 -18.31
C THR A 185 11.79 16.88 -17.63
N ALA A 186 12.73 15.96 -17.85
CA ALA A 186 14.05 16.09 -17.25
C ALA A 186 14.70 17.38 -17.70
N LEU A 187 14.58 17.68 -18.99
CA LEU A 187 15.15 18.89 -19.55
C LEU A 187 14.57 20.11 -18.83
N ASP A 188 13.25 20.27 -18.90
CA ASP A 188 12.60 21.38 -18.23
C ASP A 188 13.21 21.57 -16.84
N ALA A 189 13.48 20.46 -16.15
CA ALA A 189 14.07 20.52 -14.82
C ALA A 189 15.47 21.08 -14.94
N LEU A 190 16.37 20.35 -15.60
CA LEU A 190 17.75 20.81 -15.80
C LEU A 190 17.76 22.33 -16.03
N ALA A 191 17.03 22.75 -17.07
CA ALA A 191 16.92 24.17 -17.40
C ALA A 191 16.75 24.99 -16.12
N ASP A 192 15.74 24.65 -15.33
CA ASP A 192 15.46 25.33 -14.07
C ASP A 192 16.75 25.37 -13.27
N GLY A 193 17.43 24.23 -13.23
CA GLY A 193 18.67 24.17 -12.49
C GLY A 193 19.71 25.13 -13.03
N GLY A 194 19.94 25.07 -14.33
CA GLY A 194 20.91 25.97 -14.91
C GLY A 194 20.57 27.38 -14.49
N VAL A 195 19.29 27.72 -14.54
CA VAL A 195 18.88 29.05 -14.14
C VAL A 195 19.21 29.25 -12.66
N LYS A 196 18.90 28.26 -11.84
CA LYS A 196 19.15 28.36 -10.41
C LYS A 196 20.64 28.52 -10.14
N MET A 197 21.41 28.72 -11.19
CA MET A 197 22.84 28.90 -11.07
C MET A 197 23.27 30.12 -11.86
N GLY A 198 22.30 30.80 -12.46
CA GLY A 198 22.62 32.00 -13.21
C GLY A 198 22.34 31.93 -14.69
N LEU A 199 22.65 30.80 -15.31
CA LEU A 199 22.43 30.66 -16.74
C LEU A 199 21.05 31.16 -17.15
N PRO A 200 20.95 31.77 -18.33
CA PRO A 200 19.65 32.26 -18.77
C PRO A 200 18.84 31.07 -19.29
N ARG A 201 17.54 31.26 -19.39
CA ARG A 201 16.68 30.20 -19.83
C ARG A 201 17.07 29.71 -21.22
N ARG A 202 16.67 30.46 -22.24
CA ARG A 202 16.96 30.09 -23.61
C ARG A 202 18.35 29.53 -23.78
N LEU A 203 19.26 29.87 -22.87
CA LEU A 203 20.61 29.35 -22.99
C LEU A 203 20.71 27.98 -22.32
N ALA A 204 20.37 27.94 -21.03
CA ALA A 204 20.43 26.72 -20.21
C ALA A 204 19.65 25.53 -20.76
N VAL A 205 18.34 25.71 -20.90
CA VAL A 205 17.46 24.69 -21.45
C VAL A 205 18.18 23.92 -22.56
N ARG A 206 18.55 24.71 -23.55
CA ARG A 206 19.22 24.32 -24.76
C ARG A 206 20.55 23.62 -24.58
N LEU A 207 21.28 23.99 -23.53
CA LEU A 207 22.56 23.36 -23.26
C LEU A 207 22.26 21.96 -22.76
N GLY A 208 21.17 21.85 -21.99
CA GLY A 208 20.75 20.56 -21.46
C GLY A 208 20.34 19.64 -22.57
N ALA A 209 19.56 20.17 -23.50
CA ALA A 209 19.11 19.40 -24.64
C ALA A 209 20.37 18.86 -25.33
N GLN A 210 21.25 19.78 -25.73
CA GLN A 210 22.48 19.40 -26.42
C GLN A 210 23.28 18.35 -25.68
N ALA A 211 23.16 18.31 -24.36
CA ALA A 211 23.91 17.34 -23.60
C ALA A 211 23.24 15.98 -23.70
N LEU A 212 21.92 15.95 -23.71
CA LEU A 212 21.17 14.70 -23.80
C LEU A 212 21.43 14.08 -25.15
N LEU A 213 21.15 14.86 -26.20
CA LEU A 213 21.35 14.43 -27.56
C LEU A 213 22.75 13.82 -27.70
N GLY A 214 23.73 14.48 -27.10
CA GLY A 214 25.10 14.01 -27.18
C GLY A 214 25.31 12.67 -26.50
N ALA A 215 24.84 12.56 -25.26
CA ALA A 215 24.99 11.32 -24.51
C ALA A 215 24.31 10.20 -25.30
N ALA A 216 23.15 10.51 -25.89
CA ALA A 216 22.41 9.54 -26.67
C ALA A 216 23.38 8.96 -27.71
N LYS A 217 23.82 9.91 -28.66
CA LYS A 217 24.67 9.39 -29.71
C LYS A 217 25.80 8.52 -29.20
N MET A 218 26.66 8.96 -28.44
CA MET A 218 27.74 8.15 -27.92
C MET A 218 27.34 6.72 -27.56
N LEU A 219 26.31 6.58 -26.72
CA LEU A 219 25.89 5.26 -26.32
C LEU A 219 25.50 4.38 -27.50
N LEU A 220 24.84 4.98 -28.48
CA LEU A 220 24.39 4.24 -29.64
C LEU A 220 25.55 3.84 -30.55
N HIS A 221 26.09 5.02 -31.10
CA HIS A 221 27.23 4.78 -31.96
C HIS A 221 28.38 4.14 -31.18
N SER A 222 28.46 2.82 -30.08
CA SER A 222 29.46 2.11 -29.30
C SER A 222 28.75 1.09 -28.44
N GLU A 223 29.48 0.12 -27.93
CA GLU A 223 28.86 -0.83 -27.03
C GLU A 223 29.03 -0.19 -25.68
N GLN A 224 30.28 -0.10 -25.26
CA GLN A 224 30.63 0.51 -23.99
C GLN A 224 29.81 0.03 -22.80
N HIS A 225 28.60 0.58 -22.69
CA HIS A 225 27.65 0.32 -21.61
C HIS A 225 27.51 1.67 -20.92
N PRO A 226 26.29 2.03 -20.50
CA PRO A 226 26.09 3.33 -19.84
C PRO A 226 27.03 3.56 -18.65
N GLY A 227 27.14 2.55 -17.79
CA GLY A 227 28.00 2.66 -16.64
C GLY A 227 29.42 2.96 -17.07
N GLN A 228 29.81 2.45 -18.24
CA GLN A 228 31.13 2.68 -18.75
C GLN A 228 31.28 4.16 -19.01
N LEU A 229 30.51 4.64 -19.98
CA LEU A 229 30.53 6.04 -20.31
C LEU A 229 30.38 6.87 -19.03
N LYS A 230 29.87 6.25 -17.96
CA LYS A 230 29.69 6.97 -16.72
C LYS A 230 31.08 7.31 -16.16
N ASP A 231 31.85 6.27 -15.85
CA ASP A 231 33.19 6.46 -15.30
C ASP A 231 34.03 7.31 -16.22
N ASN A 232 33.90 7.06 -17.51
CA ASN A 232 34.63 7.79 -18.53
C ASN A 232 34.41 9.29 -18.51
N VAL A 233 33.55 9.78 -17.64
CA VAL A 233 33.30 11.22 -17.63
C VAL A 233 33.32 11.86 -16.25
N SER A 234 33.55 11.05 -15.22
CA SER A 234 33.62 11.58 -13.87
C SER A 234 35.04 11.43 -13.35
N SER A 235 35.77 12.54 -13.33
CA SER A 235 37.14 12.56 -12.84
C SER A 235 37.10 12.41 -11.33
N PRO A 236 37.97 11.57 -10.77
CA PRO A 236 38.07 11.28 -9.34
C PRO A 236 37.89 12.54 -8.51
N GLY A 237 37.97 13.68 -9.18
CA GLY A 237 37.79 14.95 -8.50
C GLY A 237 36.38 15.10 -8.03
N GLY A 238 35.48 15.44 -8.95
CA GLY A 238 34.09 15.61 -8.58
C GLY A 238 33.32 16.48 -9.54
N ALA A 239 32.38 17.25 -9.00
CA ALA A 239 31.53 18.13 -9.80
C ALA A 239 30.53 17.25 -10.54
N THR A 240 31.00 16.08 -10.96
CA THR A 240 30.14 15.15 -11.67
C THR A 240 29.84 14.02 -10.71
N ILE A 241 30.85 13.23 -10.42
CA ILE A 241 30.68 12.12 -9.49
C ILE A 241 29.90 12.67 -8.30
N HIS A 242 30.00 13.96 -8.09
CA HIS A 242 29.28 14.58 -6.99
C HIS A 242 27.83 14.75 -7.35
N ALA A 243 27.57 15.30 -8.53
CA ALA A 243 26.20 15.50 -9.00
C ALA A 243 25.52 14.14 -9.06
N LEU A 244 26.30 13.13 -9.43
CA LEU A 244 25.75 11.80 -9.49
C LEU A 244 25.30 11.45 -8.09
N HIS A 245 26.27 11.35 -7.18
CA HIS A 245 25.94 11.03 -5.80
C HIS A 245 24.58 11.57 -5.40
N VAL A 246 24.30 12.84 -5.69
CA VAL A 246 23.02 13.43 -5.30
C VAL A 246 21.86 12.72 -5.97
N LEU A 247 21.92 12.57 -7.29
CA LEU A 247 20.86 11.89 -8.03
C LEU A 247 20.74 10.54 -7.36
N GLU A 248 21.87 9.85 -7.30
CA GLU A 248 21.93 8.54 -6.70
C GLU A 248 21.26 8.53 -5.33
N SER A 249 21.44 9.62 -4.59
CA SER A 249 20.88 9.72 -3.26
C SER A 249 19.39 9.68 -3.25
N GLY A 250 18.77 10.38 -4.20
CA GLY A 250 17.32 10.41 -4.24
C GLY A 250 16.66 9.44 -5.19
N GLY A 251 17.20 8.22 -5.29
CA GLY A 251 16.62 7.20 -6.16
C GLY A 251 16.22 7.56 -7.58
N PHE A 252 17.00 8.45 -8.20
CA PHE A 252 16.77 8.92 -9.58
C PHE A 252 16.45 7.78 -10.56
N ARG A 253 17.24 6.72 -10.50
CA ARG A 253 17.06 5.56 -11.36
C ARG A 253 15.72 4.94 -11.01
N SER A 254 15.59 4.56 -9.75
CA SER A 254 14.37 3.95 -9.23
C SER A 254 13.16 4.64 -9.84
N LEU A 255 13.17 5.96 -9.88
CA LEU A 255 12.06 6.71 -10.42
C LEU A 255 11.86 6.47 -11.88
N LEU A 256 12.91 6.11 -12.59
CA LEU A 256 12.77 5.87 -14.03
C LEU A 256 12.17 4.49 -14.27
N ILE A 257 12.58 3.51 -13.48
CA ILE A 257 12.02 2.19 -13.61
C ILE A 257 10.56 2.40 -13.38
N ASN A 258 10.23 2.87 -12.18
CA ASN A 258 8.85 3.14 -11.80
C ASN A 258 8.00 3.68 -12.94
N ALA A 259 8.56 4.55 -13.75
CA ALA A 259 7.82 5.14 -14.87
C ALA A 259 7.66 4.19 -16.04
N VAL A 260 8.73 3.49 -16.39
CA VAL A 260 8.67 2.52 -17.48
C VAL A 260 7.54 1.60 -17.10
N GLU A 261 7.65 1.07 -15.89
CA GLU A 261 6.67 0.14 -15.34
C GLU A 261 5.28 0.73 -15.43
N ALA A 262 5.07 1.85 -14.75
CA ALA A 262 3.79 2.51 -14.75
C ALA A 262 3.23 2.52 -16.16
N SER A 263 3.94 3.17 -17.07
CA SER A 263 3.51 3.27 -18.45
C SER A 263 3.15 1.90 -19.03
N CYS A 264 4.01 0.91 -18.82
CA CYS A 264 3.73 -0.42 -19.35
C CYS A 264 2.43 -0.96 -18.77
N ILE A 265 2.44 -1.19 -17.47
CA ILE A 265 1.29 -1.72 -16.72
C ILE A 265 -0.01 -1.05 -17.14
N ARG A 266 0.05 0.27 -17.29
CA ARG A 266 -1.12 1.01 -17.70
C ARG A 266 -1.60 0.51 -19.06
N THR A 267 -0.66 0.38 -20.00
CA THR A 267 -1.00 -0.08 -21.33
C THR A 267 -1.59 -1.48 -21.29
N ARG A 268 -1.05 -2.32 -20.42
CA ARG A 268 -1.58 -3.66 -20.30
C ARG A 268 -3.07 -3.46 -20.04
N GLU A 269 -3.38 -2.77 -18.94
CA GLU A 269 -4.75 -2.47 -18.52
C GLU A 269 -5.68 -1.89 -19.59
N LEU A 270 -5.23 -0.85 -20.28
CA LEU A 270 -6.06 -0.24 -21.30
C LEU A 270 -6.65 -1.27 -22.26
N GLN A 271 -5.80 -2.15 -22.79
CA GLN A 271 -6.23 -3.16 -23.72
C GLN A 271 -6.99 -4.29 -23.04
N SER A 272 -6.40 -4.82 -21.97
CA SER A 272 -7.02 -5.89 -21.21
C SER A 272 -8.25 -5.35 -20.48
N MET A 273 -8.76 -4.22 -20.97
CA MET A 273 -9.91 -3.57 -20.41
C MET A 273 -11.02 -3.50 -21.46
N ALA A 274 -10.65 -3.47 -22.73
CA ALA A 274 -11.66 -3.42 -23.77
C ALA A 274 -11.87 -4.83 -24.34
N ASP A 275 -11.23 -5.82 -23.70
CA ASP A 275 -11.39 -7.20 -24.13
C ASP A 275 -12.76 -7.67 -23.68
N GLN A 276 -13.28 -7.00 -22.66
CA GLN A 276 -14.59 -7.29 -22.10
C GLN A 276 -15.53 -6.13 -22.41
N GLU A 277 -15.59 -5.20 -21.46
CA GLU A 277 -16.42 -4.02 -21.58
C GLU A 277 -15.84 -3.05 -22.61
N ARG B 1 -39.22 12.96 37.76
CA ARG B 1 -38.02 13.76 38.11
C ARG B 1 -37.24 13.14 39.26
N GLY B 2 -37.68 11.95 39.68
CA GLY B 2 -37.03 11.21 40.76
C GLY B 2 -36.97 9.74 40.41
N MET B 3 -35.76 9.21 40.24
CA MET B 3 -35.58 7.81 39.86
C MET B 3 -34.27 7.19 40.32
N SER B 4 -33.88 6.13 39.62
CA SER B 4 -32.65 5.39 39.88
C SER B 4 -32.10 4.92 38.53
N VAL B 5 -31.01 4.17 38.55
CA VAL B 5 -30.41 3.67 37.30
C VAL B 5 -29.78 2.30 37.45
N GLY B 6 -29.92 1.48 36.41
CA GLY B 6 -29.36 0.14 36.43
C GLY B 6 -28.02 0.09 35.74
N PHE B 7 -26.98 0.53 36.43
CA PHE B 7 -25.63 0.54 35.89
C PHE B 7 -25.06 -0.88 35.89
N ILE B 8 -25.57 -1.73 35.01
CA ILE B 8 -25.13 -3.12 34.89
C ILE B 8 -23.66 -3.21 34.51
N GLY B 9 -23.10 -2.07 34.12
CA GLY B 9 -21.70 -2.04 33.76
C GLY B 9 -20.96 -1.25 34.82
N ALA B 10 -19.78 -1.71 35.22
CA ALA B 10 -19.00 -1.03 36.23
C ALA B 10 -17.53 -0.91 35.84
N GLY B 11 -16.89 0.17 36.32
CA GLY B 11 -15.49 0.39 36.01
C GLY B 11 -15.27 1.68 35.28
N GLN B 12 -15.21 1.58 33.95
CA GLN B 12 -14.99 2.74 33.10
C GLN B 12 -16.16 3.73 33.14
N LEU B 13 -16.87 3.84 32.02
CA LEU B 13 -18.00 4.76 31.90
C LEU B 13 -18.96 4.70 33.07
N ALA B 14 -18.88 3.65 33.87
CA ALA B 14 -19.76 3.55 35.03
C ALA B 14 -19.24 4.58 36.04
N PHE B 15 -17.97 4.45 36.40
CA PHE B 15 -17.30 5.34 37.33
C PHE B 15 -17.59 6.79 36.93
N ALA B 16 -17.51 7.05 35.62
CA ALA B 16 -17.76 8.38 35.07
C ALA B 16 -19.14 8.91 35.45
N LEU B 17 -20.17 8.42 34.77
CA LEU B 17 -21.53 8.83 35.04
C LEU B 17 -21.77 8.73 36.53
N ALA B 18 -21.16 7.72 37.14
CA ALA B 18 -21.28 7.54 38.58
C ALA B 18 -20.89 8.88 39.18
N LYS B 19 -19.60 9.14 39.28
CA LYS B 19 -19.09 10.39 39.82
C LYS B 19 -19.80 11.56 39.13
N GLY B 20 -20.32 11.30 37.94
CA GLY B 20 -21.05 12.30 37.18
C GLY B 20 -22.44 12.53 37.77
N PHE B 21 -23.11 13.57 37.27
CA PHE B 21 -24.44 13.96 37.75
C PHE B 21 -24.81 13.49 39.15
N THR B 22 -23.83 13.45 40.04
CA THR B 22 -24.05 13.04 41.43
C THR B 22 -24.55 14.32 42.11
N ALA B 23 -23.68 14.95 42.89
CA ALA B 23 -24.05 16.18 43.56
C ALA B 23 -24.25 17.24 42.48
N ALA B 24 -23.80 16.94 41.26
CA ALA B 24 -23.96 17.88 40.16
C ALA B 24 -25.42 17.89 39.74
N GLY B 25 -25.92 16.74 39.32
CA GLY B 25 -27.31 16.64 38.89
C GLY B 25 -28.21 15.89 39.86
N VAL B 26 -29.46 16.32 39.93
CA VAL B 26 -30.50 15.74 40.82
C VAL B 26 -30.21 14.36 41.41
N LEU B 27 -29.56 13.49 40.64
CA LEU B 27 -29.23 12.14 41.07
C LEU B 27 -28.55 12.03 42.44
N ALA B 28 -28.91 10.99 43.18
CA ALA B 28 -28.35 10.73 44.50
C ALA B 28 -27.44 9.51 44.46
N ALA B 29 -26.31 9.60 45.16
CA ALA B 29 -25.32 8.51 45.22
C ALA B 29 -25.90 7.15 45.54
N HIS B 30 -26.71 7.08 46.59
CA HIS B 30 -27.31 5.83 47.01
C HIS B 30 -28.59 5.48 46.26
N LYS B 31 -29.27 6.48 45.70
CA LYS B 31 -30.52 6.25 44.98
C LYS B 31 -30.32 5.44 43.70
N ILE B 32 -29.18 4.75 43.59
CA ILE B 32 -28.88 3.95 42.41
C ILE B 32 -27.91 2.81 42.72
N MET B 33 -28.21 1.63 42.17
CA MET B 33 -27.37 0.45 42.37
C MET B 33 -26.65 0.11 41.07
N ALA B 34 -25.47 -0.50 41.19
CA ALA B 34 -24.67 -0.88 40.03
C ALA B 34 -24.28 -2.35 40.07
N SER B 35 -23.80 -2.85 38.93
CA SER B 35 -23.38 -4.23 38.82
C SER B 35 -21.99 -4.33 38.21
N SER B 36 -21.26 -5.38 38.54
CA SER B 36 -19.91 -5.58 38.05
C SER B 36 -19.71 -6.94 37.39
N PRO B 37 -19.54 -6.96 36.05
CA PRO B 37 -19.32 -8.23 35.35
C PRO B 37 -17.93 -8.79 35.64
N ASP B 38 -17.55 -8.77 36.92
CA ASP B 38 -16.26 -9.27 37.39
C ASP B 38 -16.11 -8.94 38.88
N MET B 39 -15.03 -8.24 39.24
CA MET B 39 -14.78 -7.86 40.63
C MET B 39 -13.49 -7.03 40.70
N ASP B 40 -13.32 -6.15 39.72
CA ASP B 40 -12.15 -5.28 39.61
C ASP B 40 -11.81 -4.56 40.91
N LEU B 41 -10.53 -4.28 41.10
CA LEU B 41 -10.05 -3.59 42.28
C LEU B 41 -9.50 -2.22 41.89
N ALA B 42 -9.56 -1.91 40.60
CA ALA B 42 -9.07 -0.63 40.08
C ALA B 42 -10.13 0.46 40.24
N THR B 43 -11.40 0.07 40.16
CA THR B 43 -12.49 1.02 40.29
C THR B 43 -13.71 0.40 40.94
N VAL B 44 -13.98 -0.86 40.62
CA VAL B 44 -15.14 -1.55 41.19
C VAL B 44 -15.10 -1.52 42.71
N SER B 45 -14.03 -2.08 43.27
CA SER B 45 -13.86 -2.11 44.72
C SER B 45 -13.63 -0.68 45.21
N ALA B 46 -13.75 0.27 44.30
CA ALA B 46 -13.57 1.69 44.61
C ALA B 46 -14.92 2.39 44.49
N LEU B 47 -15.92 1.66 44.00
CA LEU B 47 -17.26 2.21 43.82
C LEU B 47 -18.04 2.01 45.12
N ARG B 48 -17.76 0.90 45.78
CA ARG B 48 -18.42 0.58 47.04
C ARG B 48 -18.18 1.82 47.89
N LYS B 49 -16.92 2.26 47.88
CA LYS B 49 -16.48 3.42 48.62
C LYS B 49 -16.90 4.71 47.91
N MET B 50 -18.10 4.71 47.34
CA MET B 50 -18.63 5.88 46.64
C MET B 50 -20.05 6.11 47.07
N GLY B 51 -20.53 5.28 47.99
CA GLY B 51 -21.91 5.39 48.39
C GLY B 51 -22.60 4.98 47.12
N VAL B 52 -22.11 3.89 46.55
CA VAL B 52 -22.60 3.33 45.31
C VAL B 52 -22.61 1.82 45.40
N LEU B 54 -20.05 -4.13 45.40
CA LEU B 54 -20.67 -4.11 44.08
C LEU B 54 -21.43 -5.40 43.79
N THR B 55 -22.49 -5.26 43.00
CA THR B 55 -23.36 -6.37 42.61
C THR B 55 -22.77 -7.17 41.44
N PRO B 56 -22.13 -8.31 41.73
CA PRO B 56 -21.55 -9.11 40.64
C PRO B 56 -22.65 -9.75 39.80
N HIS B 57 -23.89 -9.65 40.30
CA HIS B 57 -25.07 -10.19 39.62
C HIS B 57 -25.60 -9.15 38.65
N ASN B 58 -25.07 -9.16 37.43
CA ASN B 58 -25.46 -8.22 36.39
C ASN B 58 -26.96 -7.90 36.40
N LYS B 59 -27.79 -8.91 36.57
CA LYS B 59 -29.24 -8.73 36.57
C LYS B 59 -29.79 -7.96 37.77
N GLU B 60 -29.40 -8.36 38.97
CA GLU B 60 -29.86 -7.72 40.19
C GLU B 60 -30.12 -6.23 39.97
N THR B 61 -29.03 -5.48 39.84
CA THR B 61 -29.05 -4.04 39.62
C THR B 61 -30.32 -3.50 38.93
N VAL B 62 -30.87 -4.28 37.99
CA VAL B 62 -32.07 -3.88 37.27
C VAL B 62 -33.27 -3.63 38.18
N GLN B 63 -33.36 -4.40 39.26
CA GLN B 63 -34.44 -4.29 40.23
C GLN B 63 -34.95 -2.86 40.44
N HIS B 64 -34.35 -2.16 41.41
CA HIS B 64 -34.72 -0.78 41.73
C HIS B 64 -34.12 0.16 40.70
N SER B 65 -34.64 0.07 39.48
CA SER B 65 -34.14 0.91 38.41
C SER B 65 -35.27 1.38 37.52
N ASP B 66 -34.98 2.42 36.75
CA ASP B 66 -35.96 2.99 35.83
C ASP B 66 -35.18 3.44 34.59
N VAL B 67 -33.87 3.21 34.61
CA VAL B 67 -32.97 3.56 33.52
C VAL B 67 -31.74 2.66 33.56
N LEU B 68 -31.60 1.80 32.56
CA LEU B 68 -30.45 0.90 32.52
C LEU B 68 -29.30 1.49 31.71
N PHE B 69 -28.09 1.19 32.15
CA PHE B 69 -26.88 1.67 31.48
C PHE B 69 -25.95 0.49 31.21
N LEU B 70 -25.93 0.02 29.96
CA LEU B 70 -25.08 -1.10 29.59
C LEU B 70 -23.60 -0.75 29.55
N ALA B 71 -23.03 -0.40 30.70
CA ALA B 71 -21.63 -0.04 30.78
C ALA B 71 -20.76 -1.30 30.81
N VAL B 72 -21.17 -2.31 30.05
CA VAL B 72 -20.43 -3.57 30.00
C VAL B 72 -19.65 -3.68 28.67
N LYS B 73 -18.66 -4.56 28.64
CA LYS B 73 -17.83 -4.77 27.46
C LYS B 73 -18.67 -4.82 26.18
N PRO B 74 -18.01 -4.69 25.02
CA PRO B 74 -18.72 -4.73 23.73
C PRO B 74 -19.71 -5.89 23.57
N HIS B 75 -19.42 -7.02 24.20
CA HIS B 75 -20.30 -8.18 24.09
C HIS B 75 -21.57 -8.02 24.93
N ILE B 76 -22.02 -6.78 25.09
CA ILE B 76 -23.24 -6.53 25.84
C ILE B 76 -24.35 -7.15 25.02
N ILE B 77 -23.96 -7.76 23.90
CA ILE B 77 -24.91 -8.40 23.02
C ILE B 77 -25.22 -9.83 23.47
N PRO B 78 -24.20 -10.71 23.51
CA PRO B 78 -24.43 -12.09 23.92
C PRO B 78 -24.79 -12.31 25.38
N PHE B 79 -23.78 -12.63 26.18
CA PHE B 79 -23.93 -12.90 27.61
C PHE B 79 -24.41 -11.69 28.38
N ILE B 80 -25.20 -10.84 27.74
CA ILE B 80 -25.72 -9.65 28.39
C ILE B 80 -27.22 -9.50 28.17
N LEU B 81 -27.63 -9.27 26.92
CA LEU B 81 -29.04 -9.07 26.61
C LEU B 81 -29.89 -10.32 26.78
N ASP B 82 -29.28 -11.50 26.68
CA ASP B 82 -30.03 -12.74 26.83
C ASP B 82 -30.37 -13.05 28.27
N GLU B 83 -30.11 -12.09 29.17
CA GLU B 83 -30.40 -12.27 30.58
C GLU B 83 -31.09 -11.02 31.13
N ILE B 84 -31.35 -10.08 30.23
CA ILE B 84 -32.01 -8.83 30.60
C ILE B 84 -33.43 -8.79 30.10
N GLY B 85 -33.61 -9.18 28.84
CA GLY B 85 -34.93 -9.19 28.24
C GLY B 85 -35.99 -9.82 29.09
N ALA B 86 -35.74 -11.06 29.53
CA ALA B 86 -36.67 -11.79 30.40
C ALA B 86 -37.05 -10.92 31.59
N ASP B 87 -36.19 -9.97 31.91
CA ASP B 87 -36.41 -9.04 33.03
C ASP B 87 -36.56 -7.63 32.47
N ILE B 88 -37.55 -7.44 31.61
CA ILE B 88 -37.78 -6.14 31.00
C ILE B 88 -39.26 -5.85 30.76
N GLU B 89 -39.67 -4.66 31.18
CA GLU B 89 -41.05 -4.21 31.00
C GLU B 89 -41.01 -2.82 30.39
N ASP B 90 -41.92 -1.98 30.85
CA ASP B 90 -42.01 -0.62 30.35
C ASP B 90 -41.61 0.33 31.46
N ARG B 91 -41.05 -0.23 32.53
CA ARG B 91 -40.64 0.58 33.67
C ARG B 91 -39.15 0.93 33.66
N HIS B 92 -38.50 0.72 32.52
CA HIS B 92 -37.08 1.03 32.39
C HIS B 92 -36.58 1.07 30.95
N ILE B 93 -35.74 2.05 30.66
CA ILE B 93 -35.16 2.25 29.32
C ILE B 93 -33.67 1.93 29.37
N VAL B 94 -33.14 1.39 28.27
CA VAL B 94 -31.72 1.04 28.22
C VAL B 94 -30.92 1.91 27.27
N VAL B 95 -29.86 2.49 27.81
CA VAL B 95 -28.97 3.33 27.03
C VAL B 95 -27.71 2.48 26.80
N SER B 96 -27.60 1.92 25.61
CA SER B 96 -26.49 1.05 25.23
C SER B 96 -25.22 1.79 24.87
N CYS B 97 -24.94 2.89 25.56
CA CYS B 97 -23.72 3.62 25.27
C CYS B 97 -22.58 2.67 25.60
N ALA B 98 -22.13 1.94 24.58
CA ALA B 98 -21.04 0.98 24.75
C ALA B 98 -20.62 0.42 23.39
N ALA B 99 -19.36 0.66 23.04
CA ALA B 99 -18.78 0.19 21.79
C ALA B 99 -19.66 0.38 20.55
N GLY B 100 -19.31 -0.35 19.48
CA GLY B 100 -20.05 -0.28 18.23
C GLY B 100 -21.26 -1.17 18.17
N VAL B 101 -21.95 -1.30 19.30
CA VAL B 101 -23.14 -2.11 19.38
C VAL B 101 -24.30 -1.30 18.84
N THR B 102 -24.77 -1.66 17.65
CA THR B 102 -25.87 -0.98 16.99
C THR B 102 -27.20 -1.10 17.74
N ILE B 103 -28.13 -0.19 17.44
CA ILE B 103 -29.43 -0.21 18.07
C ILE B 103 -30.21 -1.36 17.49
N SER B 104 -30.10 -1.53 16.17
CA SER B 104 -30.78 -2.61 15.49
C SER B 104 -30.20 -3.94 15.99
N SER B 105 -28.97 -3.87 16.49
CA SER B 105 -28.30 -5.06 17.01
C SER B 105 -29.00 -5.56 18.26
N ILE B 106 -29.57 -4.62 19.02
CA ILE B 106 -30.27 -4.96 20.25
C ILE B 106 -31.77 -4.81 20.03
N GLU B 107 -32.12 -4.34 18.84
CA GLU B 107 -33.51 -4.15 18.49
C GLU B 107 -34.15 -5.48 18.12
N LYS B 108 -33.38 -6.55 18.23
CA LYS B 108 -33.85 -7.89 17.89
C LYS B 108 -33.32 -8.90 18.90
N LYS B 109 -33.10 -8.42 20.12
CA LYS B 109 -32.61 -9.25 21.21
C LYS B 109 -33.58 -9.11 22.39
N LEU B 110 -33.71 -7.88 22.89
CA LEU B 110 -34.60 -7.58 24.00
C LEU B 110 -35.97 -7.21 23.44
N SER B 111 -36.05 -7.15 22.12
CA SER B 111 -37.31 -6.85 21.44
C SER B 111 -37.90 -8.21 21.07
N ALA B 112 -37.34 -9.24 21.69
CA ALA B 112 -37.76 -10.63 21.51
C ALA B 112 -38.24 -11.10 22.88
N PHE B 113 -37.60 -10.54 23.92
CA PHE B 113 -37.90 -10.86 25.31
C PHE B 113 -38.96 -9.87 25.83
N ARG B 114 -39.67 -9.24 24.89
CA ARG B 114 -40.69 -8.25 25.22
C ARG B 114 -41.15 -7.70 23.87
N PRO B 115 -42.39 -7.19 23.77
CA PRO B 115 -42.84 -6.66 22.49
C PRO B 115 -41.78 -5.81 21.80
N ALA B 116 -41.77 -4.51 22.10
CA ALA B 116 -40.78 -3.61 21.52
C ALA B 116 -40.30 -2.65 22.59
N PRO B 117 -39.16 -2.99 23.22
CA PRO B 117 -38.57 -2.17 24.29
C PRO B 117 -38.10 -0.80 23.81
N ARG B 118 -37.59 0.00 24.74
CA ARG B 118 -37.09 1.33 24.45
C ARG B 118 -35.56 1.30 24.42
N VAL B 119 -34.99 1.08 23.24
CA VAL B 119 -33.54 1.01 23.10
C VAL B 119 -32.93 2.34 22.66
N ILE B 120 -31.91 2.79 23.38
CA ILE B 120 -31.24 4.05 23.06
C ILE B 120 -29.72 3.93 23.10
N ARG B 121 -29.08 3.97 21.93
CA ARG B 121 -27.63 3.88 21.87
C ARG B 121 -27.06 5.29 22.04
N CYS B 122 -25.79 5.37 22.42
CA CYS B 122 -25.17 6.66 22.63
C CYS B 122 -23.66 6.59 22.82
N MET B 123 -22.96 7.62 22.37
CA MET B 123 -21.51 7.69 22.47
C MET B 123 -21.12 8.81 23.42
N THR B 124 -20.04 8.59 24.17
CA THR B 124 -19.56 9.58 25.11
C THR B 124 -18.06 9.47 25.26
N ASN B 125 -17.57 9.83 26.44
CA ASN B 125 -16.15 9.77 26.72
C ASN B 125 -15.88 9.68 28.21
N THR B 126 -14.60 9.76 28.54
CA THR B 126 -14.17 9.70 29.92
C THR B 126 -14.38 11.02 30.66
N PRO B 127 -14.04 12.16 30.03
CA PRO B 127 -14.20 13.48 30.65
C PRO B 127 -15.55 13.72 31.32
N VAL B 128 -16.49 12.81 31.09
CA VAL B 128 -17.80 12.91 31.69
C VAL B 128 -17.57 12.82 33.18
N VAL B 129 -16.51 12.10 33.55
CA VAL B 129 -16.13 11.92 34.94
C VAL B 129 -15.99 13.30 35.56
N VAL B 130 -15.81 14.30 34.71
CA VAL B 130 -15.68 15.66 35.19
C VAL B 130 -16.98 16.39 34.96
N ARG B 131 -17.12 17.00 33.79
CA ARG B 131 -18.33 17.75 33.47
C ARG B 131 -18.12 18.24 32.05
N GLU B 132 -17.03 17.77 31.47
CA GLU B 132 -16.64 18.17 30.13
C GLU B 132 -16.79 17.05 29.11
N GLY B 133 -17.20 15.88 29.56
CA GLY B 133 -17.37 14.78 28.62
C GLY B 133 -18.25 15.25 27.50
N ALA B 134 -18.13 14.64 26.32
CA ALA B 134 -18.96 15.00 25.18
C ALA B 134 -19.65 13.76 24.70
N THR B 135 -20.97 13.82 24.59
CA THR B 135 -21.71 12.65 24.16
C THR B 135 -22.93 12.92 23.29
N VAL B 136 -23.38 11.88 22.60
CA VAL B 136 -24.52 11.97 21.72
C VAL B 136 -25.39 10.71 21.85
N TYR B 137 -26.67 10.85 21.52
CA TYR B 137 -27.62 9.74 21.62
C TYR B 137 -28.43 9.54 20.34
N ALA B 138 -29.01 8.35 20.18
CA ALA B 138 -29.82 8.03 19.00
C ALA B 138 -31.13 7.35 19.38
N THR B 139 -32.17 7.60 18.60
CA THR B 139 -33.50 7.03 18.84
C THR B 139 -33.50 5.50 18.84
N GLY B 140 -34.21 4.90 17.89
CA GLY B 140 -34.27 3.44 17.80
C GLY B 140 -35.59 2.82 18.22
N THR B 141 -36.35 2.33 17.23
CA THR B 141 -37.65 1.71 17.46
C THR B 141 -38.52 2.67 18.26
N HIS B 142 -38.20 3.95 18.11
CA HIS B 142 -38.91 5.05 18.75
C HIS B 142 -39.07 4.94 20.26
N ALA B 143 -39.56 6.03 20.84
CA ALA B 143 -39.80 6.19 22.28
C ALA B 143 -39.87 7.70 22.47
N GLN B 144 -39.68 8.41 21.35
CA GLN B 144 -39.69 9.86 21.24
C GLN B 144 -40.47 10.63 22.31
N VAL B 145 -41.44 11.44 21.87
CA VAL B 145 -42.23 12.24 22.80
C VAL B 145 -41.23 13.07 23.60
N GLU B 146 -41.48 13.23 24.90
CA GLU B 146 -40.58 13.98 25.75
C GLU B 146 -39.70 12.98 26.49
N ASP B 147 -39.43 11.87 25.80
CA ASP B 147 -38.59 10.82 26.34
C ASP B 147 -37.17 11.01 25.83
N GLY B 148 -37.05 11.57 24.63
CA GLY B 148 -35.74 11.82 24.05
C GLY B 148 -35.07 13.00 24.74
N ARG B 149 -35.81 14.09 24.89
CA ARG B 149 -35.32 15.30 25.54
C ARG B 149 -34.78 15.00 26.94
N LEU B 150 -35.37 14.00 27.59
CA LEU B 150 -34.95 13.59 28.93
C LEU B 150 -33.48 13.19 28.93
N MET B 151 -33.04 12.56 27.84
CA MET B 151 -31.65 12.14 27.69
C MET B 151 -30.76 13.36 27.75
N GLU B 152 -31.01 14.31 26.86
CA GLU B 152 -30.23 15.54 26.80
C GLU B 152 -30.43 16.35 28.08
N GLN B 153 -30.94 15.68 29.10
CA GLN B 153 -31.15 16.31 30.38
C GLN B 153 -30.21 15.66 31.37
N LEU B 154 -30.30 14.35 31.50
CA LEU B 154 -29.45 13.60 32.43
C LEU B 154 -27.97 13.72 32.05
N LEU B 155 -27.74 13.95 30.76
CA LEU B 155 -26.39 14.04 30.23
C LEU B 155 -25.93 15.44 29.92
N SER B 156 -26.78 16.24 29.27
CA SER B 156 -26.42 17.60 28.93
C SER B 156 -26.11 18.36 30.21
N SER B 157 -26.11 17.62 31.31
CA SER B 157 -25.84 18.16 32.64
C SER B 157 -24.45 17.72 33.09
N VAL B 158 -23.84 16.81 32.34
CA VAL B 158 -22.52 16.30 32.69
C VAL B 158 -21.62 16.25 31.46
N GLY B 159 -21.64 17.29 30.66
CA GLY B 159 -20.81 17.30 29.47
C GLY B 159 -21.42 18.07 28.31
N PHE B 160 -22.33 17.44 27.57
CA PHE B 160 -22.97 18.09 26.43
C PHE B 160 -23.57 17.05 25.50
N CYS B 161 -24.72 17.37 24.93
CA CYS B 161 -25.40 16.44 24.04
C CYS B 161 -26.07 17.06 22.83
N THR B 162 -26.74 16.19 22.08
CA THR B 162 -27.46 16.51 20.86
C THR B 162 -27.69 15.16 20.20
N GLU B 163 -28.62 15.06 19.27
CA GLU B 163 -28.86 13.78 18.62
C GLU B 163 -28.87 13.87 17.11
N VAL B 164 -28.43 12.79 16.50
CA VAL B 164 -28.40 12.68 15.05
C VAL B 164 -28.33 11.18 14.72
N GLU B 165 -28.82 10.81 13.54
CA GLU B 165 -28.83 9.42 13.11
C GLU B 165 -27.64 8.65 13.68
N GLU B 166 -27.93 7.49 14.26
CA GLU B 166 -26.90 6.66 14.85
C GLU B 166 -25.70 6.46 13.90
N ASP B 167 -25.97 6.29 12.61
CA ASP B 167 -24.92 6.08 11.60
C ASP B 167 -23.70 6.97 11.81
N LEU B 168 -23.92 8.11 12.46
CA LEU B 168 -22.86 9.06 12.73
C LEU B 168 -21.99 8.64 13.90
N ILE B 169 -22.61 8.02 14.90
CA ILE B 169 -21.90 7.59 16.09
C ILE B 169 -20.51 7.06 15.77
N ASP B 170 -20.40 6.21 14.74
CA ASP B 170 -19.10 5.66 14.36
C ASP B 170 -18.12 6.80 14.23
N ALA B 171 -18.54 7.83 13.52
CA ALA B 171 -17.71 9.01 13.32
C ALA B 171 -17.40 9.65 14.66
N VAL B 172 -18.44 10.18 15.31
CA VAL B 172 -18.26 10.83 16.61
C VAL B 172 -17.28 10.09 17.50
N THR B 173 -17.38 8.77 17.50
CA THR B 173 -16.49 7.94 18.32
C THR B 173 -15.07 8.21 17.88
N GLY B 174 -14.82 8.02 16.59
CA GLY B 174 -13.50 8.26 16.07
C GLY B 174 -13.06 9.60 16.62
N LEU B 175 -13.93 10.59 16.47
CA LEU B 175 -13.66 11.95 16.94
C LEU B 175 -13.76 12.06 18.45
N SER B 176 -14.87 12.61 18.95
CA SER B 176 -15.09 12.78 20.37
C SER B 176 -14.69 11.52 21.12
N GLY B 177 -15.15 10.37 20.66
CA GLY B 177 -14.81 9.13 21.32
C GLY B 177 -13.34 8.93 21.66
N SER B 178 -12.48 8.98 20.65
CA SER B 178 -11.05 8.78 20.85
C SER B 178 -10.25 10.05 21.13
N GLY B 179 -10.78 11.20 20.69
CA GLY B 179 -10.11 12.47 20.88
C GLY B 179 -9.20 12.57 22.10
N PRO B 180 -9.74 12.35 23.31
CA PRO B 180 -8.98 12.41 24.55
C PRO B 180 -7.64 11.70 24.47
N ALA B 181 -7.64 10.49 23.91
CA ALA B 181 -6.39 9.74 23.79
C ALA B 181 -5.34 10.66 23.16
N TYR B 182 -5.68 11.20 22.00
CA TYR B 182 -4.80 12.10 21.27
C TYR B 182 -4.31 13.17 22.21
N ALA B 183 -5.25 13.94 22.75
CA ALA B 183 -4.95 15.00 23.68
C ALA B 183 -3.92 14.57 24.74
N PHE B 184 -4.21 13.50 25.47
CA PHE B 184 -3.29 13.01 26.50
C PHE B 184 -1.92 12.80 25.86
N THR B 185 -1.90 12.31 24.62
CA THR B 185 -0.65 12.10 23.92
C THR B 185 -0.02 13.46 23.63
N ALA B 186 -0.80 14.31 22.98
CA ALA B 186 -0.35 15.65 22.66
C ALA B 186 0.30 16.25 23.89
N LEU B 187 -0.40 16.19 25.01
CA LEU B 187 0.12 16.75 26.26
C LEU B 187 1.45 16.18 26.75
N ASP B 188 1.57 14.85 26.79
CA ASP B 188 2.83 14.26 27.23
C ASP B 188 3.94 14.72 26.29
N ALA B 189 3.60 14.88 25.02
CA ALA B 189 4.55 15.33 24.01
C ALA B 189 5.00 16.70 24.48
N LEU B 190 4.10 17.67 24.39
CA LEU B 190 4.37 19.02 24.85
C LEU B 190 5.16 19.01 26.19
N ALA B 191 4.69 18.21 27.14
CA ALA B 191 5.35 18.09 28.43
C ALA B 191 6.86 17.97 28.22
N ASP B 192 7.26 16.87 27.58
CA ASP B 192 8.66 16.63 27.26
C ASP B 192 9.16 17.80 26.43
N GLY B 193 8.32 18.27 25.52
CA GLY B 193 8.69 19.39 24.69
C GLY B 193 9.30 20.49 25.53
N GLY B 194 8.47 21.14 26.34
CA GLY B 194 8.96 22.22 27.19
C GLY B 194 10.13 21.81 28.06
N VAL B 195 9.97 20.70 28.78
CA VAL B 195 11.02 20.22 29.66
C VAL B 195 12.38 20.19 28.95
N LYS B 196 12.37 19.94 27.64
CA LYS B 196 13.61 19.93 26.89
C LYS B 196 14.19 21.33 26.93
N MET B 197 13.30 22.29 26.76
CA MET B 197 13.68 23.68 26.77
C MET B 197 14.05 24.15 28.17
N GLY B 198 13.93 23.26 29.16
CA GLY B 198 14.28 23.65 30.50
C GLY B 198 13.23 23.48 31.59
N LEU B 199 11.96 23.66 31.24
CA LEU B 199 10.90 23.53 32.22
C LEU B 199 11.02 22.27 33.07
N PRO B 200 10.50 22.32 34.29
CA PRO B 200 10.57 21.14 35.15
C PRO B 200 9.43 20.26 34.63
N ARG B 201 9.47 18.97 34.95
CA ARG B 201 8.46 18.06 34.47
C ARG B 201 7.03 18.49 34.73
N ARG B 202 6.59 18.44 35.99
CA ARG B 202 5.22 18.78 36.30
C ARG B 202 4.80 20.13 35.77
N LEU B 203 5.36 21.21 36.30
CA LEU B 203 5.00 22.54 35.84
C LEU B 203 4.66 22.57 34.34
N ALA B 204 5.48 21.88 33.56
CA ALA B 204 5.33 21.80 32.10
C ALA B 204 3.98 21.25 31.64
N VAL B 205 3.77 19.95 31.87
CA VAL B 205 2.53 19.26 31.51
C VAL B 205 1.37 20.19 31.80
N ARG B 206 1.48 20.71 33.00
CA ARG B 206 0.56 21.62 33.63
C ARG B 206 0.16 22.85 32.81
N LEU B 207 1.15 23.59 32.36
CA LEU B 207 0.90 24.77 31.54
C LEU B 207 0.27 24.34 30.21
N GLY B 208 0.92 23.38 29.56
CA GLY B 208 0.42 22.86 28.29
C GLY B 208 -1.03 22.47 28.44
N ALA B 209 -1.29 21.71 29.50
CA ALA B 209 -2.63 21.27 29.82
C ALA B 209 -3.54 22.50 29.76
N GLN B 210 -3.22 23.46 30.61
CA GLN B 210 -3.97 24.70 30.69
C GLN B 210 -4.16 25.29 29.30
N ALA B 211 -3.07 25.29 28.53
CA ALA B 211 -3.08 25.85 27.17
C ALA B 211 -4.25 25.29 26.35
N LEU B 212 -4.38 23.97 26.36
CA LEU B 212 -5.44 23.32 25.62
C LEU B 212 -6.77 23.66 26.26
N LEU B 213 -6.79 23.54 27.59
CA LEU B 213 -7.97 23.87 28.36
C LEU B 213 -8.48 25.21 27.86
N GLY B 214 -7.57 26.19 27.80
CA GLY B 214 -7.93 27.51 27.33
C GLY B 214 -8.45 27.51 25.91
N ALA B 215 -7.54 27.36 24.96
CA ALA B 215 -7.89 27.38 23.53
C ALA B 215 -9.28 26.81 23.28
N ALA B 216 -9.49 25.56 23.67
CA ALA B 216 -10.76 24.87 23.48
C ALA B 216 -11.91 25.79 23.86
N LYS B 217 -12.07 25.96 25.16
CA LYS B 217 -13.10 26.82 25.71
C LYS B 217 -13.23 28.03 24.82
N MET B 218 -12.09 28.67 24.57
CA MET B 218 -12.09 29.85 23.72
C MET B 218 -12.78 29.54 22.41
N LEU B 219 -12.28 28.54 21.69
CA LEU B 219 -12.90 28.20 20.42
C LEU B 219 -14.39 27.95 20.59
N LEU B 220 -14.73 27.21 21.63
CA LEU B 220 -16.12 26.87 21.91
C LEU B 220 -17.07 28.05 22.00
N HIS B 221 -16.87 28.89 23.00
CA HIS B 221 -17.71 30.07 23.15
C HIS B 221 -17.60 30.93 21.91
N SER B 222 -16.40 31.45 21.69
CA SER B 222 -16.10 32.29 20.54
C SER B 222 -16.83 31.82 19.30
N GLU B 223 -16.11 31.09 18.44
CA GLU B 223 -16.62 30.54 17.19
C GLU B 223 -15.68 30.86 16.04
N GLN B 224 -15.44 32.16 15.84
CA GLN B 224 -14.60 32.67 14.77
C GLN B 224 -14.27 31.60 13.73
N HIS B 225 -13.36 30.73 14.10
CA HIS B 225 -12.88 29.67 13.23
C HIS B 225 -11.48 29.41 13.74
N PRO B 226 -11.17 28.15 14.05
CA PRO B 226 -9.85 27.77 14.55
C PRO B 226 -8.74 28.46 13.77
N GLY B 227 -8.95 28.63 12.48
CA GLY B 227 -7.97 29.30 11.65
C GLY B 227 -7.84 30.73 12.11
N GLN B 228 -8.95 31.46 12.06
CA GLN B 228 -8.97 32.85 12.50
C GLN B 228 -8.27 32.98 13.84
N LEU B 229 -8.76 32.25 14.83
CA LEU B 229 -8.16 32.31 16.16
C LEU B 229 -6.64 32.15 16.08
N LYS B 230 -6.20 31.20 15.25
CA LYS B 230 -4.79 30.93 15.08
C LYS B 230 -4.07 32.23 14.67
N ASP B 231 -4.64 32.91 13.68
CA ASP B 231 -4.09 34.16 13.18
C ASP B 231 -3.92 35.16 14.32
N ASN B 232 -4.96 35.25 15.14
CA ASN B 232 -5.00 36.16 16.28
C ASN B 232 -3.93 35.87 17.33
N VAL B 233 -3.13 34.83 17.13
CA VAL B 233 -2.14 34.50 18.13
C VAL B 233 -0.75 34.37 17.50
N SER B 234 -0.64 34.76 16.25
CA SER B 234 0.62 34.68 15.55
C SER B 234 1.09 36.07 15.14
N SER B 235 2.05 36.61 15.87
CA SER B 235 2.60 37.94 15.57
C SER B 235 3.51 37.76 14.36
N PRO B 236 3.42 38.68 13.37
CA PRO B 236 4.28 38.54 12.18
C PRO B 236 5.69 38.14 12.55
N GLY B 237 6.14 38.59 13.73
CA GLY B 237 7.46 38.24 14.19
C GLY B 237 7.63 36.74 14.11
N GLY B 238 7.13 36.02 15.12
CA GLY B 238 7.27 34.58 15.12
C GLY B 238 7.04 33.88 16.45
N ALA B 239 7.98 33.03 16.81
CA ALA B 239 7.91 32.25 18.04
C ALA B 239 6.78 31.26 17.85
N THR B 240 5.62 31.80 17.54
CA THR B 240 4.43 31.03 17.31
C THR B 240 4.38 30.61 15.86
N ILE B 241 4.11 31.59 15.01
CA ILE B 241 4.06 31.36 13.58
C ILE B 241 5.19 30.42 13.18
N HIS B 242 6.29 30.48 13.94
CA HIS B 242 7.39 29.62 13.64
C HIS B 242 6.99 28.21 14.00
N ALA B 243 6.83 27.96 15.30
CA ALA B 243 6.43 26.64 15.79
C ALA B 243 5.38 26.01 14.86
N LEU B 244 4.41 26.80 14.44
CA LEU B 244 3.38 26.28 13.53
C LEU B 244 4.06 25.69 12.31
N HIS B 245 4.72 26.56 11.57
CA HIS B 245 5.45 26.13 10.38
C HIS B 245 6.07 24.78 10.64
N VAL B 246 6.60 24.60 11.85
CA VAL B 246 7.25 23.35 12.22
C VAL B 246 6.28 22.17 12.20
N LEU B 247 5.08 22.36 12.73
CA LEU B 247 4.09 21.30 12.73
C LEU B 247 3.69 21.18 11.28
N GLU B 248 3.12 22.26 10.77
CA GLU B 248 2.68 22.31 9.40
C GLU B 248 3.69 21.69 8.43
N SER B 249 4.95 21.65 8.82
CA SER B 249 5.97 21.09 7.95
C SER B 249 6.15 19.60 8.22
N GLY B 250 5.43 19.09 9.21
CA GLY B 250 5.50 17.68 9.55
C GLY B 250 4.14 17.00 9.36
N GLY B 251 3.29 17.63 8.55
CA GLY B 251 1.97 17.10 8.27
C GLY B 251 1.13 16.90 9.51
N PHE B 252 1.53 17.59 10.58
CA PHE B 252 0.84 17.53 11.87
C PHE B 252 -0.67 17.32 11.74
N ARG B 253 -1.30 18.02 10.79
CA ARG B 253 -2.73 17.85 10.59
C ARG B 253 -2.95 16.43 10.10
N SER B 254 -2.51 16.16 8.88
CA SER B 254 -2.65 14.82 8.30
C SER B 254 -2.81 13.75 9.37
N LEU B 255 -1.84 13.70 10.27
CA LEU B 255 -1.88 12.72 11.33
C LEU B 255 -3.20 12.67 12.08
N LEU B 256 -3.77 13.84 12.38
CA LEU B 256 -5.05 13.85 13.09
C LEU B 256 -6.20 13.29 12.25
N ILE B 257 -6.30 13.66 10.98
CA ILE B 257 -7.37 13.11 10.17
C ILE B 257 -7.17 11.61 10.15
N ASN B 258 -5.93 11.22 9.92
CA ASN B 258 -5.60 9.82 9.89
C ASN B 258 -6.12 9.10 11.10
N ALA B 259 -5.98 9.72 12.27
CA ALA B 259 -6.43 9.07 13.48
C ALA B 259 -7.94 9.09 13.65
N VAL B 260 -8.59 10.20 13.31
CA VAL B 260 -10.03 10.23 13.45
C VAL B 260 -10.58 9.12 12.58
N GLU B 261 -10.12 9.10 11.34
CA GLU B 261 -10.52 8.11 10.37
C GLU B 261 -10.20 6.72 10.93
N ALA B 262 -8.92 6.40 10.97
CA ALA B 262 -8.46 5.11 11.47
C ALA B 262 -9.24 4.63 12.69
N SER B 263 -9.66 5.57 13.54
CA SER B 263 -10.43 5.19 14.72
C SER B 263 -11.81 4.82 14.30
N CYS B 264 -12.47 5.76 13.63
CA CYS B 264 -13.81 5.56 13.13
C CYS B 264 -13.94 4.23 12.42
N ILE B 265 -13.09 4.02 11.41
CA ILE B 265 -13.10 2.78 10.66
C ILE B 265 -13.08 1.58 11.59
N ARG B 266 -12.08 1.51 12.44
CA ARG B 266 -11.98 0.39 13.38
C ARG B 266 -13.33 0.16 14.03
N THR B 267 -13.95 1.26 14.45
CA THR B 267 -15.25 1.20 15.08
C THR B 267 -16.20 0.40 14.20
N ARG B 268 -16.31 0.82 12.94
CA ARG B 268 -17.18 0.15 11.99
C ARG B 268 -16.85 -1.34 11.95
N GLU B 269 -15.57 -1.67 11.78
CA GLU B 269 -15.14 -3.07 11.71
C GLU B 269 -15.64 -3.86 12.91
N LEU B 270 -15.74 -3.17 14.04
CA LEU B 270 -16.18 -3.79 15.27
C LEU B 270 -17.65 -4.16 15.24
N GLN B 271 -18.48 -3.25 14.76
CA GLN B 271 -19.91 -3.54 14.69
C GLN B 271 -20.11 -4.68 13.70
N SER B 272 -19.22 -4.79 12.73
CA SER B 272 -19.31 -5.85 11.72
C SER B 272 -18.97 -7.21 12.31
N MET B 273 -18.74 -7.24 13.62
CA MET B 273 -18.46 -8.47 14.32
C MET B 273 -19.70 -8.70 15.17
N ALA B 274 -20.20 -7.60 15.72
CA ALA B 274 -21.40 -7.63 16.55
C ALA B 274 -22.65 -7.59 15.69
N ASP B 275 -22.45 -7.57 14.37
CA ASP B 275 -23.55 -7.53 13.41
C ASP B 275 -23.56 -8.78 12.55
N GLN B 276 -22.64 -9.69 12.80
CA GLN B 276 -22.54 -10.92 12.02
C GLN B 276 -22.69 -12.17 12.89
N GLU B 277 -22.13 -12.10 14.09
CA GLU B 277 -22.16 -13.22 15.01
C GLU B 277 -22.37 -12.73 16.44
N ARG C 1 32.13 -42.84 -11.88
CA ARG C 1 33.46 -42.56 -12.50
C ARG C 1 33.29 -41.86 -13.85
N GLY C 2 33.65 -42.54 -14.94
CA GLY C 2 33.53 -41.96 -16.26
C GLY C 2 32.13 -41.42 -16.48
N MET C 3 31.97 -40.47 -17.39
CA MET C 3 30.64 -39.89 -17.61
C MET C 3 30.51 -38.99 -18.85
N SER C 4 29.29 -39.00 -19.41
CA SER C 4 28.95 -38.20 -20.58
C SER C 4 27.93 -37.15 -20.17
N VAL C 5 27.93 -36.01 -20.84
CA VAL C 5 26.98 -34.95 -20.51
C VAL C 5 26.48 -34.20 -21.75
N GLY C 6 25.27 -33.67 -21.67
CA GLY C 6 24.70 -32.95 -22.78
C GLY C 6 24.02 -31.65 -22.42
N PHE C 7 24.01 -30.71 -23.35
CA PHE C 7 23.39 -29.41 -23.15
C PHE C 7 22.38 -29.06 -24.23
N ILE C 8 21.09 -29.20 -23.90
CA ILE C 8 20.01 -28.87 -24.84
C ILE C 8 19.74 -27.38 -24.69
N GLY C 9 20.13 -26.86 -23.54
CA GLY C 9 19.96 -25.45 -23.26
C GLY C 9 21.34 -24.82 -23.34
N ALA C 10 21.87 -24.78 -24.56
CA ALA C 10 23.19 -24.24 -24.84
C ALA C 10 23.21 -22.72 -24.95
N GLY C 11 24.05 -22.08 -24.13
CA GLY C 11 24.15 -20.63 -24.13
C GLY C 11 24.13 -20.07 -22.73
N GLN C 12 24.49 -18.80 -22.57
CA GLN C 12 24.52 -18.15 -21.26
C GLN C 12 25.14 -19.05 -20.20
N LEU C 13 24.43 -19.24 -19.09
CA LEU C 13 24.91 -20.07 -18.00
C LEU C 13 25.28 -21.49 -18.42
N ALA C 14 25.15 -21.80 -19.70
CA ALA C 14 25.51 -23.11 -20.20
C ALA C 14 27.02 -23.03 -20.43
N PHE C 15 27.43 -21.95 -21.07
CA PHE C 15 28.83 -21.69 -21.35
C PHE C 15 29.62 -21.72 -20.04
N ALA C 16 29.06 -21.10 -19.00
CA ALA C 16 29.69 -21.04 -17.68
C ALA C 16 29.95 -22.44 -17.17
N LEU C 17 28.88 -23.20 -17.03
CA LEU C 17 28.94 -24.58 -16.56
C LEU C 17 30.08 -25.29 -17.26
N ALA C 18 29.97 -25.40 -18.57
CA ALA C 18 31.00 -26.03 -19.39
C ALA C 18 32.38 -25.67 -18.84
N LYS C 19 32.78 -24.42 -19.10
CA LYS C 19 34.07 -23.90 -18.65
C LYS C 19 34.42 -24.33 -17.24
N GLY C 20 33.40 -24.50 -16.42
CA GLY C 20 33.61 -24.91 -15.04
C GLY C 20 34.24 -26.29 -14.95
N PHE C 21 33.49 -27.31 -15.32
CA PHE C 21 33.99 -28.68 -15.26
C PHE C 21 35.36 -28.72 -15.93
N THR C 22 35.50 -27.89 -16.96
CA THR C 22 36.74 -27.79 -17.71
C THR C 22 37.86 -27.47 -16.72
N ALA C 23 37.98 -26.20 -16.36
CA ALA C 23 39.00 -25.75 -15.42
C ALA C 23 38.95 -26.60 -14.15
N ALA C 24 37.79 -27.18 -13.87
CA ALA C 24 37.62 -28.04 -12.70
C ALA C 24 38.61 -29.18 -12.82
N GLY C 25 39.15 -29.34 -14.03
CA GLY C 25 40.10 -30.39 -14.28
C GLY C 25 39.41 -31.72 -14.07
N VAL C 26 38.16 -31.80 -14.54
CA VAL C 26 37.40 -33.03 -14.38
C VAL C 26 36.49 -33.34 -15.57
N LEU C 27 36.84 -32.84 -16.76
CA LEU C 27 36.02 -33.11 -17.94
C LEU C 27 36.63 -32.65 -19.27
N ALA C 28 36.19 -33.28 -20.36
CA ALA C 28 36.68 -32.96 -21.71
C ALA C 28 35.60 -32.29 -22.57
N ALA C 29 35.96 -31.13 -23.12
CA ALA C 29 35.06 -30.32 -23.96
C ALA C 29 34.38 -31.05 -25.10
N HIS C 30 34.84 -32.27 -25.37
CA HIS C 30 34.27 -33.05 -26.47
C HIS C 30 33.38 -34.17 -25.95
N LYS C 31 33.60 -34.56 -24.69
CA LYS C 31 32.81 -35.60 -24.04
C LYS C 31 31.37 -35.11 -23.90
N ILE C 32 31.15 -33.85 -24.27
CA ILE C 32 29.83 -33.24 -24.21
C ILE C 32 29.55 -32.44 -25.47
N MET C 33 28.28 -32.41 -25.86
CA MET C 33 27.84 -31.69 -27.05
C MET C 33 27.09 -30.43 -26.63
N ALA C 34 27.00 -29.49 -27.56
CA ALA C 34 26.34 -28.21 -27.30
C ALA C 34 25.19 -27.89 -28.25
N SER C 35 24.06 -28.55 -28.05
CA SER C 35 22.91 -28.30 -28.90
C SER C 35 22.26 -27.01 -28.47
N SER C 36 22.21 -26.04 -29.38
CA SER C 36 21.61 -24.76 -29.05
C SER C 36 20.69 -24.26 -30.13
N PRO C 37 19.41 -24.04 -29.80
CA PRO C 37 18.50 -23.55 -30.83
C PRO C 37 18.97 -22.16 -31.26
N ASP C 38 19.65 -22.09 -32.40
CA ASP C 38 20.19 -20.85 -32.97
C ASP C 38 21.58 -20.53 -32.45
N MET C 39 21.92 -19.24 -32.50
CA MET C 39 23.23 -18.79 -32.04
C MET C 39 23.26 -17.31 -31.63
N ASP C 40 24.33 -16.95 -30.94
CA ASP C 40 24.55 -15.59 -30.48
C ASP C 40 26.02 -15.46 -30.14
N LEU C 41 26.72 -14.57 -30.83
CA LEU C 41 28.15 -14.36 -30.60
C LEU C 41 28.44 -14.30 -29.09
N ALA C 42 27.46 -13.83 -28.32
CA ALA C 42 27.60 -13.71 -26.88
C ALA C 42 28.24 -14.93 -26.25
N THR C 43 27.45 -15.97 -26.03
CA THR C 43 27.97 -17.20 -25.43
C THR C 43 27.82 -18.42 -26.33
N VAL C 44 26.87 -18.35 -27.26
CA VAL C 44 26.65 -19.45 -28.18
C VAL C 44 27.79 -19.52 -29.19
N SER C 45 28.61 -18.47 -29.22
CA SER C 45 29.73 -18.42 -30.15
C SER C 45 31.06 -18.69 -29.46
N ALA C 46 31.37 -17.91 -28.42
CA ALA C 46 32.61 -18.08 -27.69
C ALA C 46 32.71 -19.54 -27.26
N LEU C 47 31.54 -20.15 -27.08
CA LEU C 47 31.46 -21.54 -26.68
C LEU C 47 32.11 -22.39 -27.75
N ARG C 48 31.98 -21.95 -29.00
CA ARG C 48 32.59 -22.65 -30.13
C ARG C 48 34.06 -22.82 -29.81
N LYS C 49 34.76 -21.69 -29.75
CA LYS C 49 36.18 -21.66 -29.46
C LYS C 49 36.56 -22.60 -28.32
N MET C 50 35.65 -22.76 -27.37
CA MET C 50 35.88 -23.63 -26.23
C MET C 50 36.41 -24.99 -26.71
N GLY C 51 35.81 -25.49 -27.78
CA GLY C 51 36.22 -26.79 -28.29
C GLY C 51 35.14 -27.76 -27.89
N VAL C 52 33.89 -27.30 -27.99
CA VAL C 52 32.73 -28.11 -27.65
C VAL C 52 31.75 -28.10 -28.82
N LYS C 53 31.59 -29.26 -29.45
CA LYS C 53 30.71 -29.42 -30.60
C LYS C 53 29.31 -28.81 -30.41
N LEU C 54 28.80 -28.17 -31.47
CA LEU C 54 27.48 -27.56 -31.42
C LEU C 54 26.50 -28.31 -32.30
N THR C 55 25.60 -29.07 -31.68
CA THR C 55 24.61 -29.81 -32.44
C THR C 55 23.48 -28.83 -32.75
N PRO C 56 23.13 -28.68 -34.03
CA PRO C 56 22.05 -27.76 -34.41
C PRO C 56 20.70 -28.29 -33.97
N HIS C 57 20.69 -29.52 -33.47
CA HIS C 57 19.45 -30.16 -33.02
C HIS C 57 19.54 -30.62 -31.57
N ASN C 58 18.53 -30.26 -30.80
CA ASN C 58 18.48 -30.65 -29.39
C ASN C 58 18.27 -32.15 -29.30
N LYS C 59 19.06 -32.90 -30.06
CA LYS C 59 18.96 -34.35 -30.11
C LYS C 59 20.33 -35.02 -30.09
N GLU C 60 21.08 -34.86 -31.19
CA GLU C 60 22.42 -35.47 -31.32
C GLU C 60 23.23 -35.38 -30.04
N THR C 61 22.97 -34.33 -29.27
CA THR C 61 23.64 -34.10 -28.00
C THR C 61 23.13 -35.14 -27.01
N VAL C 62 21.85 -35.42 -27.12
CA VAL C 62 21.14 -36.38 -26.27
C VAL C 62 21.60 -37.84 -26.48
N GLN C 63 22.66 -38.04 -27.25
CA GLN C 63 23.15 -39.39 -27.50
C GLN C 63 24.40 -39.76 -26.74
N HIS C 64 25.49 -39.04 -27.03
CA HIS C 64 26.77 -39.27 -26.38
C HIS C 64 26.66 -38.94 -24.88
N SER C 65 25.44 -38.78 -24.40
CA SER C 65 25.22 -38.41 -23.01
C SER C 65 25.07 -39.55 -22.00
N ASP C 66 25.09 -39.16 -20.73
CA ASP C 66 24.95 -40.08 -19.60
C ASP C 66 24.23 -39.25 -18.53
N VAL C 67 24.00 -37.99 -18.87
CA VAL C 67 23.31 -37.00 -18.04
C VAL C 67 23.22 -35.70 -18.83
N LEU C 68 22.03 -35.10 -18.85
CA LEU C 68 21.86 -33.88 -19.62
C LEU C 68 21.24 -32.73 -18.82
N PHE C 69 21.89 -31.57 -18.89
CA PHE C 69 21.42 -30.40 -18.18
C PHE C 69 20.49 -29.58 -19.06
N LEU C 70 19.20 -29.83 -18.91
CA LEU C 70 18.20 -29.11 -19.68
C LEU C 70 18.16 -27.66 -19.18
N ALA C 71 19.04 -26.83 -19.75
CA ALA C 71 19.13 -25.44 -19.34
C ALA C 71 18.55 -24.44 -20.34
N VAL C 72 17.24 -24.22 -20.27
CA VAL C 72 16.59 -23.28 -21.16
C VAL C 72 15.59 -22.44 -20.40
N LYS C 73 15.29 -21.25 -20.93
CA LYS C 73 14.33 -20.34 -20.29
C LYS C 73 13.06 -21.11 -19.95
N PRO C 74 12.51 -20.90 -18.75
CA PRO C 74 11.30 -21.58 -18.31
C PRO C 74 10.21 -21.66 -19.39
N HIS C 75 10.03 -20.59 -20.14
CA HIS C 75 9.01 -20.55 -21.18
C HIS C 75 9.37 -21.41 -22.39
N ILE C 76 10.46 -22.18 -22.28
CA ILE C 76 10.91 -23.03 -23.38
C ILE C 76 11.12 -24.47 -22.90
N ILE C 77 11.38 -24.65 -21.61
CA ILE C 77 11.58 -25.99 -21.06
C ILE C 77 10.50 -26.93 -21.59
N PRO C 78 9.27 -26.42 -21.77
CA PRO C 78 8.16 -27.24 -22.27
C PRO C 78 8.38 -27.76 -23.69
N PHE C 79 8.45 -26.84 -24.66
CA PHE C 79 8.67 -27.20 -26.06
C PHE C 79 9.63 -28.38 -26.15
N ILE C 80 10.75 -28.24 -25.44
CA ILE C 80 11.81 -29.24 -25.42
C ILE C 80 11.37 -30.58 -24.81
N LEU C 81 10.84 -30.55 -23.60
CA LEU C 81 10.41 -31.78 -22.94
C LEU C 81 9.52 -32.62 -23.85
N ASP C 82 8.79 -31.95 -24.74
CA ASP C 82 7.92 -32.65 -25.68
C ASP C 82 8.83 -33.36 -26.69
N GLU C 83 9.82 -32.63 -27.18
CA GLU C 83 10.78 -33.15 -28.15
C GLU C 83 11.57 -34.36 -27.65
N ILE C 84 12.02 -34.31 -26.41
CA ILE C 84 12.81 -35.40 -25.85
C ILE C 84 11.97 -36.33 -24.95
N GLY C 85 10.68 -36.06 -24.88
CA GLY C 85 9.81 -36.89 -24.05
C GLY C 85 9.97 -38.36 -24.42
N ALA C 86 9.82 -38.66 -25.70
CA ALA C 86 9.95 -40.03 -26.18
C ALA C 86 11.43 -40.33 -26.40
N ASP C 87 12.24 -39.28 -26.38
CA ASP C 87 13.68 -39.38 -26.58
C ASP C 87 14.37 -39.61 -25.24
N ILE C 88 13.68 -40.34 -24.36
CA ILE C 88 14.20 -40.62 -23.03
C ILE C 88 14.72 -42.05 -22.93
N GLU C 89 15.58 -42.29 -21.94
CA GLU C 89 16.17 -43.61 -21.69
C GLU C 89 16.50 -43.82 -20.23
N ASP C 90 17.19 -44.91 -19.93
CA ASP C 90 17.56 -45.26 -18.55
C ASP C 90 18.98 -44.82 -18.18
N ARG C 91 19.84 -44.72 -19.19
CA ARG C 91 21.22 -44.33 -18.98
C ARG C 91 21.42 -42.88 -18.55
N HIS C 92 20.56 -42.00 -19.04
CA HIS C 92 20.67 -40.58 -18.70
C HIS C 92 19.68 -40.04 -17.67
N ILE C 93 20.12 -39.02 -16.93
CA ILE C 93 19.30 -38.37 -15.88
C ILE C 93 19.21 -36.87 -16.16
N VAL C 94 18.02 -36.29 -15.99
CA VAL C 94 17.81 -34.87 -16.24
C VAL C 94 18.09 -33.99 -15.05
N VAL C 95 19.17 -33.21 -15.15
CA VAL C 95 19.55 -32.30 -14.09
C VAL C 95 19.23 -30.90 -14.57
N SER C 96 17.95 -30.64 -14.83
CA SER C 96 17.51 -29.33 -15.30
C SER C 96 17.53 -28.30 -14.21
N CYS C 97 18.25 -27.22 -14.46
CA CYS C 97 18.34 -26.14 -13.51
C CYS C 97 17.81 -24.90 -14.23
N ALA C 98 16.53 -24.61 -14.03
CA ALA C 98 15.88 -23.47 -14.62
C ALA C 98 14.72 -23.10 -13.70
N ALA C 99 14.94 -22.09 -12.86
CA ALA C 99 13.95 -21.63 -11.90
C ALA C 99 12.58 -21.40 -12.52
N GLY C 100 11.57 -21.32 -11.66
CA GLY C 100 10.22 -21.11 -12.14
C GLY C 100 9.71 -22.34 -12.86
N VAL C 101 10.44 -23.44 -12.73
CA VAL C 101 10.08 -24.70 -13.37
C VAL C 101 10.14 -25.82 -12.33
N THR C 102 8.97 -26.14 -11.78
CA THR C 102 8.83 -27.19 -10.77
C THR C 102 9.34 -28.55 -11.25
N ILE C 103 9.42 -29.50 -10.32
CA ILE C 103 9.87 -30.86 -10.62
C ILE C 103 8.68 -31.70 -11.05
N SER C 104 7.57 -31.56 -10.31
CA SER C 104 6.35 -32.30 -10.63
C SER C 104 5.91 -31.91 -12.03
N SER C 105 6.20 -30.66 -12.39
CA SER C 105 5.86 -30.15 -13.71
C SER C 105 6.48 -31.06 -14.78
N ILE C 106 7.75 -31.38 -14.59
CA ILE C 106 8.48 -32.24 -15.52
C ILE C 106 8.12 -33.71 -15.34
N GLU C 107 8.16 -34.18 -14.11
CA GLU C 107 7.83 -35.58 -13.82
C GLU C 107 6.42 -35.94 -14.27
N LYS C 108 5.57 -34.94 -14.44
CA LYS C 108 4.20 -35.17 -14.88
C LYS C 108 4.03 -34.63 -16.29
N LYS C 109 4.94 -35.04 -17.17
CA LYS C 109 4.92 -34.62 -18.56
C LYS C 109 5.83 -35.57 -19.33
N LEU C 110 7.00 -35.82 -18.77
CA LEU C 110 7.96 -36.71 -19.40
C LEU C 110 7.60 -38.15 -19.04
N SER C 111 7.15 -38.37 -17.80
CA SER C 111 6.76 -39.71 -17.40
C SER C 111 5.57 -40.11 -18.26
N ALA C 112 5.00 -39.13 -18.95
CA ALA C 112 3.86 -39.35 -19.83
C ALA C 112 4.34 -40.12 -21.06
N PHE C 113 5.65 -40.29 -21.14
CA PHE C 113 6.28 -41.02 -22.24
C PHE C 113 6.98 -42.24 -21.64
N ARG C 114 8.22 -42.02 -21.18
CA ARG C 114 9.05 -43.06 -20.59
C ARG C 114 8.43 -43.58 -19.29
N PRO C 115 8.83 -44.78 -18.84
CA PRO C 115 8.31 -45.38 -17.60
C PRO C 115 8.44 -44.45 -16.42
N ALA C 116 9.63 -44.41 -15.85
CA ALA C 116 9.91 -43.57 -14.70
C ALA C 116 11.22 -42.80 -14.88
N PRO C 117 11.17 -41.65 -15.56
CA PRO C 117 12.33 -40.80 -15.82
C PRO C 117 12.92 -40.23 -14.54
N ARG C 118 14.24 -40.28 -14.43
CA ARG C 118 14.98 -39.78 -13.27
C ARG C 118 15.18 -38.25 -13.37
N VAL C 119 14.51 -37.49 -12.51
CA VAL C 119 14.64 -36.03 -12.55
C VAL C 119 14.94 -35.31 -11.21
N ILE C 120 15.87 -34.37 -11.26
CA ILE C 120 16.25 -33.59 -10.09
C ILE C 120 16.43 -32.10 -10.44
N ARG C 121 15.53 -31.27 -9.95
CA ARG C 121 15.60 -29.83 -10.20
C ARG C 121 16.92 -29.37 -9.60
N CYS C 122 17.32 -28.13 -9.89
CA CYS C 122 18.57 -27.63 -9.36
C CYS C 122 18.77 -26.13 -9.59
N MET C 123 19.48 -25.48 -8.66
CA MET C 123 19.74 -24.05 -8.74
C MET C 123 21.22 -23.76 -8.55
N THR C 124 21.75 -22.89 -9.39
CA THR C 124 23.16 -22.50 -9.33
C THR C 124 23.26 -21.08 -9.88
N ASN C 125 24.41 -20.47 -9.70
CA ASN C 125 24.62 -19.10 -10.16
C ASN C 125 25.67 -19.01 -11.26
N THR C 126 25.82 -17.81 -11.79
CA THR C 126 26.79 -17.55 -12.85
C THR C 126 28.24 -17.75 -12.42
N PRO C 127 28.65 -17.16 -11.28
CA PRO C 127 30.01 -17.29 -10.78
C PRO C 127 30.60 -18.69 -10.86
N VAL C 128 29.73 -19.65 -11.17
CA VAL C 128 30.18 -21.03 -11.32
C VAL C 128 31.19 -21.04 -12.44
N VAL C 129 31.32 -19.91 -13.12
CA VAL C 129 32.29 -19.79 -14.19
C VAL C 129 33.65 -19.86 -13.51
N VAL C 130 33.60 -19.97 -12.20
CA VAL C 130 34.78 -20.06 -11.37
C VAL C 130 34.49 -21.11 -10.28
N ARG C 131 35.52 -21.62 -9.63
CA ARG C 131 35.32 -22.62 -8.57
C ARG C 131 34.44 -22.01 -7.51
N GLU C 132 33.90 -20.83 -7.81
CA GLU C 132 33.05 -20.11 -6.89
C GLU C 132 31.62 -20.02 -7.39
N GLY C 133 30.77 -20.89 -6.86
CA GLY C 133 29.38 -20.89 -7.23
C GLY C 133 28.57 -21.62 -6.19
N ALA C 134 27.44 -21.04 -5.80
CA ALA C 134 26.56 -21.66 -4.83
C ALA C 134 25.64 -22.55 -5.63
N THR C 135 25.65 -23.85 -5.34
CA THR C 135 24.81 -24.80 -6.06
C THR C 135 23.99 -25.66 -5.11
N VAL C 136 22.69 -25.72 -5.37
CA VAL C 136 21.80 -26.50 -4.52
C VAL C 136 20.94 -27.39 -5.44
N TYR C 137 20.66 -28.62 -5.00
CA TYR C 137 19.88 -29.56 -5.81
C TYR C 137 18.82 -30.31 -5.00
N ALA C 138 17.87 -30.93 -5.70
CA ALA C 138 16.82 -31.67 -5.03
C ALA C 138 16.51 -32.92 -5.84
N THR C 139 16.43 -34.06 -5.16
CA THR C 139 16.15 -35.33 -5.82
C THR C 139 14.66 -35.62 -5.83
N GLY C 140 14.07 -35.69 -7.02
CA GLY C 140 12.64 -35.95 -7.12
C GLY C 140 12.30 -37.37 -7.51
N THR C 141 11.38 -37.96 -6.76
CA THR C 141 10.89 -39.32 -6.99
C THR C 141 11.87 -40.32 -7.60
N HIS C 142 11.90 -40.39 -8.92
CA HIS C 142 12.76 -41.31 -9.66
C HIS C 142 14.24 -40.98 -9.48
N ALA C 143 14.76 -41.24 -8.28
CA ALA C 143 16.16 -40.96 -7.98
C ALA C 143 16.66 -41.81 -6.82
N GLN C 144 17.73 -42.59 -7.08
CA GLN C 144 18.31 -43.45 -6.06
C GLN C 144 19.37 -42.77 -5.21
N VAL C 145 19.84 -43.49 -4.19
CA VAL C 145 20.85 -42.98 -3.27
C VAL C 145 22.20 -42.69 -3.94
N GLU C 146 22.27 -42.90 -5.24
CA GLU C 146 23.50 -42.66 -5.98
C GLU C 146 23.29 -41.52 -6.95
N ASP C 147 22.03 -41.26 -7.26
CA ASP C 147 21.67 -40.17 -8.17
C ASP C 147 22.01 -38.84 -7.52
N GLY C 148 22.19 -38.85 -6.20
CA GLY C 148 22.53 -37.64 -5.49
C GLY C 148 24.03 -37.52 -5.38
N ARG C 149 24.67 -38.60 -4.97
CA ARG C 149 26.11 -38.65 -4.80
C ARG C 149 26.89 -37.98 -5.93
N LEU C 150 26.76 -38.53 -7.14
CA LEU C 150 27.45 -37.99 -8.30
C LEU C 150 27.42 -36.47 -8.34
N MET C 151 26.22 -35.92 -8.18
CA MET C 151 26.03 -34.48 -8.19
C MET C 151 26.94 -33.72 -7.21
N GLU C 152 26.75 -33.97 -5.91
CA GLU C 152 27.54 -33.30 -4.86
C GLU C 152 29.03 -33.59 -4.90
N GLN C 153 29.56 -33.78 -6.11
CA GLN C 153 30.96 -34.05 -6.33
C GLN C 153 31.15 -33.50 -7.72
N LEU C 154 30.12 -33.71 -8.54
CA LEU C 154 30.07 -33.25 -9.92
C LEU C 154 30.13 -31.73 -9.96
N LEU C 155 29.19 -31.10 -9.27
CA LEU C 155 29.10 -29.65 -9.20
C LEU C 155 29.76 -29.16 -7.92
N SER C 156 29.94 -30.07 -6.98
CA SER C 156 30.58 -29.74 -5.72
C SER C 156 32.02 -29.39 -6.03
N SER C 157 32.35 -29.36 -7.32
CA SER C 157 33.70 -29.05 -7.76
C SER C 157 33.75 -27.66 -8.37
N VAL C 158 32.69 -26.89 -8.19
CA VAL C 158 32.63 -25.54 -8.74
C VAL C 158 31.93 -24.62 -7.75
N GLY C 159 32.30 -24.76 -6.48
CA GLY C 159 31.70 -23.95 -5.45
C GLY C 159 30.95 -24.81 -4.47
N PHE C 160 30.22 -24.18 -3.57
CA PHE C 160 29.46 -24.92 -2.57
C PHE C 160 28.34 -25.71 -3.22
N CYS C 161 27.96 -26.80 -2.57
CA CYS C 161 26.89 -27.67 -3.03
C CYS C 161 26.37 -28.57 -1.91
N THR C 162 25.05 -28.68 -1.79
CA THR C 162 24.38 -29.52 -0.79
C THR C 162 22.94 -29.74 -1.25
N GLU C 163 22.23 -30.68 -0.61
CA GLU C 163 20.85 -30.98 -0.97
C GLU C 163 19.81 -30.39 -0.03
N VAL C 164 18.65 -30.04 -0.61
CA VAL C 164 17.53 -29.44 0.11
C VAL C 164 16.24 -29.63 -0.68
N GLU C 165 15.10 -29.53 -0.02
CA GLU C 165 13.80 -29.70 -0.69
C GLU C 165 13.48 -28.58 -1.67
N GLU C 166 12.75 -28.92 -2.73
CA GLU C 166 12.39 -27.96 -3.77
C GLU C 166 11.50 -26.82 -3.29
N ASP C 167 11.02 -26.93 -2.06
CA ASP C 167 10.19 -25.90 -1.48
C ASP C 167 11.08 -24.74 -1.06
N LEU C 168 12.38 -25.00 -1.03
CA LEU C 168 13.38 -24.01 -0.63
C LEU C 168 14.12 -23.45 -1.83
N ILE C 169 14.15 -24.23 -2.90
CA ILE C 169 14.85 -23.82 -4.11
C ILE C 169 14.40 -22.45 -4.55
N ASP C 170 13.14 -22.15 -4.27
CA ASP C 170 12.60 -20.87 -4.64
C ASP C 170 13.22 -19.77 -3.78
N ALA C 171 13.54 -20.10 -2.54
CA ALA C 171 14.19 -19.16 -1.62
C ALA C 171 15.63 -18.99 -2.07
N VAL C 172 16.38 -20.09 -2.06
CA VAL C 172 17.77 -20.08 -2.48
C VAL C 172 17.98 -19.11 -3.65
N THR C 173 17.07 -19.17 -4.61
CA THR C 173 17.13 -18.30 -5.76
C THR C 173 17.25 -16.84 -5.31
N GLY C 174 16.32 -16.42 -4.46
CA GLY C 174 16.35 -15.05 -3.97
C GLY C 174 17.67 -14.72 -3.33
N LEU C 175 18.23 -15.70 -2.63
CA LEU C 175 19.50 -15.53 -1.96
C LEU C 175 20.67 -15.63 -2.94
N SER C 176 21.32 -16.80 -2.98
CA SER C 176 22.46 -16.99 -3.89
C SER C 176 22.06 -16.81 -5.34
N GLY C 177 20.81 -17.14 -5.66
CA GLY C 177 20.34 -17.03 -7.02
C GLY C 177 20.52 -15.65 -7.64
N SER C 178 20.01 -14.63 -6.97
CA SER C 178 20.14 -13.27 -7.47
C SER C 178 21.29 -12.51 -6.79
N GLY C 179 21.78 -13.07 -5.68
CA GLY C 179 22.86 -12.44 -4.94
C GLY C 179 23.88 -11.66 -5.75
N PRO C 180 24.63 -12.33 -6.63
CA PRO C 180 25.64 -11.71 -7.48
C PRO C 180 25.24 -10.33 -8.00
N ALA C 181 24.04 -10.24 -8.53
CA ALA C 181 23.55 -8.97 -9.07
C ALA C 181 23.54 -7.89 -8.00
N TYR C 182 23.29 -8.28 -6.76
CA TYR C 182 23.26 -7.33 -5.66
C TYR C 182 24.68 -6.83 -5.53
N ALA C 183 25.59 -7.79 -5.37
CA ALA C 183 27.02 -7.53 -5.24
C ALA C 183 27.54 -6.60 -6.33
N PHE C 184 27.24 -6.94 -7.57
CA PHE C 184 27.68 -6.11 -8.69
C PHE C 184 27.19 -4.70 -8.44
N THR C 185 26.00 -4.60 -7.87
CA THR C 185 25.39 -3.31 -7.56
C THR C 185 26.19 -2.70 -6.41
N ALA C 186 26.18 -3.37 -5.27
CA ALA C 186 26.93 -2.88 -4.12
C ALA C 186 28.32 -2.40 -4.55
N LEU C 187 28.90 -3.09 -5.53
CA LEU C 187 30.23 -2.74 -6.02
C LEU C 187 30.32 -1.48 -6.85
N ASP C 188 29.57 -1.42 -7.93
CA ASP C 188 29.59 -0.23 -8.75
C ASP C 188 29.34 0.98 -7.84
N ALA C 189 28.64 0.74 -6.73
CA ALA C 189 28.30 1.78 -5.76
C ALA C 189 29.55 2.21 -5.02
N LEU C 190 30.12 1.31 -4.25
CA LEU C 190 31.34 1.60 -3.50
C LEU C 190 32.36 2.30 -4.39
N ALA C 191 32.74 1.62 -5.47
CA ALA C 191 33.67 2.18 -6.42
C ALA C 191 32.94 3.25 -7.20
N ASP C 192 32.58 4.31 -6.49
CA ASP C 192 31.83 5.45 -7.02
C ASP C 192 31.97 6.41 -5.89
N GLY C 193 31.93 5.84 -4.69
CA GLY C 193 32.08 6.63 -3.49
C GLY C 193 33.58 6.87 -3.45
N GLY C 194 34.33 5.78 -3.40
CA GLY C 194 35.78 5.88 -3.36
C GLY C 194 36.26 6.80 -4.46
N VAL C 195 35.60 6.76 -5.60
CA VAL C 195 35.98 7.65 -6.67
C VAL C 195 35.67 9.04 -6.11
N LYS C 196 34.48 9.21 -5.55
CA LYS C 196 34.09 10.49 -5.00
C LYS C 196 35.15 11.05 -4.04
N MET C 197 35.97 10.17 -3.48
CA MET C 197 36.99 10.64 -2.54
C MET C 197 38.35 10.57 -3.21
N GLY C 198 38.38 10.83 -4.51
CA GLY C 198 39.62 10.78 -5.27
C GLY C 198 39.69 9.50 -6.05
N LEU C 199 40.60 8.60 -5.65
CA LEU C 199 40.79 7.31 -6.29
C LEU C 199 40.51 7.18 -7.80
N PRO C 200 41.37 6.41 -8.49
CA PRO C 200 41.23 6.18 -9.93
C PRO C 200 40.15 5.10 -10.09
N ARG C 201 39.26 5.32 -11.04
CA ARG C 201 38.15 4.39 -11.29
C ARG C 201 38.50 2.94 -11.14
N ARG C 202 39.49 2.48 -11.91
CA ARG C 202 39.86 1.10 -11.86
C ARG C 202 40.15 0.68 -10.45
N LEU C 203 41.31 1.05 -9.93
CA LEU C 203 41.72 0.72 -8.57
C LEU C 203 40.59 0.68 -7.54
N ALA C 204 39.67 1.64 -7.66
CA ALA C 204 38.52 1.74 -6.77
C ALA C 204 37.67 0.48 -6.85
N VAL C 205 37.16 0.22 -8.06
CA VAL C 205 36.33 -0.96 -8.37
C VAL C 205 36.99 -2.18 -7.75
N ARG C 206 38.25 -2.27 -8.11
CA ARG C 206 39.18 -3.31 -7.75
C ARG C 206 39.35 -3.61 -6.27
N LEU C 207 39.52 -2.56 -5.48
CA LEU C 207 39.68 -2.69 -4.04
C LEU C 207 38.37 -3.16 -3.41
N GLY C 208 37.28 -2.49 -3.78
CA GLY C 208 35.97 -2.86 -3.27
C GLY C 208 35.81 -4.36 -3.44
N ALA C 209 36.00 -4.81 -4.68
CA ALA C 209 35.89 -6.21 -4.97
C ALA C 209 36.72 -7.03 -3.97
N GLN C 210 38.01 -6.72 -3.90
CA GLN C 210 38.90 -7.43 -3.00
C GLN C 210 38.35 -7.55 -1.58
N ALA C 211 37.68 -6.51 -1.11
CA ALA C 211 37.14 -6.57 0.23
C ALA C 211 36.04 -7.64 0.30
N LEU C 212 35.01 -7.49 -0.53
CA LEU C 212 33.91 -8.45 -0.53
C LEU C 212 34.47 -9.85 -0.64
N LEU C 213 35.38 -10.00 -1.60
CA LEU C 213 36.02 -11.26 -1.82
C LEU C 213 36.53 -11.70 -0.46
N GLY C 214 37.38 -10.86 0.13
CA GLY C 214 37.97 -11.14 1.43
C GLY C 214 36.96 -11.36 2.54
N ALA C 215 36.10 -10.38 2.75
CA ALA C 215 35.06 -10.47 3.79
C ALA C 215 34.33 -11.81 3.71
N ALA C 216 33.90 -12.17 2.50
CA ALA C 216 33.18 -13.42 2.27
C ALA C 216 34.01 -14.61 2.76
N LYS C 217 35.13 -14.83 2.09
CA LYS C 217 36.02 -15.94 2.42
C LYS C 217 36.24 -15.91 3.93
N MET C 218 36.44 -14.70 4.43
CA MET C 218 36.63 -14.43 5.85
C MET C 218 35.51 -15.10 6.61
N LEU C 219 34.29 -14.77 6.20
CA LEU C 219 33.12 -15.30 6.85
C LEU C 219 33.02 -16.80 6.74
N LEU C 220 33.19 -17.30 5.52
CA LEU C 220 33.10 -18.71 5.26
C LEU C 220 34.01 -19.60 6.11
N HIS C 221 35.32 -19.37 6.07
CA HIS C 221 36.24 -20.17 6.85
C HIS C 221 36.07 -19.99 8.35
N SER C 222 35.37 -18.93 8.73
CA SER C 222 35.15 -18.63 10.13
C SER C 222 33.99 -19.42 10.76
N GLU C 223 33.93 -19.40 12.09
CA GLU C 223 32.87 -20.06 12.83
C GLU C 223 32.13 -18.89 13.46
N GLN C 224 32.70 -17.71 13.25
CA GLN C 224 32.16 -16.47 13.78
C GLN C 224 30.87 -16.04 13.12
N HIS C 225 30.16 -15.18 13.84
CA HIS C 225 28.92 -14.62 13.40
C HIS C 225 29.25 -13.29 12.76
N PRO C 226 28.71 -13.03 11.57
CA PRO C 226 28.95 -11.79 10.83
C PRO C 226 29.01 -10.58 11.73
N GLY C 227 28.22 -10.63 12.80
CA GLY C 227 28.17 -9.54 13.74
C GLY C 227 29.47 -9.45 14.52
N GLN C 228 29.89 -10.58 15.08
CA GLN C 228 31.13 -10.62 15.87
C GLN C 228 32.30 -10.19 15.01
N LEU C 229 32.15 -10.33 13.70
CA LEU C 229 33.19 -9.91 12.78
C LEU C 229 33.06 -8.42 12.51
N LYS C 230 31.82 -7.94 12.43
CA LYS C 230 31.58 -6.51 12.22
C LYS C 230 32.22 -5.83 13.42
N ASP C 231 31.84 -6.31 14.61
CA ASP C 231 32.38 -5.79 15.84
C ASP C 231 33.87 -5.74 15.67
N ASN C 232 34.49 -6.91 15.74
CA ASN C 232 35.93 -7.06 15.57
C ASN C 232 36.62 -6.01 14.68
N VAL C 233 36.07 -5.79 13.49
CA VAL C 233 36.66 -4.86 12.53
C VAL C 233 36.23 -3.39 12.65
N SER C 234 35.87 -2.98 13.86
CA SER C 234 35.45 -1.59 14.07
C SER C 234 36.21 -0.97 15.25
N SER C 235 36.65 0.26 15.09
CA SER C 235 37.39 0.97 16.14
C SER C 235 36.49 2.02 16.80
N PRO C 236 36.27 1.90 18.13
CA PRO C 236 35.43 2.82 18.90
C PRO C 236 35.49 4.24 18.36
N GLY C 237 36.71 4.68 18.08
CA GLY C 237 36.90 6.00 17.56
C GLY C 237 35.92 6.25 16.43
N GLY C 238 36.31 5.86 15.22
CA GLY C 238 35.44 6.05 14.09
C GLY C 238 35.89 5.30 12.87
N ALA C 239 35.81 5.96 11.72
CA ALA C 239 36.20 5.36 10.45
C ALA C 239 35.07 4.45 9.99
N THR C 240 35.17 3.18 10.40
CA THR C 240 34.19 2.16 10.08
C THR C 240 32.87 2.46 10.82
N ILE C 241 32.94 2.39 12.14
CA ILE C 241 31.77 2.63 12.98
C ILE C 241 30.97 3.82 12.49
N HIS C 242 31.66 4.84 11.99
CA HIS C 242 30.94 6.02 11.51
C HIS C 242 30.21 5.65 10.24
N ALA C 243 30.91 5.01 9.33
CA ALA C 243 30.34 4.59 8.06
C ALA C 243 29.08 3.76 8.29
N LEU C 244 29.21 2.71 9.10
CA LEU C 244 28.09 1.85 9.37
C LEU C 244 26.85 2.66 9.74
N HIS C 245 26.98 3.52 10.76
CA HIS C 245 25.88 4.37 11.20
C HIS C 245 25.12 4.96 10.03
N VAL C 246 25.89 5.33 9.00
CA VAL C 246 25.32 5.95 7.83
C VAL C 246 24.43 4.97 7.07
N LEU C 247 24.83 3.69 7.06
CA LEU C 247 24.05 2.66 6.37
C LEU C 247 22.82 2.45 7.21
N GLU C 248 23.04 2.11 8.47
CA GLU C 248 21.96 1.88 9.41
C GLU C 248 20.89 3.00 9.33
N SER C 249 21.31 4.22 9.03
CA SER C 249 20.36 5.31 8.92
C SER C 249 19.70 5.29 7.57
N GLY C 250 20.02 4.24 6.82
CA GLY C 250 19.44 4.08 5.50
C GLY C 250 18.60 2.83 5.38
N GLY C 251 18.55 2.05 6.45
CA GLY C 251 17.79 0.82 6.39
C GLY C 251 18.48 -0.10 5.42
N PHE C 252 19.80 0.06 5.33
CA PHE C 252 20.64 -0.76 4.46
C PHE C 252 20.39 -2.23 4.80
N ARG C 253 20.27 -2.52 6.10
CA ARG C 253 19.99 -3.88 6.55
C ARG C 253 18.76 -4.37 5.79
N SER C 254 17.72 -3.53 5.79
CA SER C 254 16.48 -3.83 5.09
C SER C 254 16.85 -4.00 3.64
N LEU C 255 16.25 -3.20 2.76
CA LEU C 255 16.52 -3.26 1.33
C LEU C 255 16.99 -4.64 0.86
N LEU C 256 18.18 -5.04 1.29
CA LEU C 256 18.72 -6.36 0.96
C LEU C 256 17.60 -7.37 1.23
N ILE C 257 17.02 -7.32 2.42
CA ILE C 257 15.94 -8.26 2.72
C ILE C 257 14.89 -8.12 1.63
N ASN C 258 14.34 -6.91 1.54
CA ASN C 258 13.33 -6.65 0.54
C ASN C 258 13.73 -7.37 -0.72
N ALA C 259 14.99 -7.21 -1.13
CA ALA C 259 15.49 -7.83 -2.36
C ALA C 259 15.42 -9.36 -2.35
N VAL C 260 16.02 -9.99 -1.36
CA VAL C 260 15.99 -11.45 -1.26
C VAL C 260 14.57 -11.93 -1.00
N GLU C 261 13.64 -11.00 -0.83
CA GLU C 261 12.26 -11.39 -0.56
C GLU C 261 11.41 -11.15 -1.78
N ALA C 262 11.95 -10.43 -2.74
CA ALA C 262 11.20 -10.16 -3.94
C ALA C 262 11.71 -11.04 -5.07
N SER C 263 12.98 -11.42 -4.98
CA SER C 263 13.58 -12.29 -5.98
C SER C 263 12.77 -13.57 -5.94
N CYS C 264 12.69 -14.13 -4.74
CA CYS C 264 11.96 -15.35 -4.45
C CYS C 264 10.47 -15.19 -4.70
N ILE C 265 9.82 -14.23 -4.04
CA ILE C 265 8.39 -14.03 -4.26
C ILE C 265 8.09 -14.10 -5.75
N ARG C 266 8.96 -13.48 -6.55
CA ARG C 266 8.81 -13.48 -8.00
C ARG C 266 9.10 -14.83 -8.61
N THR C 267 10.03 -15.57 -8.03
CA THR C 267 10.35 -16.89 -8.54
C THR C 267 9.07 -17.71 -8.42
N ARG C 268 8.39 -17.56 -7.30
CA ARG C 268 7.15 -18.28 -7.06
C ARG C 268 6.16 -17.96 -8.16
N GLU C 269 5.92 -16.66 -8.36
CA GLU C 269 4.98 -16.23 -9.38
C GLU C 269 5.28 -16.79 -10.76
N LEU C 270 6.52 -17.21 -10.96
CA LEU C 270 6.93 -17.75 -12.26
C LEU C 270 6.54 -19.19 -12.50
N GLN C 271 6.89 -20.06 -11.55
CA GLN C 271 6.56 -21.47 -11.69
C GLN C 271 5.06 -21.64 -11.62
N SER C 272 4.46 -21.04 -10.59
CA SER C 272 3.02 -21.13 -10.42
C SER C 272 2.37 -20.25 -11.49
N MET C 273 2.99 -20.23 -12.66
CA MET C 273 2.51 -19.47 -13.79
C MET C 273 2.82 -20.30 -15.03
N ALA C 274 3.76 -21.23 -14.88
CA ALA C 274 4.15 -22.11 -15.97
C ALA C 274 3.00 -23.07 -16.24
N ASP C 275 2.42 -23.57 -15.15
CA ASP C 275 1.30 -24.50 -15.19
C ASP C 275 -0.02 -23.76 -15.04
N GLN C 276 0.02 -22.64 -14.31
CA GLN C 276 -1.17 -21.83 -14.09
C GLN C 276 -1.75 -21.43 -15.44
N GLU C 277 -0.93 -21.56 -16.46
CA GLU C 277 -1.34 -21.19 -17.82
C GLU C 277 -0.24 -21.52 -18.82
N ARG D 1 6.95 -34.66 41.71
CA ARG D 1 7.95 -35.22 42.68
C ARG D 1 8.56 -36.53 42.21
N GLY D 2 7.81 -37.22 41.35
CA GLY D 2 8.26 -38.48 40.79
C GLY D 2 7.99 -38.28 39.32
N MET D 3 7.88 -37.02 38.94
CA MET D 3 7.59 -36.63 37.58
C MET D 3 8.81 -36.63 36.67
N SER D 4 8.60 -37.06 35.44
CA SER D 4 9.65 -37.14 34.42
C SER D 4 9.18 -36.31 33.22
N VAL D 5 10.11 -35.71 32.48
CA VAL D 5 9.74 -34.88 31.34
C VAL D 5 10.38 -35.26 30.02
N GLY D 6 9.66 -34.96 28.94
CA GLY D 6 10.16 -35.23 27.61
C GLY D 6 9.70 -34.20 26.59
N PHE D 7 10.57 -33.90 25.62
CA PHE D 7 10.25 -32.93 24.56
C PHE D 7 10.32 -33.64 23.24
N ILE D 8 9.29 -33.51 22.43
CA ILE D 8 9.28 -34.13 21.12
C ILE D 8 9.97 -33.13 20.21
N GLY D 9 11.10 -33.55 19.65
CA GLY D 9 11.87 -32.67 18.80
C GLY D 9 12.73 -31.82 19.69
N ALA D 10 14.03 -31.76 19.40
CA ALA D 10 14.93 -30.96 20.21
C ALA D 10 14.73 -29.48 19.86
N GLY D 11 15.78 -28.86 19.36
CA GLY D 11 15.68 -27.45 18.99
C GLY D 11 15.99 -26.48 20.10
N GLN D 12 16.04 -25.22 19.73
CA GLN D 12 16.32 -24.14 20.67
C GLN D 12 15.49 -24.32 21.93
N LEU D 13 14.26 -23.83 21.88
CA LEU D 13 13.33 -23.89 23.00
C LEU D 13 13.47 -25.15 23.86
N ALA D 14 13.68 -26.29 23.20
CA ALA D 14 13.85 -27.55 23.93
C ALA D 14 14.98 -27.37 24.94
N PHE D 15 16.16 -27.03 24.41
CA PHE D 15 17.34 -26.80 25.22
C PHE D 15 17.08 -25.74 26.30
N ALA D 16 16.45 -24.63 25.94
CA ALA D 16 16.15 -23.57 26.90
C ALA D 16 15.51 -24.15 28.15
N LEU D 17 14.28 -24.64 27.99
CA LEU D 17 13.56 -25.25 29.10
C LEU D 17 14.38 -26.37 29.71
N ALA D 18 14.86 -27.24 28.83
CA ALA D 18 15.67 -28.36 29.26
C ALA D 18 16.62 -27.84 30.35
N LYS D 19 17.32 -26.76 30.03
CA LYS D 19 18.27 -26.18 30.97
C LYS D 19 17.61 -25.47 32.15
N GLY D 20 16.67 -24.56 31.85
CA GLY D 20 16.00 -23.85 32.92
C GLY D 20 15.61 -24.82 34.03
N PHE D 21 14.91 -25.87 33.64
CA PHE D 21 14.45 -26.89 34.58
C PHE D 21 15.60 -27.51 35.36
N THR D 22 16.69 -27.76 34.66
CA THR D 22 17.87 -28.36 35.28
C THR D 22 18.41 -27.39 36.31
N ALA D 23 18.75 -26.20 35.82
CA ALA D 23 19.31 -25.13 36.62
C ALA D 23 18.38 -24.78 37.78
N ALA D 24 17.08 -24.74 37.49
CA ALA D 24 16.11 -24.41 38.52
C ALA D 24 16.13 -25.48 39.59
N GLY D 25 16.79 -26.59 39.27
CA GLY D 25 16.87 -27.69 40.21
C GLY D 25 15.53 -28.36 40.43
N VAL D 26 14.69 -28.34 39.40
CA VAL D 26 13.37 -28.95 39.48
C VAL D 26 13.52 -30.46 39.40
N LEU D 27 14.27 -30.89 38.38
CA LEU D 27 14.52 -32.30 38.16
C LEU D 27 15.88 -32.44 37.50
N ALA D 28 16.42 -33.66 37.51
CA ALA D 28 17.72 -33.92 36.94
C ALA D 28 17.68 -33.95 35.41
N ALA D 29 18.83 -33.73 34.79
CA ALA D 29 18.93 -33.73 33.33
C ALA D 29 18.62 -35.11 32.77
N HIS D 30 19.13 -36.13 33.44
CA HIS D 30 18.92 -37.51 33.03
C HIS D 30 17.45 -37.87 33.18
N LYS D 31 16.69 -36.96 33.78
CA LYS D 31 15.27 -37.18 33.99
C LYS D 31 14.45 -36.57 32.87
N ILE D 32 15.16 -36.11 31.83
CA ILE D 32 14.52 -35.50 30.69
C ILE D 32 14.82 -36.28 29.43
N MET D 33 13.93 -36.19 28.45
CA MET D 33 14.10 -36.91 27.21
C MET D 33 13.72 -36.02 26.02
N ALA D 34 14.47 -36.15 24.93
CA ALA D 34 14.19 -35.38 23.72
C ALA D 34 14.33 -36.20 22.45
N SER D 35 13.40 -36.00 21.53
CA SER D 35 13.38 -36.70 20.26
C SER D 35 14.22 -35.94 19.25
N SER D 36 15.23 -36.62 18.71
CA SER D 36 16.11 -36.00 17.73
C SER D 36 15.76 -36.45 16.31
N PRO D 37 14.71 -35.86 15.72
CA PRO D 37 14.36 -36.27 14.36
C PRO D 37 15.55 -36.00 13.43
N ASP D 38 16.58 -35.38 13.99
CA ASP D 38 17.79 -35.04 13.26
C ASP D 38 18.95 -34.79 14.22
N MET D 39 20.18 -34.89 13.70
CA MET D 39 21.38 -34.68 14.50
C MET D 39 22.19 -33.44 14.15
N ASP D 40 22.34 -32.54 15.11
CA ASP D 40 23.12 -31.32 14.90
C ASP D 40 23.90 -30.98 16.17
N LEU D 41 25.17 -30.62 16.00
CA LEU D 41 26.04 -30.26 17.13
C LEU D 41 25.40 -29.15 17.96
N ALA D 42 24.70 -28.25 17.29
CA ALA D 42 24.07 -27.12 17.97
C ALA D 42 23.20 -27.61 19.11
N THR D 43 21.89 -27.65 18.86
CA THR D 43 20.93 -28.07 19.87
C THR D 43 21.27 -29.40 20.51
N VAL D 44 21.04 -30.47 19.76
CA VAL D 44 21.28 -31.84 20.22
C VAL D 44 22.54 -32.03 21.07
N SER D 45 23.70 -31.98 20.42
CA SER D 45 24.97 -32.15 21.11
C SER D 45 24.97 -31.52 22.50
N ALA D 46 24.69 -30.22 22.56
CA ALA D 46 24.64 -29.49 23.82
C ALA D 46 23.90 -30.30 24.86
N LEU D 47 22.64 -30.62 24.56
CA LEU D 47 21.79 -31.40 25.44
C LEU D 47 22.50 -32.64 25.93
N ARG D 48 23.12 -33.36 25.00
CA ARG D 48 23.85 -34.56 25.38
C ARG D 48 24.81 -34.19 26.49
N LYS D 49 25.75 -33.31 26.16
CA LYS D 49 26.73 -32.86 27.14
C LYS D 49 25.99 -32.52 28.43
N MET D 50 24.90 -31.77 28.26
CA MET D 50 24.10 -31.36 29.40
C MET D 50 23.74 -32.52 30.31
N GLY D 51 23.60 -33.71 29.73
CA GLY D 51 23.27 -34.88 30.53
C GLY D 51 21.85 -35.37 30.29
N VAL D 52 21.11 -34.62 29.47
CA VAL D 52 19.75 -35.00 29.17
C VAL D 52 19.78 -36.20 28.23
N LYS D 53 18.70 -36.97 28.20
CA LYS D 53 18.62 -38.17 27.35
C LYS D 53 17.97 -37.91 26.01
N LEU D 54 18.56 -38.49 24.96
CA LEU D 54 18.09 -38.30 23.59
C LEU D 54 17.86 -39.57 22.76
N THR D 55 16.74 -39.59 22.04
CA THR D 55 16.37 -40.71 21.18
C THR D 55 15.71 -40.22 19.89
N PRO D 56 16.04 -40.84 18.76
CA PRO D 56 15.44 -40.43 17.49
C PRO D 56 14.03 -40.98 17.34
N HIS D 57 13.52 -41.60 18.40
CA HIS D 57 12.18 -42.17 18.37
C HIS D 57 11.24 -41.47 19.34
N ASN D 58 10.28 -40.76 18.78
CA ASN D 58 9.31 -40.00 19.57
C ASN D 58 8.45 -40.80 20.54
N LYS D 59 8.28 -42.09 20.25
CA LYS D 59 7.48 -42.94 21.14
C LYS D 59 8.28 -43.17 22.40
N GLU D 60 9.53 -43.61 22.23
CA GLU D 60 10.42 -43.86 23.37
C GLU D 60 10.28 -42.68 24.33
N THR D 61 10.26 -41.48 23.78
CA THR D 61 10.09 -40.28 24.58
C THR D 61 8.85 -40.47 25.45
N VAL D 62 7.70 -40.38 24.79
CA VAL D 62 6.40 -40.53 25.45
C VAL D 62 6.36 -41.47 26.65
N GLN D 63 6.95 -42.65 26.50
CA GLN D 63 6.97 -43.59 27.61
C GLN D 63 7.75 -42.99 28.77
N HIS D 64 8.87 -42.36 28.43
CA HIS D 64 9.75 -41.73 29.40
C HIS D 64 9.19 -40.41 29.96
N SER D 65 8.03 -39.99 29.49
CA SER D 65 7.51 -38.71 29.97
C SER D 65 6.15 -38.64 30.64
N ASP D 66 6.10 -38.13 31.87
CA ASP D 66 4.84 -37.95 32.58
C ASP D 66 4.21 -36.73 31.90
N VAL D 67 5.04 -35.71 31.70
CA VAL D 67 4.60 -34.48 31.03
C VAL D 67 5.27 -34.43 29.66
N LEU D 68 4.46 -34.18 28.64
CA LEU D 68 5.01 -34.13 27.28
C LEU D 68 4.96 -32.76 26.62
N PHE D 69 6.13 -32.32 26.19
CA PHE D 69 6.26 -31.03 25.51
C PHE D 69 6.41 -31.26 24.03
N LEU D 70 5.67 -30.47 23.27
CA LEU D 70 5.71 -30.57 21.83
C LEU D 70 6.55 -29.43 21.28
N ALA D 71 7.87 -29.54 21.43
CA ALA D 71 8.76 -28.50 20.95
C ALA D 71 9.08 -28.70 19.48
N VAL D 72 8.03 -28.78 18.67
CA VAL D 72 8.21 -28.96 17.24
C VAL D 72 7.55 -27.81 16.47
N LYS D 73 7.93 -27.68 15.21
CA LYS D 73 7.41 -26.64 14.34
C LYS D 73 5.91 -26.81 14.20
N PRO D 74 5.18 -25.71 14.10
CA PRO D 74 3.72 -25.72 13.97
C PRO D 74 3.13 -26.70 12.95
N HIS D 75 3.79 -26.85 11.82
CA HIS D 75 3.29 -27.76 10.77
C HIS D 75 3.64 -29.22 11.01
N ILE D 76 4.72 -29.47 11.74
CA ILE D 76 5.13 -30.83 12.05
C ILE D 76 4.08 -31.43 12.97
N ILE D 77 3.77 -30.69 14.04
CA ILE D 77 2.79 -31.13 15.02
C ILE D 77 1.79 -32.09 14.40
N PRO D 78 0.97 -31.61 13.44
CA PRO D 78 -0.03 -32.45 12.77
C PRO D 78 0.43 -33.89 12.60
N PHE D 79 1.66 -34.04 12.10
CA PHE D 79 2.26 -35.35 11.88
C PHE D 79 2.42 -35.98 13.25
N ILE D 80 3.39 -35.46 13.99
CA ILE D 80 3.67 -35.92 15.33
C ILE D 80 2.40 -36.38 16.02
N LEU D 81 1.43 -35.46 16.06
CA LEU D 81 0.15 -35.69 16.69
C LEU D 81 -0.41 -37.10 16.49
N ASP D 82 -0.25 -37.67 15.29
CA ASP D 82 -0.77 -39.01 15.03
C ASP D 82 0.18 -40.05 15.53
N GLU D 83 1.37 -40.08 14.93
CA GLU D 83 2.40 -41.04 15.29
C GLU D 83 2.40 -41.44 16.75
N ILE D 84 2.19 -40.44 17.60
CA ILE D 84 2.18 -40.66 19.03
C ILE D 84 0.78 -40.70 19.62
N GLY D 85 -0.19 -40.12 18.91
CA GLY D 85 -1.57 -40.11 19.40
C GLY D 85 -1.98 -41.45 19.99
N ALA D 86 -1.36 -42.52 19.51
CA ALA D 86 -1.64 -43.86 19.99
C ALA D 86 -1.01 -44.04 21.37
N ASP D 87 0.31 -43.91 21.37
CA ASP D 87 1.18 -44.07 22.55
C ASP D 87 0.84 -43.23 23.78
N ILE D 88 -0.01 -42.22 23.59
CA ILE D 88 -0.40 -41.39 24.71
C ILE D 88 -1.16 -42.26 25.73
N GLU D 89 -0.80 -42.09 27.00
CA GLU D 89 -1.40 -42.82 28.11
C GLU D 89 -2.46 -41.95 28.80
N ASP D 90 -2.80 -42.30 30.04
CA ASP D 90 -3.80 -41.54 30.78
C ASP D 90 -3.13 -40.50 31.65
N ARG D 91 -1.98 -40.86 32.20
CA ARG D 91 -1.22 -39.96 33.06
C ARG D 91 -0.76 -38.72 32.29
N HIS D 92 -0.29 -38.96 31.07
CA HIS D 92 0.21 -37.91 30.21
C HIS D 92 -0.52 -36.58 30.19
N ILE D 93 0.27 -35.52 30.29
CA ILE D 93 -0.21 -34.15 30.22
C ILE D 93 0.57 -33.62 29.04
N VAL D 94 -0.13 -33.10 28.05
CA VAL D 94 0.55 -32.59 26.89
C VAL D 94 0.53 -31.07 26.84
N VAL D 95 1.73 -30.51 26.85
CA VAL D 95 1.90 -29.07 26.78
C VAL D 95 2.64 -28.86 25.48
N SER D 96 1.97 -28.19 24.56
CA SER D 96 2.54 -27.94 23.26
C SER D 96 2.75 -26.46 23.08
N CYS D 97 3.96 -26.06 22.71
CA CYS D 97 4.25 -24.66 22.47
C CYS D 97 4.64 -24.60 21.02
N ALA D 98 3.87 -23.85 20.25
CA ALA D 98 4.08 -23.69 18.83
C ALA D 98 3.00 -22.71 18.47
N ALA D 99 3.40 -21.57 17.94
CA ALA D 99 2.47 -20.53 17.56
C ALA D 99 1.32 -21.11 16.75
N GLY D 100 0.16 -20.47 16.88
CA GLY D 100 -1.01 -20.91 16.13
C GLY D 100 -1.69 -22.16 16.64
N VAL D 101 -1.04 -23.32 16.48
CA VAL D 101 -1.59 -24.60 16.92
C VAL D 101 -2.56 -24.41 18.07
N THR D 102 -3.83 -24.74 17.83
CA THR D 102 -4.88 -24.55 18.83
C THR D 102 -5.10 -25.74 19.77
N ILE D 103 -5.67 -25.45 20.94
CA ILE D 103 -5.98 -26.51 21.91
C ILE D 103 -6.88 -27.44 21.13
N SER D 104 -8.05 -26.91 20.80
CA SER D 104 -9.05 -27.63 20.04
C SER D 104 -8.41 -28.50 18.96
N SER D 105 -7.82 -27.86 17.96
CA SER D 105 -7.18 -28.56 16.85
C SER D 105 -6.28 -29.72 17.30
N ILE D 106 -5.62 -29.55 18.44
CA ILE D 106 -4.75 -30.59 18.96
C ILE D 106 -5.58 -31.75 19.44
N GLU D 107 -6.65 -31.44 20.18
CA GLU D 107 -7.52 -32.46 20.72
C GLU D 107 -8.20 -33.27 19.62
N LYS D 108 -8.83 -32.59 18.67
CA LYS D 108 -9.50 -33.26 17.56
C LYS D 108 -8.48 -33.99 16.71
N LYS D 109 -7.71 -34.85 17.36
CA LYS D 109 -6.66 -35.60 16.72
C LYS D 109 -6.29 -36.67 17.73
N LEU D 110 -6.17 -36.25 18.97
CA LEU D 110 -5.84 -37.14 20.08
C LEU D 110 -7.13 -37.71 20.63
N SER D 111 -8.23 -37.03 20.33
CA SER D 111 -9.55 -37.48 20.76
C SER D 111 -9.78 -38.75 19.97
N ALA D 112 -9.27 -38.75 18.74
CA ALA D 112 -9.39 -39.89 17.84
C ALA D 112 -8.61 -41.09 18.40
N PHE D 113 -8.24 -41.00 19.68
CA PHE D 113 -7.53 -42.06 20.38
C PHE D 113 -8.09 -41.99 21.80
N ARG D 114 -7.20 -41.92 22.78
CA ARG D 114 -7.62 -41.83 24.18
C ARG D 114 -8.85 -40.93 24.27
N PRO D 115 -9.82 -41.30 25.14
CA PRO D 115 -11.06 -40.56 25.36
C PRO D 115 -10.91 -39.06 25.57
N ALA D 116 -10.42 -38.68 26.75
CA ALA D 116 -10.26 -37.28 27.05
C ALA D 116 -8.82 -36.86 27.34
N PRO D 117 -8.16 -36.24 26.33
CA PRO D 117 -6.79 -35.74 26.38
C PRO D 117 -6.58 -34.52 27.27
N ARG D 118 -5.69 -34.67 28.25
CA ARG D 118 -5.34 -33.61 29.18
C ARG D 118 -4.30 -32.80 28.41
N VAL D 119 -4.68 -31.60 27.95
CA VAL D 119 -3.79 -30.76 27.14
C VAL D 119 -3.78 -29.27 27.52
N ILE D 120 -2.58 -28.70 27.61
CA ILE D 120 -2.41 -27.27 27.95
C ILE D 120 -1.64 -26.53 26.87
N ARG D 121 -2.10 -25.33 26.52
CA ARG D 121 -1.41 -24.55 25.50
C ARG D 121 -0.30 -23.73 26.18
N CYS D 122 0.91 -23.92 25.69
CA CYS D 122 2.06 -23.27 26.26
C CYS D 122 2.64 -22.15 25.42
N MET D 123 3.32 -21.21 26.08
CA MET D 123 3.98 -20.11 25.39
C MET D 123 5.02 -19.38 26.22
N THR D 124 6.27 -19.51 25.81
CA THR D 124 7.37 -18.86 26.50
C THR D 124 8.35 -18.30 25.50
N ASN D 125 9.59 -18.14 25.98
CA ASN D 125 10.70 -17.63 25.20
C ASN D 125 12.00 -18.21 25.74
N THR D 126 13.09 -17.95 25.02
CA THR D 126 14.40 -18.46 25.40
C THR D 126 14.91 -18.09 26.80
N PRO D 127 14.69 -16.82 27.25
CA PRO D 127 15.13 -16.33 28.57
C PRO D 127 14.97 -17.37 29.67
N VAL D 128 14.22 -18.41 29.33
CA VAL D 128 13.98 -19.54 30.20
C VAL D 128 15.33 -20.16 30.56
N VAL D 129 16.28 -20.08 29.64
CA VAL D 129 17.59 -20.66 29.88
C VAL D 129 18.28 -20.02 31.07
N VAL D 130 17.83 -18.81 31.41
CA VAL D 130 18.40 -18.09 32.54
C VAL D 130 17.32 -17.92 33.61
N ARG D 131 16.32 -18.79 33.56
CA ARG D 131 15.22 -18.78 34.50
C ARG D 131 14.52 -17.44 34.55
N GLU D 132 14.48 -16.79 33.40
CA GLU D 132 13.85 -15.48 33.26
C GLU D 132 12.87 -15.41 32.11
N GLY D 133 12.50 -16.56 31.57
CA GLY D 133 11.55 -16.55 30.48
C GLY D 133 10.23 -15.96 30.94
N ALA D 134 9.34 -15.68 29.99
CA ALA D 134 8.03 -15.13 30.30
C ALA D 134 7.03 -16.09 29.67
N THR D 135 6.40 -16.91 30.51
CA THR D 135 5.47 -17.89 30.01
C THR D 135 4.00 -17.74 30.42
N VAL D 136 3.13 -18.03 29.48
CA VAL D 136 1.70 -17.97 29.71
C VAL D 136 1.11 -19.26 29.15
N TYR D 137 0.01 -19.73 29.74
CA TYR D 137 -0.62 -20.97 29.27
C TYR D 137 -2.14 -20.92 29.22
N ALA D 138 -2.68 -21.89 28.50
CA ALA D 138 -4.12 -22.04 28.33
C ALA D 138 -4.49 -23.45 28.74
N THR D 139 -5.36 -23.53 29.73
CA THR D 139 -5.83 -24.80 30.26
C THR D 139 -6.76 -25.47 29.23
N GLY D 140 -6.48 -26.73 28.92
CA GLY D 140 -7.28 -27.43 27.93
C GLY D 140 -8.67 -27.87 28.32
N THR D 141 -9.34 -28.50 27.36
CA THR D 141 -10.70 -28.99 27.54
C THR D 141 -10.78 -30.07 28.62
N HIS D 142 -9.93 -31.08 28.51
CA HIS D 142 -9.93 -32.18 29.48
C HIS D 142 -8.81 -32.00 30.49
N ALA D 143 -8.26 -30.79 30.52
CA ALA D 143 -7.19 -30.49 31.45
C ALA D 143 -7.80 -30.18 32.83
N GLN D 144 -7.48 -31.03 33.79
CA GLN D 144 -7.98 -30.88 35.16
C GLN D 144 -7.52 -29.60 35.84
N VAL D 145 -7.38 -29.69 37.16
CA VAL D 145 -6.94 -28.55 37.96
C VAL D 145 -5.50 -28.73 38.35
N GLU D 146 -5.22 -29.80 39.09
CA GLU D 146 -3.86 -30.07 39.53
C GLU D 146 -2.97 -30.09 38.30
N ASP D 147 -3.59 -30.16 37.12
CA ASP D 147 -2.82 -30.14 35.90
C ASP D 147 -2.26 -28.73 35.79
N GLY D 148 -3.16 -27.76 35.65
CA GLY D 148 -2.72 -26.38 35.56
C GLY D 148 -1.79 -26.08 36.72
N ARG D 149 -2.25 -26.33 37.94
CA ARG D 149 -1.43 -26.10 39.11
C ARG D 149 -0.01 -26.65 38.93
N LEU D 150 0.10 -27.82 38.30
CA LEU D 150 1.42 -28.43 38.08
C LEU D 150 2.17 -27.69 36.99
N MET D 151 1.43 -27.14 36.05
CA MET D 151 2.03 -26.38 34.97
C MET D 151 2.76 -25.19 35.58
N GLU D 152 2.02 -24.36 36.31
CA GLU D 152 2.57 -23.18 36.95
C GLU D 152 3.85 -23.47 37.71
N GLN D 153 3.76 -24.29 38.75
CA GLN D 153 4.94 -24.63 39.54
C GLN D 153 6.12 -24.85 38.60
N LEU D 154 5.85 -25.65 37.56
CA LEU D 154 6.83 -26.02 36.56
C LEU D 154 7.47 -24.85 35.81
N LEU D 155 6.64 -24.06 35.14
CA LEU D 155 7.16 -22.94 34.39
C LEU D 155 7.41 -21.70 35.24
N SER D 156 6.78 -21.63 36.39
CA SER D 156 7.02 -20.51 37.26
C SER D 156 8.40 -20.68 37.86
N SER D 157 8.98 -21.87 37.70
CA SER D 157 10.31 -22.13 38.26
C SER D 157 11.42 -21.63 37.35
N VAL D 158 11.05 -21.12 36.20
CA VAL D 158 12.02 -20.59 35.26
C VAL D 158 11.42 -19.34 34.63
N GLY D 159 11.24 -18.34 35.47
CA GLY D 159 10.67 -17.09 35.01
C GLY D 159 9.19 -16.98 35.30
N PHE D 160 8.64 -15.82 34.98
CA PHE D 160 7.23 -15.52 35.16
C PHE D 160 6.39 -16.66 34.59
N CYS D 161 5.11 -16.71 34.95
CA CYS D 161 4.20 -17.75 34.48
C CYS D 161 2.76 -17.47 34.94
N THR D 162 1.86 -17.24 33.99
CA THR D 162 0.44 -16.97 34.30
C THR D 162 -0.53 -17.57 33.27
N GLU D 163 -1.75 -17.87 33.70
CA GLU D 163 -2.76 -18.43 32.80
C GLU D 163 -3.40 -17.36 31.95
N VAL D 164 -3.95 -17.78 30.82
CA VAL D 164 -4.59 -16.85 29.90
C VAL D 164 -5.67 -17.48 29.03
N GLU D 165 -6.68 -16.68 28.69
CA GLU D 165 -7.77 -17.14 27.83
C GLU D 165 -7.11 -17.31 26.46
N GLU D 166 -6.89 -18.55 26.05
CA GLU D 166 -6.24 -18.87 24.77
C GLU D 166 -6.30 -17.85 23.64
N ASP D 167 -7.43 -17.18 23.44
CA ASP D 167 -7.52 -16.19 22.36
C ASP D 167 -6.49 -15.04 22.44
N LEU D 168 -5.68 -15.04 23.50
CA LEU D 168 -4.65 -14.03 23.68
C LEU D 168 -3.31 -14.58 23.23
N ILE D 169 -3.11 -15.86 23.51
CA ILE D 169 -1.88 -16.56 23.19
C ILE D 169 -1.19 -16.09 21.90
N ASP D 170 -1.94 -15.56 20.95
CA ASP D 170 -1.32 -15.09 19.72
C ASP D 170 -0.64 -13.75 19.91
N ALA D 171 -1.36 -12.80 20.50
CA ALA D 171 -0.78 -11.48 20.77
C ALA D 171 0.44 -11.71 21.64
N VAL D 172 0.26 -12.41 22.75
CA VAL D 172 1.35 -12.70 23.65
C VAL D 172 2.52 -13.27 22.87
N THR D 173 2.24 -13.83 21.70
CA THR D 173 3.34 -14.38 20.91
C THR D 173 4.15 -13.21 20.42
N GLY D 174 3.48 -12.26 19.78
CA GLY D 174 4.16 -11.11 19.26
C GLY D 174 4.95 -10.40 20.34
N LEU D 175 4.31 -10.12 21.46
CA LEU D 175 4.97 -9.42 22.55
C LEU D 175 6.01 -10.25 23.31
N SER D 176 5.55 -11.16 24.15
CA SER D 176 6.46 -11.98 24.94
C SER D 176 7.22 -13.03 24.14
N GLY D 177 6.71 -13.39 22.97
CA GLY D 177 7.38 -14.40 22.17
C GLY D 177 8.60 -13.95 21.40
N SER D 178 8.42 -12.95 20.55
CA SER D 178 9.49 -12.40 19.73
C SER D 178 10.37 -11.44 20.52
N GLY D 179 9.74 -10.61 21.36
CA GLY D 179 10.44 -9.64 22.20
C GLY D 179 11.94 -9.78 22.36
N PRO D 180 12.41 -10.89 22.96
CA PRO D 180 13.84 -11.13 23.17
C PRO D 180 14.67 -10.79 21.93
N ALA D 181 14.09 -11.00 20.75
CA ALA D 181 14.76 -10.74 19.48
C ALA D 181 14.89 -9.24 19.29
N TYR D 182 13.85 -8.54 19.72
CA TYR D 182 13.81 -7.09 19.65
C TYR D 182 14.90 -6.55 20.56
N ALA D 183 14.95 -7.10 21.76
CA ALA D 183 15.94 -6.68 22.72
C ALA D 183 17.30 -6.86 22.09
N PHE D 184 17.61 -8.10 21.74
CA PHE D 184 18.88 -8.43 21.12
C PHE D 184 19.20 -7.46 20.01
N THR D 185 18.20 -7.11 19.23
CA THR D 185 18.39 -6.18 18.14
C THR D 185 18.64 -4.79 18.69
N ALA D 186 18.02 -4.48 19.81
CA ALA D 186 18.18 -3.18 20.44
C ALA D 186 19.51 -3.11 21.16
N LEU D 187 19.90 -4.19 21.82
CA LEU D 187 21.18 -4.26 22.55
C LEU D 187 22.37 -4.17 21.62
N ASP D 188 22.18 -4.66 20.40
CA ASP D 188 23.23 -4.62 19.41
C ASP D 188 23.39 -3.20 18.93
N ALA D 189 22.28 -2.59 18.55
CA ALA D 189 22.30 -1.21 18.06
C ALA D 189 23.00 -0.28 19.05
N LEU D 190 22.69 -0.42 20.34
CA LEU D 190 23.31 0.42 21.34
C LEU D 190 24.81 0.18 21.36
N ALA D 191 25.21 -1.09 21.44
CA ALA D 191 26.62 -1.45 21.45
C ALA D 191 27.30 -0.65 20.35
N ASP D 192 26.66 -0.60 19.19
CA ASP D 192 27.22 0.16 18.09
C ASP D 192 27.29 1.62 18.54
N GLY D 193 26.20 2.10 19.12
CA GLY D 193 26.15 3.46 19.62
C GLY D 193 27.33 3.66 20.54
N GLY D 194 27.32 2.93 21.65
CA GLY D 194 28.42 3.05 22.58
C GLY D 194 29.74 3.23 21.85
N VAL D 195 30.14 2.20 21.09
CA VAL D 195 31.37 2.25 20.34
C VAL D 195 31.58 3.54 19.59
N LYS D 196 30.68 3.85 18.68
CA LYS D 196 30.84 5.05 17.91
C LYS D 196 31.24 6.24 18.79
N MET D 197 30.86 6.21 20.06
CA MET D 197 31.21 7.27 20.99
C MET D 197 32.47 6.84 21.73
N GLY D 198 33.37 6.19 21.00
CA GLY D 198 34.62 5.74 21.57
C GLY D 198 34.55 4.67 22.64
N LEU D 199 33.40 4.04 22.85
CA LEU D 199 33.34 3.01 23.88
C LEU D 199 33.76 1.65 23.35
N PRO D 200 34.58 0.92 24.11
CA PRO D 200 35.04 -0.41 23.67
C PRO D 200 33.85 -1.36 23.64
N ARG D 201 33.78 -2.17 22.59
CA ARG D 201 32.68 -3.11 22.41
C ARG D 201 32.36 -3.89 23.66
N ARG D 202 33.20 -4.88 23.93
CA ARG D 202 32.99 -5.73 25.08
C ARG D 202 32.46 -4.98 26.27
N LEU D 203 32.75 -3.69 26.36
CA LEU D 203 32.26 -2.90 27.47
C LEU D 203 30.89 -2.34 27.17
N ALA D 204 30.83 -1.57 26.10
CA ALA D 204 29.60 -0.93 25.63
C ALA D 204 28.44 -1.91 25.55
N VAL D 205 28.61 -2.91 24.69
CA VAL D 205 27.63 -3.95 24.47
C VAL D 205 27.41 -4.72 25.75
N ARG D 206 27.69 -4.09 26.88
CA ARG D 206 27.57 -4.77 28.15
C ARG D 206 27.04 -3.90 29.29
N LEU D 207 26.76 -2.65 28.97
CA LEU D 207 26.24 -1.69 29.91
C LEU D 207 24.79 -1.49 29.50
N GLY D 208 24.58 -1.43 28.19
CA GLY D 208 23.24 -1.27 27.65
C GLY D 208 22.39 -2.46 28.08
N ALA D 209 23.04 -3.61 28.22
CA ALA D 209 22.32 -4.79 28.67
C ALA D 209 21.94 -4.48 30.11
N GLN D 210 22.96 -4.29 30.94
CA GLN D 210 22.74 -3.98 32.35
C GLN D 210 21.72 -2.87 32.49
N ALA D 211 21.75 -1.93 31.56
CA ALA D 211 20.81 -0.82 31.60
C ALA D 211 19.39 -1.36 31.46
N LEU D 212 19.13 -2.11 30.39
CA LEU D 212 17.79 -2.68 30.18
C LEU D 212 17.32 -3.51 31.35
N LEU D 213 18.08 -4.56 31.67
CA LEU D 213 17.71 -5.41 32.79
C LEU D 213 17.32 -4.56 34.02
N GLY D 214 18.06 -3.49 34.25
CA GLY D 214 17.74 -2.63 35.37
C GLY D 214 16.44 -1.91 35.10
N ALA D 215 16.38 -1.26 33.94
CA ALA D 215 15.18 -0.53 33.55
C ALA D 215 13.97 -1.40 33.75
N ALA D 216 14.05 -2.63 33.22
CA ALA D 216 12.97 -3.61 33.31
C ALA D 216 12.64 -3.90 34.76
N LYS D 217 13.57 -4.55 35.44
CA LYS D 217 13.39 -4.90 36.85
C LYS D 217 12.76 -3.74 37.61
N MET D 218 13.09 -2.52 37.21
CA MET D 218 12.57 -1.34 37.87
C MET D 218 11.05 -1.17 37.73
N LEU D 219 10.54 -1.23 36.50
CA LEU D 219 9.11 -1.07 36.26
C LEU D 219 8.31 -2.27 36.77
N LEU D 220 8.96 -3.42 36.85
CA LEU D 220 8.30 -4.62 37.31
C LEU D 220 7.99 -4.52 38.79
N HIS D 221 8.95 -4.08 39.58
CA HIS D 221 8.75 -3.91 41.01
C HIS D 221 8.17 -2.53 41.28
N SER D 222 7.21 -2.11 40.46
CA SER D 222 6.60 -0.80 40.64
C SER D 222 5.50 -0.48 39.65
N GLU D 223 4.26 -0.56 40.10
CA GLU D 223 3.12 -0.23 39.25
C GLU D 223 3.17 1.27 38.95
N GLN D 224 4.38 1.79 38.75
CA GLN D 224 4.60 3.20 38.46
C GLN D 224 4.12 3.69 37.10
N HIS D 225 4.38 2.88 36.08
CA HIS D 225 4.02 3.18 34.69
C HIS D 225 5.22 3.82 34.02
N PRO D 226 5.52 3.38 32.79
CA PRO D 226 6.63 3.87 31.99
C PRO D 226 6.78 5.39 32.00
N GLY D 227 5.93 6.07 31.25
CA GLY D 227 5.99 7.53 31.18
C GLY D 227 6.49 8.18 32.46
N GLN D 228 6.02 7.67 33.59
CA GLN D 228 6.44 8.20 34.86
C GLN D 228 7.94 8.02 35.00
N LEU D 229 8.36 6.83 35.35
CA LEU D 229 9.78 6.54 35.51
C LEU D 229 10.65 7.14 34.41
N LYS D 230 10.09 7.33 33.22
CA LYS D 230 10.85 7.92 32.13
C LYS D 230 11.20 9.33 32.57
N ASP D 231 10.16 10.09 32.89
CA ASP D 231 10.30 11.45 33.36
C ASP D 231 11.33 11.50 34.48
N ASN D 232 11.12 10.68 35.50
CA ASN D 232 12.03 10.63 36.64
C ASN D 232 13.50 10.51 36.28
N VAL D 233 13.80 10.25 35.02
CA VAL D 233 15.20 10.11 34.60
C VAL D 233 15.52 11.17 33.56
N SER D 234 14.91 12.34 33.71
CA SER D 234 15.12 13.39 32.72
C SER D 234 15.33 14.79 33.28
N SER D 235 16.58 15.21 33.48
CA SER D 235 16.83 16.56 33.99
C SER D 235 16.37 17.51 32.87
N PRO D 236 15.66 18.58 33.23
CA PRO D 236 15.16 19.53 32.22
C PRO D 236 16.22 20.06 31.28
N GLY D 237 17.47 20.03 31.73
CA GLY D 237 18.56 20.51 30.90
C GLY D 237 18.64 19.80 29.55
N GLY D 238 19.18 18.59 29.58
CA GLY D 238 19.33 17.84 28.36
C GLY D 238 19.90 16.44 28.47
N ALA D 239 20.50 16.00 27.36
CA ALA D 239 21.07 14.67 27.22
C ALA D 239 19.90 13.71 27.11
N THR D 240 19.61 12.98 28.18
CA THR D 240 18.51 12.02 28.16
C THR D 240 17.29 12.56 27.43
N ILE D 241 16.82 13.74 27.79
CA ILE D 241 15.67 14.31 27.11
C ILE D 241 16.01 14.50 25.65
N HIS D 242 17.24 14.93 25.39
CA HIS D 242 17.66 15.16 24.03
C HIS D 242 17.68 13.87 23.22
N ALA D 243 18.17 12.81 23.82
CA ALA D 243 18.21 11.51 23.14
C ALA D 243 16.75 11.20 22.84
N LEU D 244 15.93 11.28 23.87
CA LEU D 244 14.51 11.05 23.72
C LEU D 244 13.94 11.75 22.50
N HIS D 245 14.06 13.07 22.45
CA HIS D 245 13.50 13.79 21.31
C HIS D 245 13.97 13.17 20.01
N VAL D 246 15.15 12.59 20.05
CA VAL D 246 15.70 11.97 18.85
C VAL D 246 14.93 10.69 18.51
N LEU D 247 14.89 9.73 19.43
CA LEU D 247 14.16 8.48 19.20
C LEU D 247 12.76 8.87 18.78
N GLU D 248 12.19 9.79 19.55
CA GLU D 248 10.85 10.24 19.26
C GLU D 248 10.70 10.65 17.81
N SER D 249 11.70 11.34 17.29
CA SER D 249 11.69 11.82 15.89
C SER D 249 11.79 10.72 14.83
N GLY D 250 12.07 9.50 15.26
CA GLY D 250 12.16 8.40 14.31
C GLY D 250 11.02 7.43 14.52
N GLY D 251 9.91 7.90 15.05
CA GLY D 251 8.78 7.00 15.30
C GLY D 251 9.22 5.73 16.01
N PHE D 252 10.26 5.83 16.84
CA PHE D 252 10.77 4.69 17.59
C PHE D 252 9.64 3.88 18.20
N ARG D 253 8.69 4.57 18.81
CA ARG D 253 7.56 3.89 19.40
C ARG D 253 6.90 3.07 18.30
N SER D 254 6.49 3.76 17.23
CA SER D 254 5.82 3.14 16.09
C SER D 254 6.46 1.82 15.70
N LEU D 255 7.75 1.86 15.41
CA LEU D 255 8.44 0.66 14.99
C LEU D 255 8.28 -0.47 16.00
N LEU D 256 8.20 -0.16 17.29
CA LEU D 256 8.04 -1.25 18.24
C LEU D 256 6.61 -1.78 18.22
N ILE D 257 5.66 -0.96 17.79
CA ILE D 257 4.29 -1.43 17.74
C ILE D 257 4.24 -2.29 16.49
N ASN D 258 4.65 -1.70 15.37
CA ASN D 258 4.69 -2.37 14.08
C ASN D 258 5.26 -3.77 14.26
N ALA D 259 6.31 -3.85 15.05
CA ALA D 259 6.99 -5.10 15.35
C ALA D 259 5.98 -6.13 15.86
N VAL D 260 5.40 -5.81 17.01
CA VAL D 260 4.42 -6.66 17.66
C VAL D 260 3.31 -7.05 16.70
N GLU D 261 2.55 -6.05 16.27
CA GLU D 261 1.47 -6.30 15.34
C GLU D 261 1.94 -7.31 14.31
N ALA D 262 2.97 -6.96 13.55
CA ALA D 262 3.52 -7.79 12.50
C ALA D 262 3.76 -9.23 12.89
N SER D 263 4.38 -9.44 14.04
CA SER D 263 4.65 -10.79 14.47
C SER D 263 3.40 -11.53 14.87
N CYS D 264 2.44 -10.80 15.46
CA CYS D 264 1.17 -11.40 15.88
C CYS D 264 0.37 -11.84 14.64
N ILE D 265 0.22 -10.93 13.69
CA ILE D 265 -0.49 -11.20 12.45
C ILE D 265 0.08 -12.43 11.77
N ARG D 266 1.39 -12.60 11.81
CA ARG D 266 2.02 -13.76 11.19
C ARG D 266 1.59 -15.04 11.91
N THR D 267 1.67 -15.02 13.23
CA THR D 267 1.28 -16.20 14.00
C THR D 267 -0.16 -16.60 13.73
N ARG D 268 -1.00 -15.63 13.38
CA ARG D 268 -2.38 -15.94 13.07
C ARG D 268 -2.44 -16.60 11.68
N GLU D 269 -2.00 -15.89 10.64
CA GLU D 269 -1.99 -16.43 9.29
C GLU D 269 -1.35 -17.81 9.27
N LEU D 270 -0.36 -17.98 10.14
CA LEU D 270 0.34 -19.24 10.29
C LEU D 270 -0.70 -20.34 10.47
N GLN D 271 -1.39 -20.30 11.61
CA GLN D 271 -2.44 -21.25 11.97
C GLN D 271 -3.58 -21.09 10.97
N SER D 272 -3.88 -19.83 10.63
CA SER D 272 -4.95 -19.47 9.70
C SER D 272 -4.97 -20.28 8.41
N MET D 273 -4.04 -21.22 8.28
CA MET D 273 -3.98 -22.07 7.10
C MET D 273 -3.35 -23.40 7.47
N ALA D 274 -3.24 -23.64 8.77
CA ALA D 274 -2.68 -24.88 9.28
C ALA D 274 -3.86 -25.82 9.50
N ASP D 275 -4.98 -25.22 9.93
CA ASP D 275 -6.21 -25.96 10.19
C ASP D 275 -7.06 -26.05 8.94
N GLN D 276 -6.86 -25.13 8.01
CA GLN D 276 -7.61 -25.12 6.76
C GLN D 276 -7.08 -26.20 5.83
N GLU D 277 -5.97 -25.85 5.19
CA GLU D 277 -5.29 -26.72 4.23
C GLU D 277 -4.39 -27.73 4.91
N ARG E 1 -35.96 35.04 -20.88
CA ARG E 1 -36.83 36.23 -21.13
C ARG E 1 -37.93 36.32 -20.08
N GLY E 2 -38.91 35.43 -20.21
CA GLY E 2 -39.98 35.39 -19.24
C GLY E 2 -39.77 34.10 -18.47
N MET E 3 -38.49 33.70 -18.37
CA MET E 3 -38.09 32.49 -17.68
C MET E 3 -38.05 32.73 -16.18
N SER E 4 -38.27 31.69 -15.39
CA SER E 4 -38.22 31.80 -13.92
C SER E 4 -37.42 30.62 -13.37
N VAL E 5 -36.76 30.81 -12.23
CA VAL E 5 -35.94 29.72 -11.67
C VAL E 5 -36.22 29.32 -10.24
N GLY E 6 -36.00 28.04 -9.97
CA GLY E 6 -36.21 27.48 -8.65
C GLY E 6 -35.23 26.36 -8.42
N PHE E 7 -34.84 26.21 -7.16
CA PHE E 7 -33.89 25.18 -6.75
C PHE E 7 -34.47 24.29 -5.68
N ILE E 8 -34.49 22.99 -5.94
CA ILE E 8 -34.99 22.04 -4.97
C ILE E 8 -33.89 21.87 -3.94
N GLY E 9 -34.10 22.44 -2.76
CA GLY E 9 -33.12 22.36 -1.71
C GLY E 9 -32.25 23.61 -1.79
N ALA E 10 -31.87 24.15 -0.63
CA ALA E 10 -31.03 25.34 -0.58
C ALA E 10 -29.55 24.95 -0.56
N GLY E 11 -28.83 25.45 0.45
CA GLY E 11 -27.43 25.15 0.58
C GLY E 11 -26.52 26.12 -0.13
N GLN E 12 -25.23 26.01 0.16
CA GLN E 12 -24.24 26.87 -0.46
C GLN E 12 -24.44 26.98 -1.96
N LEU E 13 -24.40 25.84 -2.66
CA LEU E 13 -24.55 25.83 -4.11
C LEU E 13 -25.81 26.52 -4.58
N ALA E 14 -26.88 26.40 -3.79
CA ALA E 14 -28.15 27.05 -4.11
C ALA E 14 -27.84 28.53 -4.07
N PHE E 15 -27.42 28.96 -2.89
CA PHE E 15 -27.04 30.34 -2.67
C PHE E 15 -26.11 30.82 -3.79
N ALA E 16 -24.90 30.25 -3.85
CA ALA E 16 -23.90 30.59 -4.86
C ALA E 16 -24.50 31.04 -6.17
N LEU E 17 -25.25 30.13 -6.79
CA LEU E 17 -25.92 30.41 -8.05
C LEU E 17 -26.98 31.47 -7.86
N ALA E 18 -27.65 31.45 -6.72
CA ALA E 18 -28.69 32.43 -6.46
C ALA E 18 -28.12 33.81 -6.78
N LYS E 19 -27.04 34.17 -6.07
CA LYS E 19 -26.39 35.47 -6.25
C LYS E 19 -25.91 35.70 -7.66
N GLY E 20 -24.97 34.87 -8.11
CA GLY E 20 -24.46 35.01 -9.46
C GLY E 20 -25.53 35.60 -10.35
N PHE E 21 -26.55 34.81 -10.60
CA PHE E 21 -27.68 35.17 -11.45
C PHE E 21 -28.28 36.53 -11.20
N THR E 22 -28.62 36.79 -9.94
CA THR E 22 -29.21 38.08 -9.58
C THR E 22 -28.14 39.14 -9.70
N ALA E 23 -26.99 38.87 -9.09
CA ALA E 23 -25.87 39.79 -9.14
C ALA E 23 -25.49 40.00 -10.61
N ALA E 24 -25.79 39.02 -11.44
CA ALA E 24 -25.48 39.11 -12.85
C ALA E 24 -26.56 39.96 -13.52
N GLY E 25 -27.70 40.10 -12.83
CA GLY E 25 -28.79 40.87 -13.37
C GLY E 25 -29.49 40.11 -14.48
N VAL E 26 -29.54 38.79 -14.33
CA VAL E 26 -30.17 37.95 -15.34
C VAL E 26 -31.67 37.91 -15.04
N LEU E 27 -32.00 37.84 -13.75
CA LEU E 27 -33.38 37.80 -13.28
C LEU E 27 -33.42 38.27 -11.83
N ALA E 28 -34.52 38.89 -11.46
CA ALA E 28 -34.70 39.40 -10.11
C ALA E 28 -34.65 38.27 -9.10
N ALA E 29 -34.35 38.62 -7.85
CA ALA E 29 -34.29 37.64 -6.77
C ALA E 29 -35.70 37.18 -6.47
N HIS E 30 -36.63 38.12 -6.55
CA HIS E 30 -38.02 37.81 -6.26
C HIS E 30 -38.57 36.81 -7.27
N LYS E 31 -37.73 36.36 -8.19
CA LYS E 31 -38.18 35.40 -9.19
C LYS E 31 -37.43 34.07 -9.07
N ILE E 32 -37.12 33.69 -7.83
CA ILE E 32 -36.38 32.46 -7.57
C ILE E 32 -36.95 31.72 -6.38
N MET E 33 -37.11 30.40 -6.49
CA MET E 33 -37.61 29.61 -5.37
C MET E 33 -36.62 28.54 -4.99
N ALA E 34 -36.63 28.18 -3.72
CA ALA E 34 -35.73 27.16 -3.22
C ALA E 34 -36.47 26.28 -2.22
N SER E 35 -36.49 24.97 -2.49
CA SER E 35 -37.17 24.05 -1.58
C SER E 35 -36.49 24.18 -0.23
N SER E 36 -37.29 24.50 0.79
CA SER E 36 -36.79 24.68 2.15
C SER E 36 -36.95 23.40 2.97
N PRO E 37 -36.18 22.34 2.64
CA PRO E 37 -36.34 21.14 3.45
C PRO E 37 -35.95 21.38 4.89
N ASP E 38 -35.30 22.52 5.16
CA ASP E 38 -34.89 22.84 6.52
C ASP E 38 -35.02 24.31 6.90
N MET E 39 -33.96 24.86 7.52
CA MET E 39 -33.99 26.25 7.96
C MET E 39 -32.69 26.72 8.64
N ASP E 40 -31.84 27.42 7.90
CA ASP E 40 -30.59 27.88 8.49
C ASP E 40 -30.03 29.19 8.01
N LEU E 41 -29.24 29.80 8.88
CA LEU E 41 -28.53 31.03 8.58
C LEU E 41 -27.41 30.53 7.67
N ALA E 42 -27.26 29.20 7.66
CA ALA E 42 -26.26 28.54 6.85
C ALA E 42 -26.58 28.73 5.38
N THR E 43 -27.85 29.02 5.10
CA THR E 43 -28.29 29.23 3.72
C THR E 43 -29.61 30.00 3.66
N VAL E 44 -30.68 29.31 4.02
CA VAL E 44 -32.03 29.86 4.03
C VAL E 44 -32.11 31.38 4.24
N SER E 45 -31.83 31.81 5.46
CA SER E 45 -31.87 33.21 5.83
C SER E 45 -31.31 34.11 4.73
N ALA E 46 -30.10 33.81 4.27
CA ALA E 46 -29.45 34.58 3.21
C ALA E 46 -30.38 34.64 2.01
N LEU E 47 -30.83 33.46 1.59
CA LEU E 47 -31.73 33.34 0.47
C LEU E 47 -32.95 34.20 0.67
N ARG E 48 -33.09 34.78 1.85
CA ARG E 48 -34.21 35.67 2.14
C ARG E 48 -33.76 37.10 1.96
N LYS E 49 -32.92 37.55 2.90
CA LYS E 49 -32.39 38.90 2.86
C LYS E 49 -32.17 39.24 1.39
N MET E 50 -31.46 38.34 0.73
CA MET E 50 -31.11 38.46 -0.67
C MET E 50 -32.30 38.20 -1.60
N GLY E 51 -33.51 38.54 -1.15
CA GLY E 51 -34.67 38.30 -1.99
C GLY E 51 -34.95 36.81 -2.05
N VAL E 52 -35.26 36.28 -3.23
CA VAL E 52 -35.51 34.85 -3.42
C VAL E 52 -36.60 34.24 -2.53
N LYS E 53 -37.52 33.49 -3.16
CA LYS E 53 -38.62 32.85 -2.45
C LYS E 53 -38.21 31.48 -1.90
N LEU E 54 -38.77 31.12 -0.75
CA LEU E 54 -38.46 29.85 -0.09
C LEU E 54 -39.69 29.00 0.20
N THR E 55 -39.68 27.78 -0.32
CA THR E 55 -40.79 26.85 -0.13
C THR E 55 -40.33 25.59 0.54
N PRO E 56 -40.75 25.37 1.80
CA PRO E 56 -40.31 24.13 2.45
C PRO E 56 -40.79 22.93 1.61
N HIS E 57 -41.54 23.24 0.56
CA HIS E 57 -42.10 22.25 -0.33
C HIS E 57 -41.50 22.26 -1.72
N ASN E 58 -40.79 21.19 -2.03
CA ASN E 58 -40.13 21.04 -3.32
C ASN E 58 -41.14 21.17 -4.46
N LYS E 59 -42.41 20.96 -4.13
CA LYS E 59 -43.50 21.06 -5.11
C LYS E 59 -43.66 22.47 -5.67
N GLU E 60 -44.13 23.39 -4.82
CA GLU E 60 -44.33 24.78 -5.19
C GLU E 60 -43.19 25.27 -6.06
N THR E 61 -41.98 24.97 -5.59
CA THR E 61 -40.75 25.33 -6.28
C THR E 61 -40.90 24.97 -7.74
N VAL E 62 -41.04 23.67 -7.99
CA VAL E 62 -41.20 23.17 -9.34
C VAL E 62 -42.21 23.94 -10.16
N GLN E 63 -43.48 23.86 -9.75
CA GLN E 63 -44.55 24.56 -10.46
C GLN E 63 -44.03 25.92 -10.88
N HIS E 64 -43.68 26.70 -9.87
CA HIS E 64 -43.18 28.05 -10.05
C HIS E 64 -41.96 28.17 -10.97
N SER E 65 -41.18 27.11 -11.05
CA SER E 65 -39.96 27.12 -11.84
C SER E 65 -40.01 26.64 -13.28
N ASP E 66 -39.39 27.44 -14.16
CA ASP E 66 -39.26 27.08 -15.56
C ASP E 66 -38.06 26.13 -15.52
N VAL E 67 -36.89 26.68 -15.17
CA VAL E 67 -35.65 25.90 -15.06
C VAL E 67 -35.49 25.38 -13.64
N LEU E 68 -35.34 24.08 -13.51
CA LEU E 68 -35.22 23.50 -12.19
C LEU E 68 -33.86 22.89 -11.91
N PHE E 69 -33.14 23.49 -10.97
CA PHE E 69 -31.84 22.97 -10.59
C PHE E 69 -32.04 21.93 -9.53
N LEU E 70 -31.04 21.09 -9.35
CA LEU E 70 -31.10 20.04 -8.34
C LEU E 70 -29.85 20.07 -7.47
N ALA E 71 -29.87 20.95 -6.47
CA ALA E 71 -28.73 21.11 -5.56
C ALA E 71 -29.01 20.59 -4.15
N VAL E 72 -28.96 19.27 -3.98
CA VAL E 72 -29.22 18.69 -2.68
C VAL E 72 -28.52 17.34 -2.49
N LYS E 73 -27.29 17.24 -3.00
CA LYS E 73 -26.52 16.00 -2.83
C LYS E 73 -27.08 14.82 -3.61
N PRO E 74 -26.22 13.84 -3.91
CA PRO E 74 -26.62 12.64 -4.66
C PRO E 74 -27.47 11.71 -3.80
N HIS E 75 -27.12 11.65 -2.51
CA HIS E 75 -27.82 10.80 -1.56
C HIS E 75 -29.23 11.30 -1.33
N ILE E 76 -29.78 12.01 -2.31
CA ILE E 76 -31.12 12.55 -2.18
C ILE E 76 -31.81 12.51 -3.53
N ILE E 77 -31.08 12.88 -4.58
CA ILE E 77 -31.61 12.89 -5.95
C ILE E 77 -32.70 11.85 -6.16
N PRO E 78 -32.43 10.59 -5.80
CA PRO E 78 -33.42 9.51 -5.96
C PRO E 78 -34.77 9.91 -5.37
N PHE E 79 -34.79 10.15 -4.07
CA PHE E 79 -36.01 10.57 -3.37
C PHE E 79 -36.69 11.57 -4.26
N ILE E 80 -36.05 12.73 -4.36
CA ILE E 80 -36.50 13.86 -5.17
C ILE E 80 -37.28 13.43 -6.41
N LEU E 81 -36.58 12.79 -7.35
CA LEU E 81 -37.21 12.33 -8.59
C LEU E 81 -38.61 11.74 -8.35
N ASP E 82 -38.72 10.89 -7.33
CA ASP E 82 -39.99 10.27 -6.99
C ASP E 82 -40.81 11.17 -6.10
N GLU E 83 -40.96 12.43 -6.52
CA GLU E 83 -41.72 13.42 -5.78
C GLU E 83 -42.05 14.57 -6.72
N ILE E 84 -41.52 14.49 -7.95
CA ILE E 84 -41.74 15.56 -8.91
C ILE E 84 -42.08 15.10 -10.32
N GLY E 85 -41.71 13.87 -10.65
CA GLY E 85 -42.00 13.37 -11.99
C GLY E 85 -43.44 13.64 -12.41
N ALA E 86 -44.32 13.68 -11.43
CA ALA E 86 -45.74 13.93 -11.64
C ALA E 86 -45.97 15.40 -11.92
N ASP E 87 -45.05 16.22 -11.40
CA ASP E 87 -45.11 17.66 -11.55
C ASP E 87 -44.35 18.13 -12.79
N ILE E 88 -43.47 17.25 -13.27
CA ILE E 88 -42.69 17.53 -14.48
C ILE E 88 -43.71 17.79 -15.58
N GLU E 89 -43.37 18.61 -16.57
CA GLU E 89 -44.33 18.86 -17.63
C GLU E 89 -43.87 19.55 -18.91
N ASP E 90 -43.21 18.78 -19.76
CA ASP E 90 -42.73 19.22 -21.06
C ASP E 90 -41.89 20.49 -21.02
N ARG E 91 -42.50 21.60 -20.61
CA ARG E 91 -41.80 22.87 -20.55
C ARG E 91 -40.58 22.82 -19.63
N HIS E 92 -40.70 22.12 -18.51
CA HIS E 92 -39.61 22.02 -17.54
C HIS E 92 -38.29 21.49 -18.10
N ILE E 93 -37.20 22.13 -17.67
CA ILE E 93 -35.83 21.77 -18.04
C ILE E 93 -35.11 21.54 -16.72
N VAL E 94 -34.78 20.29 -16.43
CA VAL E 94 -34.11 19.99 -15.18
C VAL E 94 -32.60 20.02 -15.25
N VAL E 95 -32.02 20.97 -14.52
CA VAL E 95 -30.57 21.10 -14.46
C VAL E 95 -30.12 20.44 -13.17
N SER E 96 -29.51 19.28 -13.35
CA SER E 96 -29.03 18.50 -12.24
C SER E 96 -27.52 18.60 -12.14
N CYS E 97 -27.04 19.30 -11.13
CA CYS E 97 -25.61 19.43 -10.92
C CYS E 97 -25.28 18.84 -9.56
N ALA E 98 -25.23 17.52 -9.52
CA ALA E 98 -24.89 16.80 -8.31
C ALA E 98 -23.68 15.94 -8.61
N ALA E 99 -23.07 15.41 -7.55
CA ALA E 99 -21.90 14.57 -7.70
C ALA E 99 -22.24 13.14 -8.12
N GLY E 100 -21.62 12.71 -9.22
CA GLY E 100 -21.83 11.35 -9.70
C GLY E 100 -23.12 11.08 -10.45
N VAL E 101 -24.24 11.47 -9.84
CA VAL E 101 -25.56 11.28 -10.41
C VAL E 101 -25.61 11.33 -11.94
N THR E 102 -25.77 10.16 -12.55
CA THR E 102 -25.83 10.02 -14.00
C THR E 102 -27.04 10.68 -14.64
N ILE E 103 -26.95 10.87 -15.95
CA ILE E 103 -28.05 11.46 -16.69
C ILE E 103 -29.16 10.42 -16.65
N SER E 104 -28.83 9.19 -17.03
CA SER E 104 -29.80 8.10 -17.07
C SER E 104 -30.42 7.86 -15.71
N SER E 105 -29.61 7.93 -14.67
CA SER E 105 -30.11 7.72 -13.31
C SER E 105 -31.32 8.61 -13.06
N ILE E 106 -31.53 9.57 -13.96
CA ILE E 106 -32.64 10.49 -13.88
C ILE E 106 -33.56 10.31 -15.08
N GLU E 107 -32.97 10.22 -16.27
CA GLU E 107 -33.76 10.03 -17.48
C GLU E 107 -34.73 8.87 -17.26
N LYS E 108 -34.34 7.93 -16.40
CA LYS E 108 -35.18 6.78 -16.09
C LYS E 108 -36.29 7.15 -15.12
N LYS E 109 -35.91 7.53 -13.90
CA LYS E 109 -36.89 7.91 -12.91
C LYS E 109 -37.83 9.02 -13.37
N LEU E 110 -37.57 9.63 -14.51
CA LEU E 110 -38.44 10.71 -14.97
C LEU E 110 -39.31 10.28 -16.13
N SER E 111 -38.79 9.37 -16.96
CA SER E 111 -39.57 8.89 -18.08
C SER E 111 -40.62 8.00 -17.46
N ALA E 112 -40.49 7.77 -16.15
CA ALA E 112 -41.43 6.96 -15.38
C ALA E 112 -42.71 7.78 -15.15
N PHE E 113 -42.72 8.98 -15.73
CA PHE E 113 -43.85 9.91 -15.68
C PHE E 113 -43.90 10.43 -17.10
N ARG E 114 -43.64 11.72 -17.28
CA ARG E 114 -43.64 12.29 -18.62
C ARG E 114 -42.75 11.39 -19.50
N PRO E 115 -43.19 11.11 -20.73
CA PRO E 115 -42.47 10.27 -21.69
C PRO E 115 -40.98 10.62 -21.85
N ALA E 116 -40.73 11.80 -22.41
CA ALA E 116 -39.38 12.29 -22.67
C ALA E 116 -39.04 13.57 -21.92
N PRO E 117 -38.46 13.44 -20.72
CA PRO E 117 -38.07 14.59 -19.89
C PRO E 117 -36.71 15.15 -20.33
N ARG E 118 -36.60 16.47 -20.35
CA ARG E 118 -35.36 17.11 -20.76
C ARG E 118 -34.44 17.36 -19.58
N VAL E 119 -33.39 16.54 -19.47
CA VAL E 119 -32.45 16.65 -18.36
C VAL E 119 -31.05 17.05 -18.78
N ILE E 120 -30.48 18.02 -18.07
CA ILE E 120 -29.13 18.48 -18.35
C ILE E 120 -28.26 18.30 -17.12
N ARG E 121 -27.19 17.52 -17.24
CA ARG E 121 -26.30 17.31 -16.12
C ARG E 121 -25.27 18.43 -16.09
N CYS E 122 -24.79 18.75 -14.91
CA CYS E 122 -23.84 19.83 -14.82
C CYS E 122 -22.93 19.79 -13.60
N MET E 123 -21.91 20.65 -13.66
CA MET E 123 -20.91 20.78 -12.61
C MET E 123 -20.50 22.24 -12.53
N THR E 124 -20.42 22.77 -11.31
CA THR E 124 -20.01 24.16 -11.12
C THR E 124 -19.31 24.30 -9.78
N ASN E 125 -18.81 25.50 -9.52
CA ASN E 125 -18.09 25.75 -8.27
C ASN E 125 -18.69 26.90 -7.51
N THR E 126 -18.22 27.07 -6.27
CA THR E 126 -18.70 28.12 -5.40
C THR E 126 -18.48 29.53 -5.93
N PRO E 127 -17.26 29.85 -6.39
CA PRO E 127 -16.98 31.19 -6.91
C PRO E 127 -17.99 31.68 -7.95
N VAL E 128 -18.99 30.86 -8.23
CA VAL E 128 -20.02 31.27 -9.15
C VAL E 128 -20.77 32.38 -8.39
N VAL E 129 -20.40 32.55 -7.13
CA VAL E 129 -20.99 33.57 -6.26
C VAL E 129 -20.49 34.94 -6.69
N VAL E 130 -19.39 34.94 -7.44
CA VAL E 130 -18.78 36.17 -7.91
C VAL E 130 -18.48 36.04 -9.40
N ARG E 131 -19.44 35.53 -10.15
CA ARG E 131 -19.28 35.33 -11.59
C ARG E 131 -18.32 34.16 -11.79
N GLU E 132 -17.02 34.47 -11.77
CA GLU E 132 -15.96 33.50 -11.94
C GLU E 132 -16.36 32.11 -11.42
N GLY E 133 -16.84 31.28 -12.32
CA GLY E 133 -17.24 29.94 -11.95
C GLY E 133 -16.97 29.08 -13.15
N ALA E 134 -16.50 27.86 -12.93
CA ALA E 134 -16.23 26.95 -14.01
C ALA E 134 -17.42 26.01 -14.04
N THR E 135 -18.20 26.10 -15.11
CA THR E 135 -19.37 25.25 -15.22
C THR E 135 -19.37 24.48 -16.54
N VAL E 136 -19.58 23.18 -16.42
CA VAL E 136 -19.62 22.30 -17.57
C VAL E 136 -20.96 21.57 -17.53
N TYR E 137 -21.52 21.22 -18.68
CA TYR E 137 -22.81 20.54 -18.68
C TYR E 137 -23.02 19.57 -19.82
N ALA E 138 -23.54 18.41 -19.48
CA ALA E 138 -23.83 17.39 -20.46
C ALA E 138 -25.33 17.49 -20.75
N THR E 139 -25.68 17.60 -22.03
CA THR E 139 -27.06 17.72 -22.44
C THR E 139 -27.75 16.34 -22.43
N GLY E 140 -29.00 16.30 -21.96
CA GLY E 140 -29.74 15.04 -21.90
C GLY E 140 -30.13 14.43 -23.24
N THR E 141 -30.91 13.35 -23.17
CA THR E 141 -31.37 12.65 -24.36
C THR E 141 -32.43 13.45 -25.07
N HIS E 142 -33.41 13.89 -24.28
CA HIS E 142 -34.53 14.67 -24.78
C HIS E 142 -34.16 16.14 -24.82
N ALA E 143 -33.17 16.49 -24.02
CA ALA E 143 -32.70 17.88 -23.97
C ALA E 143 -32.50 18.40 -25.40
N GLN E 144 -33.36 19.33 -25.82
CA GLN E 144 -33.25 19.88 -27.17
C GLN E 144 -32.02 20.73 -27.42
N VAL E 145 -31.61 20.77 -28.69
CA VAL E 145 -30.44 21.54 -29.09
C VAL E 145 -30.65 23.01 -28.79
N GLU E 146 -31.87 23.34 -28.37
CA GLU E 146 -32.21 24.72 -28.05
C GLU E 146 -32.05 25.01 -26.57
N ASP E 147 -32.23 23.96 -25.78
CA ASP E 147 -32.12 24.09 -24.34
C ASP E 147 -30.65 24.33 -24.02
N GLY E 148 -29.77 23.72 -24.80
CA GLY E 148 -28.35 23.92 -24.58
C GLY E 148 -28.06 25.40 -24.54
N ARG E 149 -28.33 26.09 -25.65
CA ARG E 149 -28.11 27.52 -25.73
C ARG E 149 -28.62 28.26 -24.50
N LEU E 150 -29.76 27.84 -23.96
CA LEU E 150 -30.29 28.51 -22.79
C LEU E 150 -29.48 28.16 -21.54
N MET E 151 -29.31 26.87 -21.29
CA MET E 151 -28.53 26.42 -20.15
C MET E 151 -27.25 27.24 -20.13
N GLU E 152 -26.51 27.17 -21.23
CA GLU E 152 -25.26 27.89 -21.37
C GLU E 152 -25.46 29.38 -21.13
N GLN E 153 -26.08 30.08 -22.08
CA GLN E 153 -26.31 31.51 -21.94
C GLN E 153 -26.56 31.87 -20.49
N LEU E 154 -27.23 30.97 -19.79
CA LEU E 154 -27.57 31.18 -18.38
C LEU E 154 -26.37 31.23 -17.43
N LEU E 155 -25.67 30.12 -17.27
CA LEU E 155 -24.54 30.10 -16.36
C LEU E 155 -23.29 30.77 -16.93
N SER E 156 -23.24 30.88 -18.25
CA SER E 156 -22.12 31.56 -18.89
C SER E 156 -22.12 32.94 -18.24
N SER E 157 -23.32 33.42 -17.96
CA SER E 157 -23.53 34.72 -17.32
C SER E 157 -22.83 34.81 -15.99
N VAL E 158 -22.42 33.68 -15.46
CA VAL E 158 -21.76 33.67 -14.18
C VAL E 158 -20.61 32.69 -14.18
N GLY E 159 -19.49 33.11 -14.74
CA GLY E 159 -18.32 32.24 -14.79
C GLY E 159 -18.16 31.65 -16.17
N PHE E 160 -17.14 30.81 -16.32
CA PHE E 160 -16.87 30.14 -17.59
C PHE E 160 -17.84 29.00 -17.72
N CYS E 161 -18.31 28.80 -18.95
CA CYS E 161 -19.28 27.75 -19.20
C CYS E 161 -19.11 27.10 -20.58
N THR E 162 -19.24 25.78 -20.63
CA THR E 162 -19.14 25.01 -21.87
C THR E 162 -19.63 23.57 -21.66
N GLU E 163 -20.21 22.98 -22.70
CA GLU E 163 -20.71 21.62 -22.60
C GLU E 163 -19.63 20.60 -22.88
N VAL E 164 -19.79 19.41 -22.32
CA VAL E 164 -18.82 18.34 -22.48
C VAL E 164 -19.48 16.96 -22.52
N GLU E 165 -18.81 16.01 -23.16
CA GLU E 165 -19.32 14.65 -23.23
C GLU E 165 -19.41 14.24 -21.75
N GLU E 166 -20.60 13.89 -21.30
CA GLU E 166 -20.80 13.52 -19.90
C GLU E 166 -19.75 12.62 -19.26
N ASP E 167 -19.07 11.81 -20.06
CA ASP E 167 -18.07 10.92 -19.51
C ASP E 167 -16.82 11.63 -18.95
N LEU E 168 -16.81 12.96 -19.00
CA LEU E 168 -15.67 13.73 -18.48
C LEU E 168 -16.02 14.48 -17.18
N ILE E 169 -17.32 14.69 -16.96
CA ILE E 169 -17.82 15.41 -15.79
C ILE E 169 -17.24 14.97 -14.44
N ASP E 170 -17.09 13.66 -14.24
CA ASP E 170 -16.54 13.18 -12.99
C ASP E 170 -15.19 13.83 -12.77
N ALA E 171 -14.41 13.94 -13.84
CA ALA E 171 -13.09 14.56 -13.76
C ALA E 171 -13.23 16.04 -13.49
N VAL E 172 -14.02 16.71 -14.32
CA VAL E 172 -14.21 18.13 -14.17
C VAL E 172 -14.68 18.51 -12.77
N THR E 173 -14.70 17.53 -11.90
CA THR E 173 -15.11 17.75 -10.52
C THR E 173 -13.84 17.69 -9.68
N GLY E 174 -12.98 16.73 -10.01
CA GLY E 174 -11.73 16.54 -9.31
C GLY E 174 -10.87 17.77 -9.50
N LEU E 175 -11.17 18.51 -10.56
CA LEU E 175 -10.42 19.70 -10.87
C LEU E 175 -11.13 20.95 -10.37
N SER E 176 -11.87 21.59 -11.27
CA SER E 176 -12.61 22.80 -10.98
C SER E 176 -13.73 22.54 -10.00
N GLY E 177 -14.08 21.28 -9.80
CA GLY E 177 -15.15 20.98 -8.86
C GLY E 177 -14.70 21.34 -7.45
N SER E 178 -13.78 20.54 -6.93
CA SER E 178 -13.25 20.74 -5.60
C SER E 178 -11.99 21.63 -5.68
N GLY E 179 -11.81 22.23 -6.86
CA GLY E 179 -10.65 23.08 -7.10
C GLY E 179 -10.50 24.20 -6.09
N PRO E 180 -11.49 25.10 -5.99
CA PRO E 180 -11.43 26.20 -5.05
C PRO E 180 -10.87 25.77 -3.70
N ALA E 181 -11.47 24.74 -3.12
CA ALA E 181 -11.02 24.24 -1.84
C ALA E 181 -9.49 24.19 -1.89
N TYR E 182 -8.97 23.68 -3.00
CA TYR E 182 -7.53 23.57 -3.22
C TYR E 182 -6.93 24.95 -3.02
N ALA E 183 -7.28 25.89 -3.90
CA ALA E 183 -6.78 27.25 -3.80
C ALA E 183 -6.82 27.73 -2.37
N PHE E 184 -8.03 27.79 -1.81
CA PHE E 184 -8.19 28.24 -0.43
C PHE E 184 -7.08 27.72 0.46
N THR E 185 -7.00 26.40 0.61
CA THR E 185 -5.97 25.85 1.45
C THR E 185 -4.60 26.40 1.12
N ALA E 186 -4.35 26.73 -0.14
CA ALA E 186 -3.06 27.27 -0.56
C ALA E 186 -2.88 28.66 0.01
N LEU E 187 -3.72 29.58 -0.46
CA LEU E 187 -3.68 30.96 0.01
C LEU E 187 -3.44 31.04 1.50
N ASP E 188 -4.23 30.30 2.24
CA ASP E 188 -4.08 30.27 3.68
C ASP E 188 -2.62 29.93 3.98
N ALA E 189 -2.11 28.85 3.39
CA ALA E 189 -0.72 28.45 3.60
C ALA E 189 0.21 29.61 3.29
N LEU E 190 0.06 30.21 2.11
CA LEU E 190 0.90 31.33 1.75
C LEU E 190 0.87 32.45 2.78
N ALA E 191 -0.31 32.81 3.25
CA ALA E 191 -0.45 33.86 4.26
C ALA E 191 0.54 33.60 5.39
N ASP E 192 0.57 32.35 5.86
CA ASP E 192 1.48 31.95 6.91
C ASP E 192 2.89 32.31 6.48
N GLY E 193 3.28 31.85 5.30
CA GLY E 193 4.61 32.16 4.80
C GLY E 193 4.86 33.65 4.98
N GLY E 194 4.04 34.46 4.31
CA GLY E 194 4.17 35.92 4.39
C GLY E 194 4.24 36.43 5.81
N VAL E 195 3.53 35.78 6.71
CA VAL E 195 3.55 36.19 8.09
C VAL E 195 4.86 35.76 8.72
N LYS E 196 5.32 34.54 8.48
CA LYS E 196 6.58 34.12 9.07
C LYS E 196 7.66 35.16 8.70
N MET E 197 7.60 35.66 7.47
CA MET E 197 8.54 36.64 7.00
C MET E 197 8.22 37.99 7.60
N GLY E 198 7.23 37.99 8.49
CA GLY E 198 6.85 39.19 9.21
C GLY E 198 5.80 40.13 8.67
N LEU E 199 5.00 39.69 7.71
CA LEU E 199 3.98 40.58 7.19
C LEU E 199 2.74 40.56 8.06
N PRO E 200 2.00 41.67 8.09
CA PRO E 200 0.79 41.69 8.91
C PRO E 200 -0.17 40.71 8.24
N ARG E 201 -0.93 39.98 9.05
CA ARG E 201 -1.86 38.98 8.53
C ARG E 201 -2.68 39.41 7.33
N ARG E 202 -3.66 40.27 7.56
CA ARG E 202 -4.51 40.73 6.48
C ARG E 202 -3.68 41.00 5.24
N LEU E 203 -2.88 42.06 5.23
CA LEU E 203 -2.05 42.34 4.05
C LEU E 203 -1.57 41.11 3.27
N ALA E 204 -0.93 40.18 3.96
CA ALA E 204 -0.41 38.95 3.35
C ALA E 204 -1.52 38.13 2.69
N VAL E 205 -2.40 37.58 3.53
CA VAL E 205 -3.55 36.78 3.10
C VAL E 205 -4.11 37.37 1.82
N ARG E 206 -4.00 38.67 1.77
CA ARG E 206 -4.52 39.48 0.70
C ARG E 206 -3.67 39.68 -0.57
N LEU E 207 -2.37 39.47 -0.45
CA LEU E 207 -1.50 39.63 -1.59
C LEU E 207 -1.42 38.31 -2.35
N GLY E 208 -1.37 37.20 -1.61
CA GLY E 208 -1.31 35.90 -2.25
C GLY E 208 -2.50 35.76 -3.16
N ALA E 209 -3.67 36.04 -2.59
CA ALA E 209 -4.91 35.98 -3.34
C ALA E 209 -4.74 36.74 -4.63
N GLN E 210 -4.39 38.02 -4.49
CA GLN E 210 -4.19 38.90 -5.63
C GLN E 210 -3.25 38.27 -6.64
N ALA E 211 -2.30 37.48 -6.15
CA ALA E 211 -1.37 36.84 -7.04
C ALA E 211 -2.07 35.74 -7.84
N LEU E 212 -2.55 34.69 -7.17
CA LEU E 212 -3.26 33.62 -7.87
C LEU E 212 -4.29 34.22 -8.82
N LEU E 213 -5.06 35.17 -8.30
CA LEU E 213 -6.07 35.85 -9.09
C LEU E 213 -5.43 36.36 -10.38
N GLY E 214 -4.26 37.00 -10.24
CA GLY E 214 -3.56 37.54 -11.38
C GLY E 214 -2.96 36.51 -12.31
N ALA E 215 -2.08 35.66 -11.78
CA ALA E 215 -1.44 34.64 -12.61
C ALA E 215 -2.45 33.94 -13.50
N ALA E 216 -3.55 33.49 -12.89
CA ALA E 216 -4.62 32.79 -13.59
C ALA E 216 -5.17 33.59 -14.76
N LYS E 217 -5.72 34.77 -14.47
CA LYS E 217 -6.28 35.63 -15.51
C LYS E 217 -5.23 35.74 -16.60
N MET E 218 -3.99 35.85 -16.14
CA MET E 218 -2.88 35.96 -17.05
C MET E 218 -2.81 34.72 -17.93
N LEU E 219 -2.65 33.55 -17.32
CA LEU E 219 -2.53 32.32 -18.09
C LEU E 219 -3.66 32.17 -19.10
N LEU E 220 -4.88 32.42 -18.66
CA LEU E 220 -6.04 32.30 -19.55
C LEU E 220 -5.86 33.16 -20.79
N HIS E 221 -5.68 34.45 -20.55
CA HIS E 221 -5.51 35.44 -21.60
C HIS E 221 -4.25 35.32 -22.47
N SER E 222 -3.20 34.71 -21.93
CA SER E 222 -1.94 34.58 -22.65
C SER E 222 -1.77 33.29 -23.42
N GLU E 223 -2.32 32.22 -22.88
CA GLU E 223 -2.18 30.92 -23.49
C GLU E 223 -0.74 30.52 -23.19
N GLN E 224 0.18 30.93 -24.03
CA GLN E 224 1.58 30.62 -23.80
C GLN E 224 1.75 29.17 -23.40
N HIS E 225 1.61 28.93 -22.10
CA HIS E 225 1.71 27.63 -21.50
C HIS E 225 2.20 27.89 -20.08
N PRO E 226 1.57 27.24 -19.08
CA PRO E 226 1.98 27.44 -17.69
C PRO E 226 3.48 27.55 -17.56
N GLY E 227 4.17 26.56 -18.12
CA GLY E 227 5.63 26.53 -18.07
C GLY E 227 6.26 27.69 -18.79
N GLN E 228 5.78 28.00 -19.98
CA GLN E 228 6.32 29.11 -20.76
C GLN E 228 6.27 30.42 -19.97
N LEU E 229 5.50 30.44 -18.89
CA LEU E 229 5.37 31.64 -18.10
C LEU E 229 6.30 31.64 -16.89
N LYS E 230 6.23 30.61 -16.05
CA LYS E 230 7.09 30.51 -14.86
C LYS E 230 8.55 30.78 -15.21
N ASP E 231 8.84 30.74 -16.51
CA ASP E 231 10.17 31.02 -17.01
C ASP E 231 10.34 32.53 -16.97
N ASN E 232 9.51 33.19 -17.75
CA ASN E 232 9.52 34.63 -17.82
C ASN E 232 9.33 35.29 -16.46
N VAL E 233 9.05 34.51 -15.41
CA VAL E 233 8.80 35.12 -14.11
C VAL E 233 9.95 35.00 -13.14
N SER E 234 10.75 33.95 -13.26
CA SER E 234 11.87 33.81 -12.36
C SER E 234 13.09 34.37 -13.06
N SER E 235 13.99 34.94 -12.27
CA SER E 235 15.23 35.52 -12.78
C SER E 235 16.39 34.61 -12.42
N PRO E 236 17.32 34.39 -13.38
CA PRO E 236 18.51 33.53 -13.23
C PRO E 236 19.09 33.64 -11.84
N GLY E 237 19.20 34.87 -11.36
CA GLY E 237 19.71 35.10 -10.03
C GLY E 237 19.03 34.15 -9.07
N GLY E 238 17.84 34.50 -8.61
CA GLY E 238 17.15 33.62 -7.70
C GLY E 238 15.85 34.12 -7.09
N ALA E 239 15.69 33.80 -5.80
CA ALA E 239 14.48 34.16 -5.07
C ALA E 239 13.39 33.26 -5.66
N THR E 240 12.81 33.64 -6.80
CA THR E 240 11.78 32.79 -7.39
C THR E 240 12.29 31.39 -7.69
N ILE E 241 13.36 31.31 -8.48
CA ILE E 241 13.93 30.03 -8.86
C ILE E 241 14.31 29.23 -7.60
N HIS E 242 14.72 29.92 -6.56
CA HIS E 242 15.08 29.26 -5.31
C HIS E 242 13.81 28.80 -4.66
N ALA E 243 12.81 29.66 -4.72
CA ALA E 243 11.51 29.33 -4.17
C ALA E 243 11.08 28.06 -4.92
N LEU E 244 10.84 28.18 -6.23
CA LEU E 244 10.46 27.01 -7.03
C LEU E 244 11.24 25.80 -6.57
N HIS E 245 12.55 25.88 -6.66
CA HIS E 245 13.38 24.75 -6.28
C HIS E 245 12.85 24.00 -5.05
N VAL E 246 12.47 24.73 -4.01
CA VAL E 246 11.98 24.04 -2.83
C VAL E 246 10.64 23.34 -3.09
N LEU E 247 9.72 23.98 -3.82
CA LEU E 247 8.44 23.34 -4.09
C LEU E 247 8.77 21.98 -4.66
N GLU E 248 9.44 21.99 -5.81
CA GLU E 248 9.84 20.77 -6.46
C GLU E 248 10.45 19.81 -5.45
N SER E 249 11.39 20.33 -4.67
CA SER E 249 12.09 19.53 -3.67
C SER E 249 11.12 18.71 -2.83
N GLY E 250 9.89 19.23 -2.69
CA GLY E 250 8.88 18.54 -1.89
C GLY E 250 7.76 17.87 -2.66
N GLY E 251 7.96 17.64 -3.95
CA GLY E 251 6.94 16.98 -4.74
C GLY E 251 5.64 17.76 -4.84
N PHE E 252 5.75 19.07 -4.73
CA PHE E 252 4.60 19.98 -4.81
C PHE E 252 3.68 19.59 -5.96
N ARG E 253 4.14 19.69 -7.21
CA ARG E 253 3.28 19.35 -8.35
C ARG E 253 2.56 18.02 -8.16
N SER E 254 3.29 17.01 -7.71
CA SER E 254 2.69 15.70 -7.46
C SER E 254 1.45 15.82 -6.59
N LEU E 255 1.59 16.44 -5.42
CA LEU E 255 0.47 16.63 -4.50
C LEU E 255 -0.82 17.06 -5.15
N LEU E 256 -0.73 18.10 -5.96
CA LEU E 256 -1.90 18.61 -6.62
C LEU E 256 -2.52 17.51 -7.43
N ILE E 257 -1.69 16.71 -8.07
CA ILE E 257 -2.21 15.60 -8.87
C ILE E 257 -3.09 14.75 -7.98
N ASN E 258 -2.46 14.15 -6.98
CA ASN E 258 -3.14 13.28 -6.05
C ASN E 258 -4.48 13.84 -5.68
N ALA E 259 -4.55 15.15 -5.50
CA ALA E 259 -5.79 15.79 -5.14
C ALA E 259 -6.83 15.50 -6.24
N VAL E 260 -6.68 16.15 -7.39
CA VAL E 260 -7.57 15.95 -8.53
C VAL E 260 -8.02 14.50 -8.67
N GLU E 261 -7.05 13.60 -8.65
CA GLU E 261 -7.32 12.17 -8.75
C GLU E 261 -8.31 11.78 -7.65
N ALA E 262 -7.81 11.80 -6.41
CA ALA E 262 -8.61 11.46 -5.23
C ALA E 262 -10.02 12.03 -5.29
N SER E 263 -10.13 13.29 -5.68
CA SER E 263 -11.43 13.92 -5.80
C SER E 263 -12.23 13.07 -6.76
N CYS E 264 -11.71 12.98 -7.98
CA CYS E 264 -12.30 12.22 -9.07
C CYS E 264 -12.74 10.80 -8.69
N ILE E 265 -11.79 10.01 -8.22
CA ILE E 265 -12.09 8.66 -7.79
C ILE E 265 -13.32 8.71 -6.91
N ARG E 266 -13.18 9.37 -5.77
CA ARG E 266 -14.27 9.49 -4.82
C ARG E 266 -15.57 9.91 -5.45
N THR E 267 -15.55 10.81 -6.41
CA THR E 267 -16.79 11.20 -7.04
C THR E 267 -17.35 9.95 -7.71
N ARG E 268 -16.47 9.10 -8.19
CA ARG E 268 -16.89 7.87 -8.84
C ARG E 268 -17.34 6.80 -7.86
N GLU E 269 -16.61 6.66 -6.75
CA GLU E 269 -16.97 5.65 -5.77
C GLU E 269 -18.37 5.90 -5.21
N LEU E 270 -18.93 7.07 -5.48
CA LEU E 270 -20.26 7.37 -4.96
C LEU E 270 -21.36 6.86 -5.88
N GLN E 271 -21.39 7.31 -7.12
CA GLN E 271 -22.40 6.86 -8.06
C GLN E 271 -22.32 5.35 -8.21
N SER E 272 -21.16 4.79 -7.88
CA SER E 272 -20.94 3.35 -7.96
C SER E 272 -21.53 2.70 -6.71
N MET E 273 -22.57 3.32 -6.18
CA MET E 273 -23.28 2.85 -5.00
C MET E 273 -24.70 3.38 -5.13
N ALA E 274 -24.80 4.60 -5.64
CA ALA E 274 -26.09 5.25 -5.86
C ALA E 274 -26.79 4.47 -6.96
N ASP E 275 -26.08 3.49 -7.49
CA ASP E 275 -26.61 2.64 -8.56
C ASP E 275 -26.68 1.19 -8.09
N GLN E 276 -27.28 0.99 -6.91
CA GLN E 276 -27.44 -0.33 -6.33
C GLN E 276 -28.17 -0.27 -5.00
N GLU E 277 -27.49 0.26 -3.99
CA GLU E 277 -28.02 0.40 -2.65
C GLU E 277 -28.22 1.87 -2.29
#